data_1K1Z
# 
_entry.id   1K1Z 
# 
_audit_conform.dict_name       mmcif_pdbx.dic 
_audit_conform.dict_version    5.392 
_audit_conform.dict_location   http://mmcif.pdb.org/dictionaries/ascii/mmcif_pdbx.dic 
# 
loop_
_database_2.database_id 
_database_2.database_code 
_database_2.pdbx_database_accession 
_database_2.pdbx_DOI 
PDB   1K1Z         pdb_00001k1z 10.2210/pdb1k1z/pdb 
RCSB  RCSB014459   ?            ?                   
WWPDB D_1000014459 ?            ?                   
# 
loop_
_pdbx_audit_revision_history.ordinal 
_pdbx_audit_revision_history.data_content_type 
_pdbx_audit_revision_history.major_revision 
_pdbx_audit_revision_history.minor_revision 
_pdbx_audit_revision_history.revision_date 
1 'Structure model' 1 0 2001-10-10 
2 'Structure model' 1 1 2008-04-27 
3 'Structure model' 1 2 2011-07-13 
4 'Structure model' 1 3 2021-11-10 
5 'Structure model' 1 4 2024-05-29 
# 
_pdbx_audit_revision_details.ordinal             1 
_pdbx_audit_revision_details.revision_ordinal    1 
_pdbx_audit_revision_details.data_content_type   'Structure model' 
_pdbx_audit_revision_details.provider            repository 
_pdbx_audit_revision_details.type                'Initial release' 
_pdbx_audit_revision_details.description         ? 
_pdbx_audit_revision_details.details             ? 
# 
loop_
_pdbx_audit_revision_group.ordinal 
_pdbx_audit_revision_group.revision_ordinal 
_pdbx_audit_revision_group.data_content_type 
_pdbx_audit_revision_group.group 
1 2 'Structure model' 'Version format compliance' 
2 3 'Structure model' 'Version format compliance' 
3 4 'Structure model' 'Database references'       
4 4 'Structure model' 'Derived calculations'      
5 5 'Structure model' 'Data collection'           
# 
loop_
_pdbx_audit_revision_category.ordinal 
_pdbx_audit_revision_category.revision_ordinal 
_pdbx_audit_revision_category.data_content_type 
_pdbx_audit_revision_category.category 
1 4 'Structure model' database_2            
2 4 'Structure model' pdbx_struct_assembly  
3 4 'Structure model' pdbx_struct_oper_list 
4 4 'Structure model' struct_ref_seq_dif    
5 5 'Structure model' chem_comp_atom        
6 5 'Structure model' chem_comp_bond        
# 
loop_
_pdbx_audit_revision_item.ordinal 
_pdbx_audit_revision_item.revision_ordinal 
_pdbx_audit_revision_item.data_content_type 
_pdbx_audit_revision_item.item 
1 4 'Structure model' '_database_2.pdbx_DOI'                
2 4 'Structure model' '_database_2.pdbx_database_accession' 
3 4 'Structure model' '_struct_ref_seq_dif.details'         
# 
_pdbx_database_status.status_code                     REL 
_pdbx_database_status.entry_id                        1K1Z 
_pdbx_database_status.recvd_initial_deposition_date   2001-09-26 
_pdbx_database_status.deposit_site                    RCSB 
_pdbx_database_status.process_site                    PDBJ 
_pdbx_database_status.status_code_mr                  REL 
_pdbx_database_status.SG_entry                        . 
_pdbx_database_status.pdb_format_compatible           Y 
_pdbx_database_status.status_code_sf                  ? 
_pdbx_database_status.status_code_cs                  ? 
_pdbx_database_status.status_code_nmr_data            ? 
_pdbx_database_status.methods_development_category    ? 
# 
loop_
_audit_author.name 
_audit_author.pdbx_ordinal 
'Ogura, K.'    1 
'Nagata, K.'   2 
'Horiuchi, M.' 3 
'Ebisui, E.'   4 
'Hasuda, T.'   5 
'Yuzawa, S.'   6 
'Nishida, M.'  7 
'Hatanaka, H.' 8 
'Inagaki, F.'  9 
# 
_citation.id                        primary 
_citation.title                     
'Solution structure of N-terminal SH3 domain of Vav and the recognition site for Grb2 C-terminal SH3 domain' 
_citation.journal_abbrev            J.BIOMOL.NMR 
_citation.journal_volume            22 
_citation.page_first                37 
_citation.page_last                 46 
_citation.year                      2002 
_citation.journal_id_ASTM           JBNME9 
_citation.country                   NE 
_citation.journal_id_ISSN           0925-2738 
_citation.journal_id_CSD            0800 
_citation.book_publisher            ? 
_citation.pdbx_database_id_PubMed   11885979 
_citation.pdbx_database_id_DOI      10.1023/A:1013868731495 
# 
loop_
_citation_author.citation_id 
_citation_author.name 
_citation_author.ordinal 
_citation_author.identifier_ORCID 
primary 'Ogura, K.'    1 ? 
primary 'Nagata, K.'   2 ? 
primary 'Horiuchi, M.' 3 ? 
primary 'Ebisui, E.'   4 ? 
primary 'Hasuda, T.'   5 ? 
primary 'Yuzawa, S.'   6 ? 
primary 'Nishida, M.'  7 ? 
primary 'Hatanaka, H.' 8 ? 
primary 'Inagaki, F.'  9 ? 
# 
_entity.id                         1 
_entity.type                       polymer 
_entity.src_method                 man 
_entity.pdbx_description           vav 
_entity.formula_weight             8990.082 
_entity.pdbx_number_of_molecules   1 
_entity.pdbx_ec                    ? 
_entity.pdbx_mutation              P33G 
_entity.pdbx_fragment              'N-terminal SH3 domain' 
_entity.details                    ? 
# 
_entity_name_com.entity_id   1 
_entity_name_com.name        'VAV proto-oncogene' 
# 
_entity_poly.entity_id                      1 
_entity_poly.type                           'polypeptide(L)' 
_entity_poly.nstd_linkage                   no 
_entity_poly.nstd_monomer                   no 
_entity_poly.pdbx_seq_one_letter_code       RAQDKKRNELGLPKMEVFQEYYGIPPPPGAFGGFLRLNPGDIVELTKAEAEHNWWEGRNTATNEVGWFPCNRVHPYVH 
_entity_poly.pdbx_seq_one_letter_code_can   RAQDKKRNELGLPKMEVFQEYYGIPPPPGAFGGFLRLNPGDIVELTKAEAEHNWWEGRNTATNEVGWFPCNRVHPYVH 
_entity_poly.pdbx_strand_id                 A 
_entity_poly.pdbx_target_identifier         ? 
# 
loop_
_entity_poly_seq.entity_id 
_entity_poly_seq.num 
_entity_poly_seq.mon_id 
_entity_poly_seq.hetero 
1 1  ARG n 
1 2  ALA n 
1 3  GLN n 
1 4  ASP n 
1 5  LYS n 
1 6  LYS n 
1 7  ARG n 
1 8  ASN n 
1 9  GLU n 
1 10 LEU n 
1 11 GLY n 
1 12 LEU n 
1 13 PRO n 
1 14 LYS n 
1 15 MET n 
1 16 GLU n 
1 17 VAL n 
1 18 PHE n 
1 19 GLN n 
1 20 GLU n 
1 21 TYR n 
1 22 TYR n 
1 23 GLY n 
1 24 ILE n 
1 25 PRO n 
1 26 PRO n 
1 27 PRO n 
1 28 PRO n 
1 29 GLY n 
1 30 ALA n 
1 31 PHE n 
1 32 GLY n 
1 33 GLY n 
1 34 PHE n 
1 35 LEU n 
1 36 ARG n 
1 37 LEU n 
1 38 ASN n 
1 39 PRO n 
1 40 GLY n 
1 41 ASP n 
1 42 ILE n 
1 43 VAL n 
1 44 GLU n 
1 45 LEU n 
1 46 THR n 
1 47 LYS n 
1 48 ALA n 
1 49 GLU n 
1 50 ALA n 
1 51 GLU n 
1 52 HIS n 
1 53 ASN n 
1 54 TRP n 
1 55 TRP n 
1 56 GLU n 
1 57 GLY n 
1 58 ARG n 
1 59 ASN n 
1 60 THR n 
1 61 ALA n 
1 62 THR n 
1 63 ASN n 
1 64 GLU n 
1 65 VAL n 
1 66 GLY n 
1 67 TRP n 
1 68 PHE n 
1 69 PRO n 
1 70 CYS n 
1 71 ASN n 
1 72 ARG n 
1 73 VAL n 
1 74 HIS n 
1 75 PRO n 
1 76 TYR n 
1 77 VAL n 
1 78 HIS n 
# 
_entity_src_gen.entity_id                          1 
_entity_src_gen.pdbx_src_id                        1 
_entity_src_gen.pdbx_alt_source_flag               sample 
_entity_src_gen.pdbx_seq_type                      ? 
_entity_src_gen.pdbx_beg_seq_num                   ? 
_entity_src_gen.pdbx_end_seq_num                   ? 
_entity_src_gen.gene_src_common_name               'house mouse' 
_entity_src_gen.gene_src_genus                     Mus 
_entity_src_gen.pdbx_gene_src_gene                 ? 
_entity_src_gen.gene_src_species                   ? 
_entity_src_gen.gene_src_strain                    ? 
_entity_src_gen.gene_src_tissue                    ? 
_entity_src_gen.gene_src_tissue_fraction           ? 
_entity_src_gen.gene_src_details                   ? 
_entity_src_gen.pdbx_gene_src_fragment             ? 
_entity_src_gen.pdbx_gene_src_scientific_name      'Mus musculus' 
_entity_src_gen.pdbx_gene_src_ncbi_taxonomy_id     10090 
_entity_src_gen.pdbx_gene_src_variant              ? 
_entity_src_gen.pdbx_gene_src_cell_line            ? 
_entity_src_gen.pdbx_gene_src_atcc                 ? 
_entity_src_gen.pdbx_gene_src_organ                ? 
_entity_src_gen.pdbx_gene_src_organelle            ? 
_entity_src_gen.pdbx_gene_src_cell                 ? 
_entity_src_gen.pdbx_gene_src_cellular_location    ? 
_entity_src_gen.host_org_common_name               ? 
_entity_src_gen.pdbx_host_org_scientific_name      'Escherichia coli' 
_entity_src_gen.pdbx_host_org_ncbi_taxonomy_id     562 
_entity_src_gen.host_org_genus                     Escherichia 
_entity_src_gen.pdbx_host_org_gene                 ? 
_entity_src_gen.pdbx_host_org_organ                ? 
_entity_src_gen.host_org_species                   ? 
_entity_src_gen.pdbx_host_org_tissue               ? 
_entity_src_gen.pdbx_host_org_tissue_fraction      ? 
_entity_src_gen.pdbx_host_org_strain               ? 
_entity_src_gen.pdbx_host_org_variant              ? 
_entity_src_gen.pdbx_host_org_cell_line            ? 
_entity_src_gen.pdbx_host_org_atcc                 ? 
_entity_src_gen.pdbx_host_org_culture_collection   ? 
_entity_src_gen.pdbx_host_org_cell                 ? 
_entity_src_gen.pdbx_host_org_organelle            ? 
_entity_src_gen.pdbx_host_org_cellular_location    ? 
_entity_src_gen.pdbx_host_org_vector_type          plasmid 
_entity_src_gen.pdbx_host_org_vector               ? 
_entity_src_gen.host_org_details                   ? 
_entity_src_gen.expression_system_id               ? 
_entity_src_gen.plasmid_name                       pHT-1 
_entity_src_gen.plasmid_details                    ? 
_entity_src_gen.pdbx_description                   ? 
# 
loop_
_chem_comp.id 
_chem_comp.type 
_chem_comp.mon_nstd_flag 
_chem_comp.name 
_chem_comp.pdbx_synonyms 
_chem_comp.formula 
_chem_comp.formula_weight 
ALA 'L-peptide linking' y ALANINE         ? 'C3 H7 N O2'     89.093  
ARG 'L-peptide linking' y ARGININE        ? 'C6 H15 N4 O2 1' 175.209 
ASN 'L-peptide linking' y ASPARAGINE      ? 'C4 H8 N2 O3'    132.118 
ASP 'L-peptide linking' y 'ASPARTIC ACID' ? 'C4 H7 N O4'     133.103 
CYS 'L-peptide linking' y CYSTEINE        ? 'C3 H7 N O2 S'   121.158 
GLN 'L-peptide linking' y GLUTAMINE       ? 'C5 H10 N2 O3'   146.144 
GLU 'L-peptide linking' y 'GLUTAMIC ACID' ? 'C5 H9 N O4'     147.129 
GLY 'peptide linking'   y GLYCINE         ? 'C2 H5 N O2'     75.067  
HIS 'L-peptide linking' y HISTIDINE       ? 'C6 H10 N3 O2 1' 156.162 
ILE 'L-peptide linking' y ISOLEUCINE      ? 'C6 H13 N O2'    131.173 
LEU 'L-peptide linking' y LEUCINE         ? 'C6 H13 N O2'    131.173 
LYS 'L-peptide linking' y LYSINE          ? 'C6 H15 N2 O2 1' 147.195 
MET 'L-peptide linking' y METHIONINE      ? 'C5 H11 N O2 S'  149.211 
PHE 'L-peptide linking' y PHENYLALANINE   ? 'C9 H11 N O2'    165.189 
PRO 'L-peptide linking' y PROLINE         ? 'C5 H9 N O2'     115.130 
THR 'L-peptide linking' y THREONINE       ? 'C4 H9 N O3'     119.119 
TRP 'L-peptide linking' y TRYPTOPHAN      ? 'C11 H12 N2 O2'  204.225 
TYR 'L-peptide linking' y TYROSINE        ? 'C9 H11 N O3'    181.189 
VAL 'L-peptide linking' y VALINE          ? 'C5 H11 N O2'    117.146 
# 
loop_
_pdbx_poly_seq_scheme.asym_id 
_pdbx_poly_seq_scheme.entity_id 
_pdbx_poly_seq_scheme.seq_id 
_pdbx_poly_seq_scheme.mon_id 
_pdbx_poly_seq_scheme.ndb_seq_num 
_pdbx_poly_seq_scheme.pdb_seq_num 
_pdbx_poly_seq_scheme.auth_seq_num 
_pdbx_poly_seq_scheme.pdb_mon_id 
_pdbx_poly_seq_scheme.auth_mon_id 
_pdbx_poly_seq_scheme.pdb_strand_id 
_pdbx_poly_seq_scheme.pdb_ins_code 
_pdbx_poly_seq_scheme.hetero 
A 1 1  ARG 1  1  1  ARG ARG A . n 
A 1 2  ALA 2  2  2  ALA ALA A . n 
A 1 3  GLN 3  3  3  GLN GLN A . n 
A 1 4  ASP 4  4  4  ASP ASP A . n 
A 1 5  LYS 5  5  5  LYS LYS A . n 
A 1 6  LYS 6  6  6  LYS LYS A . n 
A 1 7  ARG 7  7  7  ARG ARG A . n 
A 1 8  ASN 8  8  8  ASN ASN A . n 
A 1 9  GLU 9  9  9  GLU GLU A . n 
A 1 10 LEU 10 10 10 LEU LEU A . n 
A 1 11 GLY 11 11 11 GLY GLY A . n 
A 1 12 LEU 12 12 12 LEU LEU A . n 
A 1 13 PRO 13 13 13 PRO PRO A . n 
A 1 14 LYS 14 14 14 LYS LYS A . n 
A 1 15 MET 15 15 15 MET MET A . n 
A 1 16 GLU 16 16 16 GLU GLU A . n 
A 1 17 VAL 17 17 17 VAL VAL A . n 
A 1 18 PHE 18 18 18 PHE PHE A . n 
A 1 19 GLN 19 19 19 GLN GLN A . n 
A 1 20 GLU 20 20 20 GLU GLU A . n 
A 1 21 TYR 21 21 21 TYR TYR A . n 
A 1 22 TYR 22 22 22 TYR TYR A . n 
A 1 23 GLY 23 23 23 GLY GLY A . n 
A 1 24 ILE 24 24 24 ILE ILE A . n 
A 1 25 PRO 25 25 25 PRO PRO A . n 
A 1 26 PRO 26 26 26 PRO PRO A . n 
A 1 27 PRO 27 27 27 PRO PRO A . n 
A 1 28 PRO 28 28 28 PRO PRO A . n 
A 1 29 GLY 29 29 29 GLY GLY A . n 
A 1 30 ALA 30 30 30 ALA ALA A . n 
A 1 31 PHE 31 31 31 PHE PHE A . n 
A 1 32 GLY 32 32 32 GLY GLY A . n 
A 1 33 GLY 33 33 33 GLY GLY A . n 
A 1 34 PHE 34 34 34 PHE PHE A . n 
A 1 35 LEU 35 35 35 LEU LEU A . n 
A 1 36 ARG 36 36 36 ARG ARG A . n 
A 1 37 LEU 37 37 37 LEU LEU A . n 
A 1 38 ASN 38 38 38 ASN ASN A . n 
A 1 39 PRO 39 39 39 PRO PRO A . n 
A 1 40 GLY 40 40 40 GLY GLY A . n 
A 1 41 ASP 41 41 41 ASP ASP A . n 
A 1 42 ILE 42 42 42 ILE ILE A . n 
A 1 43 VAL 43 43 43 VAL VAL A . n 
A 1 44 GLU 44 44 44 GLU GLU A . n 
A 1 45 LEU 45 45 45 LEU LEU A . n 
A 1 46 THR 46 46 46 THR THR A . n 
A 1 47 LYS 47 47 47 LYS LYS A . n 
A 1 48 ALA 48 48 48 ALA ALA A . n 
A 1 49 GLU 49 49 49 GLU GLU A . n 
A 1 50 ALA 50 50 50 ALA ALA A . n 
A 1 51 GLU 51 51 51 GLU GLU A . n 
A 1 52 HIS 52 52 52 HIS HIS A . n 
A 1 53 ASN 53 53 53 ASN ASN A . n 
A 1 54 TRP 54 54 54 TRP TRP A . n 
A 1 55 TRP 55 55 55 TRP TRP A . n 
A 1 56 GLU 56 56 56 GLU GLU A . n 
A 1 57 GLY 57 57 57 GLY GLY A . n 
A 1 58 ARG 58 58 58 ARG ARG A . n 
A 1 59 ASN 59 59 59 ASN ASN A . n 
A 1 60 THR 60 60 60 THR THR A . n 
A 1 61 ALA 61 61 61 ALA ALA A . n 
A 1 62 THR 62 62 62 THR THR A . n 
A 1 63 ASN 63 63 63 ASN ASN A . n 
A 1 64 GLU 64 64 64 GLU GLU A . n 
A 1 65 VAL 65 65 65 VAL VAL A . n 
A 1 66 GLY 66 66 66 GLY GLY A . n 
A 1 67 TRP 67 67 67 TRP TRP A . n 
A 1 68 PHE 68 68 68 PHE PHE A . n 
A 1 69 PRO 69 69 69 PRO PRO A . n 
A 1 70 CYS 70 70 70 CYS CYS A . n 
A 1 71 ASN 71 71 71 ASN ASN A . n 
A 1 72 ARG 72 72 72 ARG ARG A . n 
A 1 73 VAL 73 73 73 VAL VAL A . n 
A 1 74 HIS 74 74 74 HIS HIS A . n 
A 1 75 PRO 75 75 75 PRO PRO A . n 
A 1 76 TYR 76 76 76 TYR TYR A . n 
A 1 77 VAL 77 77 77 VAL VAL A . n 
A 1 78 HIS 78 78 78 HIS HIS A . n 
# 
_cell.entry_id           1K1Z 
_cell.length_a           ? 
_cell.length_b           ? 
_cell.length_c           ? 
_cell.angle_alpha        ? 
_cell.angle_beta         ? 
_cell.angle_gamma        ? 
_cell.Z_PDB              1 
_cell.pdbx_unique_axis   ? 
# 
_exptl.entry_id          1K1Z 
_exptl.method            'SOLUTION NMR' 
_exptl.crystals_number   ? 
# 
_exptl_crystal.id                    1 
_exptl_crystal.density_meas          ? 
_exptl_crystal.density_Matthews      ? 
_exptl_crystal.density_percent_sol   ? 
_exptl_crystal.description           ? 
# 
_diffrn.id                     1 
_diffrn.ambient_temp           ? 
_diffrn.ambient_temp_details   ? 
_diffrn.crystal_id             1 
# 
_diffrn_radiation.diffrn_id                        1 
_diffrn_radiation.wavelength_id                    1 
_diffrn_radiation.pdbx_monochromatic_or_laue_m_l   M 
_diffrn_radiation.monochromator                    ? 
_diffrn_radiation.pdbx_diffrn_protocol             'SINGLE WAVELENGTH' 
_diffrn_radiation.pdbx_scattering_type             ? 
# 
_diffrn_radiation_wavelength.id           1 
_diffrn_radiation_wavelength.wavelength   . 
_diffrn_radiation_wavelength.wt           1.0 
# 
_struct.entry_id                  1K1Z 
_struct.title                     'Solution structure of N-terminal SH3 domain mutant(P33G) of murine Vav' 
_struct.pdbx_model_details        ? 
_struct.pdbx_CASP_flag            ? 
_struct.pdbx_model_type_details   'minimized average' 
# 
_struct_keywords.entry_id        1K1Z 
_struct_keywords.pdbx_keywords   'SIGNALING PROTEIN' 
_struct_keywords.text            'SH3, Proto-oncogene, SIGNALING PROTEIN' 
# 
_struct_asym.id                            A 
_struct_asym.pdbx_blank_PDB_chainid_flag   N 
_struct_asym.pdbx_modified                 N 
_struct_asym.entity_id                     1 
_struct_asym.details                       ? 
# 
_struct_ref.id                         1 
_struct_ref.db_name                    UNP 
_struct_ref.db_code                    VAV_MOUSE 
_struct_ref.entity_id                  1 
_struct_ref.pdbx_seq_one_letter_code   RAQDKKRNELGLPKMEVFQEYYGIPPPPGAFGPFLRLNPGDIVELTKAEAEHNWWEGRNTATNEVGWFPCNRVHPYVH 
_struct_ref.pdbx_align_begin           583 
_struct_ref.pdbx_db_accession          P27870 
_struct_ref.pdbx_db_isoform            ? 
# 
_struct_ref_seq.align_id                      1 
_struct_ref_seq.ref_id                        1 
_struct_ref_seq.pdbx_PDB_id_code              1K1Z 
_struct_ref_seq.pdbx_strand_id                A 
_struct_ref_seq.seq_align_beg                 1 
_struct_ref_seq.pdbx_seq_align_beg_ins_code   ? 
_struct_ref_seq.seq_align_end                 78 
_struct_ref_seq.pdbx_seq_align_end_ins_code   ? 
_struct_ref_seq.pdbx_db_accession             P27870 
_struct_ref_seq.db_align_beg                  583 
_struct_ref_seq.pdbx_db_align_beg_ins_code    ? 
_struct_ref_seq.db_align_end                  660 
_struct_ref_seq.pdbx_db_align_end_ins_code    ? 
_struct_ref_seq.pdbx_auth_seq_align_beg       1 
_struct_ref_seq.pdbx_auth_seq_align_end       78 
# 
_struct_ref_seq_dif.align_id                     1 
_struct_ref_seq_dif.pdbx_pdb_id_code             1K1Z 
_struct_ref_seq_dif.mon_id                       GLY 
_struct_ref_seq_dif.pdbx_pdb_strand_id           A 
_struct_ref_seq_dif.seq_num                      33 
_struct_ref_seq_dif.pdbx_pdb_ins_code            ? 
_struct_ref_seq_dif.pdbx_seq_db_name             UNP 
_struct_ref_seq_dif.pdbx_seq_db_accession_code   P27870 
_struct_ref_seq_dif.db_mon_id                    PRO 
_struct_ref_seq_dif.pdbx_seq_db_seq_num          615 
_struct_ref_seq_dif.details                      'engineered mutation' 
_struct_ref_seq_dif.pdbx_auth_seq_num            33 
_struct_ref_seq_dif.pdbx_ordinal                 1 
# 
_pdbx_struct_assembly.id                   1 
_pdbx_struct_assembly.details              author_defined_assembly 
_pdbx_struct_assembly.method_details       ? 
_pdbx_struct_assembly.oligomeric_details   monomeric 
_pdbx_struct_assembly.oligomeric_count     1 
# 
_pdbx_struct_assembly_gen.assembly_id       1 
_pdbx_struct_assembly_gen.oper_expression   1 
_pdbx_struct_assembly_gen.asym_id_list      A 
# 
_pdbx_struct_oper_list.id                   1 
_pdbx_struct_oper_list.type                 'identity operation' 
_pdbx_struct_oper_list.name                 1_555 
_pdbx_struct_oper_list.symmetry_operation   ? 
_pdbx_struct_oper_list.matrix[1][1]         1.0000000000 
_pdbx_struct_oper_list.matrix[1][2]         0.0000000000 
_pdbx_struct_oper_list.matrix[1][3]         0.0000000000 
_pdbx_struct_oper_list.vector[1]            0.0000000000 
_pdbx_struct_oper_list.matrix[2][1]         0.0000000000 
_pdbx_struct_oper_list.matrix[2][2]         1.0000000000 
_pdbx_struct_oper_list.matrix[2][3]         0.0000000000 
_pdbx_struct_oper_list.vector[2]            0.0000000000 
_pdbx_struct_oper_list.matrix[3][1]         0.0000000000 
_pdbx_struct_oper_list.matrix[3][2]         0.0000000000 
_pdbx_struct_oper_list.matrix[3][3]         1.0000000000 
_pdbx_struct_oper_list.vector[3]            0.0000000000 
# 
_struct_biol.id   1 
# 
_struct_mon_prot_cis.pdbx_id                1 
_struct_mon_prot_cis.label_comp_id          ILE 
_struct_mon_prot_cis.label_seq_id           24 
_struct_mon_prot_cis.label_asym_id          A 
_struct_mon_prot_cis.label_alt_id           . 
_struct_mon_prot_cis.pdbx_PDB_ins_code      ? 
_struct_mon_prot_cis.auth_comp_id           ILE 
_struct_mon_prot_cis.auth_seq_id            24 
_struct_mon_prot_cis.auth_asym_id           A 
_struct_mon_prot_cis.pdbx_label_comp_id_2   PRO 
_struct_mon_prot_cis.pdbx_label_seq_id_2    25 
_struct_mon_prot_cis.pdbx_label_asym_id_2   A 
_struct_mon_prot_cis.pdbx_PDB_ins_code_2    ? 
_struct_mon_prot_cis.pdbx_auth_comp_id_2    PRO 
_struct_mon_prot_cis.pdbx_auth_seq_id_2     25 
_struct_mon_prot_cis.pdbx_auth_asym_id_2    A 
_struct_mon_prot_cis.pdbx_PDB_model_num     1 
_struct_mon_prot_cis.pdbx_omega_angle       0.17 
# 
_struct_sheet.id               A 
_struct_sheet.type             ? 
_struct_sheet.number_strands   5 
_struct_sheet.details          ? 
# 
loop_
_struct_sheet_order.sheet_id 
_struct_sheet_order.range_id_1 
_struct_sheet_order.range_id_2 
_struct_sheet_order.offset 
_struct_sheet_order.sense 
A 1 2 ? anti-parallel 
A 2 3 ? anti-parallel 
A 3 4 ? anti-parallel 
A 4 5 ? anti-parallel 
# 
loop_
_struct_sheet_range.sheet_id 
_struct_sheet_range.id 
_struct_sheet_range.beg_label_comp_id 
_struct_sheet_range.beg_label_asym_id 
_struct_sheet_range.beg_label_seq_id 
_struct_sheet_range.pdbx_beg_PDB_ins_code 
_struct_sheet_range.end_label_comp_id 
_struct_sheet_range.end_label_asym_id 
_struct_sheet_range.end_label_seq_id 
_struct_sheet_range.pdbx_end_PDB_ins_code 
_struct_sheet_range.beg_auth_comp_id 
_struct_sheet_range.beg_auth_asym_id 
_struct_sheet_range.beg_auth_seq_id 
_struct_sheet_range.end_auth_comp_id 
_struct_sheet_range.end_auth_asym_id 
_struct_sheet_range.end_auth_seq_id 
A 1 GLU A 64 ? PHE A 68 ? GLU A 64 PHE A 68 
A 2 TRP A 55 ? ASN A 59 ? TRP A 55 ASN A 59 
A 3 ILE A 42 ? LYS A 47 ? ILE A 42 LYS A 47 
A 4 MET A 15 ? VAL A 17 ? MET A 15 VAL A 17 
A 5 VAL A 73 ? PRO A 75 ? VAL A 73 PRO A 75 
# 
loop_
_pdbx_struct_sheet_hbond.sheet_id 
_pdbx_struct_sheet_hbond.range_id_1 
_pdbx_struct_sheet_hbond.range_id_2 
_pdbx_struct_sheet_hbond.range_1_label_atom_id 
_pdbx_struct_sheet_hbond.range_1_label_comp_id 
_pdbx_struct_sheet_hbond.range_1_label_asym_id 
_pdbx_struct_sheet_hbond.range_1_label_seq_id 
_pdbx_struct_sheet_hbond.range_1_PDB_ins_code 
_pdbx_struct_sheet_hbond.range_1_auth_atom_id 
_pdbx_struct_sheet_hbond.range_1_auth_comp_id 
_pdbx_struct_sheet_hbond.range_1_auth_asym_id 
_pdbx_struct_sheet_hbond.range_1_auth_seq_id 
_pdbx_struct_sheet_hbond.range_2_label_atom_id 
_pdbx_struct_sheet_hbond.range_2_label_comp_id 
_pdbx_struct_sheet_hbond.range_2_label_asym_id 
_pdbx_struct_sheet_hbond.range_2_label_seq_id 
_pdbx_struct_sheet_hbond.range_2_PDB_ins_code 
_pdbx_struct_sheet_hbond.range_2_auth_atom_id 
_pdbx_struct_sheet_hbond.range_2_auth_comp_id 
_pdbx_struct_sheet_hbond.range_2_auth_asym_id 
_pdbx_struct_sheet_hbond.range_2_auth_seq_id 
A 1 2 O PHE A 68 ? O PHE A 68 N TRP A 55 ? N TRP A 55 
A 2 3 O ARG A 58 ? O ARG A 58 N GLU A 44 ? N GLU A 44 
A 3 4 O VAL A 43 ? O VAL A 43 N MET A 15 ? N MET A 15 
A 4 5 N GLU A 16 ? N GLU A 16 O HIS A 74 ? O HIS A 74 
# 
loop_
_pdbx_validate_torsion.id 
_pdbx_validate_torsion.PDB_model_num 
_pdbx_validate_torsion.auth_comp_id 
_pdbx_validate_torsion.auth_asym_id 
_pdbx_validate_torsion.auth_seq_id 
_pdbx_validate_torsion.PDB_ins_code 
_pdbx_validate_torsion.label_alt_id 
_pdbx_validate_torsion.phi 
_pdbx_validate_torsion.psi 
1 1 LYS A 5  ? ? -141.89 -17.18 
2 1 PRO A 39 ? ? -58.49  92.39  
# 
_pdbx_nmr_ensemble.entry_id                             1K1Z 
_pdbx_nmr_ensemble.conformers_calculated_total_number   ? 
_pdbx_nmr_ensemble.conformers_submitted_total_number    1 
_pdbx_nmr_ensemble.conformer_selection_criteria         ? 
# 
_pdbx_nmr_representative.entry_id             1K1Z 
_pdbx_nmr_representative.conformer_id         1 
_pdbx_nmr_representative.selection_criteria   'minimized average structure' 
# 
_pdbx_nmr_sample_details.solution_id      1 
_pdbx_nmr_sample_details.contents         
;1.5mM protein U-15N,13C; 
10mM phosphate buffer K; 
10mM DTT-d
;
_pdbx_nmr_sample_details.solvent_system   '90% H2O/10% D2O' 
# 
_pdbx_nmr_exptl_sample_conditions.conditions_id       1 
_pdbx_nmr_exptl_sample_conditions.temperature         298 
_pdbx_nmr_exptl_sample_conditions.pressure            1 
_pdbx_nmr_exptl_sample_conditions.pH                  6.8 
_pdbx_nmr_exptl_sample_conditions.ionic_strength      ? 
_pdbx_nmr_exptl_sample_conditions.pressure_units      atm 
_pdbx_nmr_exptl_sample_conditions.temperature_units   K 
# 
loop_
_pdbx_nmr_exptl.experiment_id 
_pdbx_nmr_exptl.solution_id 
_pdbx_nmr_exptl.conditions_id 
_pdbx_nmr_exptl.type 
1 1 1 3D_15N-separated_NOESY 
2 2 2 3D_13C-separated_NOESY 
# 
_pdbx_nmr_details.entry_id   1K1Z 
_pdbx_nmr_details.text       'The structure was determined using triple-resonance NMR spectroscopy' 
# 
_pdbx_nmr_refine.entry_id           1K1Z 
_pdbx_nmr_refine.method             'simulated annealing' 
_pdbx_nmr_refine.details            ? 
_pdbx_nmr_refine.software_ordinal   1 
# 
loop_
_pdbx_nmr_software.name 
_pdbx_nmr_software.version 
_pdbx_nmr_software.classification 
_pdbx_nmr_software.authors 
_pdbx_nmr_software.ordinal 
ARIA 1.0 'structure solution' Nilges 1 
ARIA 1.0 refinement           Nilges 2 
# 
loop_
_chem_comp_atom.comp_id 
_chem_comp_atom.atom_id 
_chem_comp_atom.type_symbol 
_chem_comp_atom.pdbx_aromatic_flag 
_chem_comp_atom.pdbx_stereo_config 
_chem_comp_atom.pdbx_ordinal 
ALA N    N N N 1   
ALA CA   C N S 2   
ALA C    C N N 3   
ALA O    O N N 4   
ALA CB   C N N 5   
ALA OXT  O N N 6   
ALA H    H N N 7   
ALA H2   H N N 8   
ALA HA   H N N 9   
ALA HB1  H N N 10  
ALA HB2  H N N 11  
ALA HB3  H N N 12  
ALA HXT  H N N 13  
ARG N    N N N 14  
ARG CA   C N S 15  
ARG C    C N N 16  
ARG O    O N N 17  
ARG CB   C N N 18  
ARG CG   C N N 19  
ARG CD   C N N 20  
ARG NE   N N N 21  
ARG CZ   C N N 22  
ARG NH1  N N N 23  
ARG NH2  N N N 24  
ARG OXT  O N N 25  
ARG H    H N N 26  
ARG H2   H N N 27  
ARG HA   H N N 28  
ARG HB2  H N N 29  
ARG HB3  H N N 30  
ARG HG2  H N N 31  
ARG HG3  H N N 32  
ARG HD2  H N N 33  
ARG HD3  H N N 34  
ARG HE   H N N 35  
ARG HH11 H N N 36  
ARG HH12 H N N 37  
ARG HH21 H N N 38  
ARG HH22 H N N 39  
ARG HXT  H N N 40  
ASN N    N N N 41  
ASN CA   C N S 42  
ASN C    C N N 43  
ASN O    O N N 44  
ASN CB   C N N 45  
ASN CG   C N N 46  
ASN OD1  O N N 47  
ASN ND2  N N N 48  
ASN OXT  O N N 49  
ASN H    H N N 50  
ASN H2   H N N 51  
ASN HA   H N N 52  
ASN HB2  H N N 53  
ASN HB3  H N N 54  
ASN HD21 H N N 55  
ASN HD22 H N N 56  
ASN HXT  H N N 57  
ASP N    N N N 58  
ASP CA   C N S 59  
ASP C    C N N 60  
ASP O    O N N 61  
ASP CB   C N N 62  
ASP CG   C N N 63  
ASP OD1  O N N 64  
ASP OD2  O N N 65  
ASP OXT  O N N 66  
ASP H    H N N 67  
ASP H2   H N N 68  
ASP HA   H N N 69  
ASP HB2  H N N 70  
ASP HB3  H N N 71  
ASP HD2  H N N 72  
ASP HXT  H N N 73  
CYS N    N N N 74  
CYS CA   C N R 75  
CYS C    C N N 76  
CYS O    O N N 77  
CYS CB   C N N 78  
CYS SG   S N N 79  
CYS OXT  O N N 80  
CYS H    H N N 81  
CYS H2   H N N 82  
CYS HA   H N N 83  
CYS HB2  H N N 84  
CYS HB3  H N N 85  
CYS HG   H N N 86  
CYS HXT  H N N 87  
GLN N    N N N 88  
GLN CA   C N S 89  
GLN C    C N N 90  
GLN O    O N N 91  
GLN CB   C N N 92  
GLN CG   C N N 93  
GLN CD   C N N 94  
GLN OE1  O N N 95  
GLN NE2  N N N 96  
GLN OXT  O N N 97  
GLN H    H N N 98  
GLN H2   H N N 99  
GLN HA   H N N 100 
GLN HB2  H N N 101 
GLN HB3  H N N 102 
GLN HG2  H N N 103 
GLN HG3  H N N 104 
GLN HE21 H N N 105 
GLN HE22 H N N 106 
GLN HXT  H N N 107 
GLU N    N N N 108 
GLU CA   C N S 109 
GLU C    C N N 110 
GLU O    O N N 111 
GLU CB   C N N 112 
GLU CG   C N N 113 
GLU CD   C N N 114 
GLU OE1  O N N 115 
GLU OE2  O N N 116 
GLU OXT  O N N 117 
GLU H    H N N 118 
GLU H2   H N N 119 
GLU HA   H N N 120 
GLU HB2  H N N 121 
GLU HB3  H N N 122 
GLU HG2  H N N 123 
GLU HG3  H N N 124 
GLU HE2  H N N 125 
GLU HXT  H N N 126 
GLY N    N N N 127 
GLY CA   C N N 128 
GLY C    C N N 129 
GLY O    O N N 130 
GLY OXT  O N N 131 
GLY H    H N N 132 
GLY H2   H N N 133 
GLY HA2  H N N 134 
GLY HA3  H N N 135 
GLY HXT  H N N 136 
HIS N    N N N 137 
HIS CA   C N S 138 
HIS C    C N N 139 
HIS O    O N N 140 
HIS CB   C N N 141 
HIS CG   C Y N 142 
HIS ND1  N Y N 143 
HIS CD2  C Y N 144 
HIS CE1  C Y N 145 
HIS NE2  N Y N 146 
HIS OXT  O N N 147 
HIS H    H N N 148 
HIS H2   H N N 149 
HIS HA   H N N 150 
HIS HB2  H N N 151 
HIS HB3  H N N 152 
HIS HD1  H N N 153 
HIS HD2  H N N 154 
HIS HE1  H N N 155 
HIS HE2  H N N 156 
HIS HXT  H N N 157 
ILE N    N N N 158 
ILE CA   C N S 159 
ILE C    C N N 160 
ILE O    O N N 161 
ILE CB   C N S 162 
ILE CG1  C N N 163 
ILE CG2  C N N 164 
ILE CD1  C N N 165 
ILE OXT  O N N 166 
ILE H    H N N 167 
ILE H2   H N N 168 
ILE HA   H N N 169 
ILE HB   H N N 170 
ILE HG12 H N N 171 
ILE HG13 H N N 172 
ILE HG21 H N N 173 
ILE HG22 H N N 174 
ILE HG23 H N N 175 
ILE HD11 H N N 176 
ILE HD12 H N N 177 
ILE HD13 H N N 178 
ILE HXT  H N N 179 
LEU N    N N N 180 
LEU CA   C N S 181 
LEU C    C N N 182 
LEU O    O N N 183 
LEU CB   C N N 184 
LEU CG   C N N 185 
LEU CD1  C N N 186 
LEU CD2  C N N 187 
LEU OXT  O N N 188 
LEU H    H N N 189 
LEU H2   H N N 190 
LEU HA   H N N 191 
LEU HB2  H N N 192 
LEU HB3  H N N 193 
LEU HG   H N N 194 
LEU HD11 H N N 195 
LEU HD12 H N N 196 
LEU HD13 H N N 197 
LEU HD21 H N N 198 
LEU HD22 H N N 199 
LEU HD23 H N N 200 
LEU HXT  H N N 201 
LYS N    N N N 202 
LYS CA   C N S 203 
LYS C    C N N 204 
LYS O    O N N 205 
LYS CB   C N N 206 
LYS CG   C N N 207 
LYS CD   C N N 208 
LYS CE   C N N 209 
LYS NZ   N N N 210 
LYS OXT  O N N 211 
LYS H    H N N 212 
LYS H2   H N N 213 
LYS HA   H N N 214 
LYS HB2  H N N 215 
LYS HB3  H N N 216 
LYS HG2  H N N 217 
LYS HG3  H N N 218 
LYS HD2  H N N 219 
LYS HD3  H N N 220 
LYS HE2  H N N 221 
LYS HE3  H N N 222 
LYS HZ1  H N N 223 
LYS HZ2  H N N 224 
LYS HZ3  H N N 225 
LYS HXT  H N N 226 
MET N    N N N 227 
MET CA   C N S 228 
MET C    C N N 229 
MET O    O N N 230 
MET CB   C N N 231 
MET CG   C N N 232 
MET SD   S N N 233 
MET CE   C N N 234 
MET OXT  O N N 235 
MET H    H N N 236 
MET H2   H N N 237 
MET HA   H N N 238 
MET HB2  H N N 239 
MET HB3  H N N 240 
MET HG2  H N N 241 
MET HG3  H N N 242 
MET HE1  H N N 243 
MET HE2  H N N 244 
MET HE3  H N N 245 
MET HXT  H N N 246 
PHE N    N N N 247 
PHE CA   C N S 248 
PHE C    C N N 249 
PHE O    O N N 250 
PHE CB   C N N 251 
PHE CG   C Y N 252 
PHE CD1  C Y N 253 
PHE CD2  C Y N 254 
PHE CE1  C Y N 255 
PHE CE2  C Y N 256 
PHE CZ   C Y N 257 
PHE OXT  O N N 258 
PHE H    H N N 259 
PHE H2   H N N 260 
PHE HA   H N N 261 
PHE HB2  H N N 262 
PHE HB3  H N N 263 
PHE HD1  H N N 264 
PHE HD2  H N N 265 
PHE HE1  H N N 266 
PHE HE2  H N N 267 
PHE HZ   H N N 268 
PHE HXT  H N N 269 
PRO N    N N N 270 
PRO CA   C N S 271 
PRO C    C N N 272 
PRO O    O N N 273 
PRO CB   C N N 274 
PRO CG   C N N 275 
PRO CD   C N N 276 
PRO OXT  O N N 277 
PRO H    H N N 278 
PRO HA   H N N 279 
PRO HB2  H N N 280 
PRO HB3  H N N 281 
PRO HG2  H N N 282 
PRO HG3  H N N 283 
PRO HD2  H N N 284 
PRO HD3  H N N 285 
PRO HXT  H N N 286 
THR N    N N N 287 
THR CA   C N S 288 
THR C    C N N 289 
THR O    O N N 290 
THR CB   C N R 291 
THR OG1  O N N 292 
THR CG2  C N N 293 
THR OXT  O N N 294 
THR H    H N N 295 
THR H2   H N N 296 
THR HA   H N N 297 
THR HB   H N N 298 
THR HG1  H N N 299 
THR HG21 H N N 300 
THR HG22 H N N 301 
THR HG23 H N N 302 
THR HXT  H N N 303 
TRP N    N N N 304 
TRP CA   C N S 305 
TRP C    C N N 306 
TRP O    O N N 307 
TRP CB   C N N 308 
TRP CG   C Y N 309 
TRP CD1  C Y N 310 
TRP CD2  C Y N 311 
TRP NE1  N Y N 312 
TRP CE2  C Y N 313 
TRP CE3  C Y N 314 
TRP CZ2  C Y N 315 
TRP CZ3  C Y N 316 
TRP CH2  C Y N 317 
TRP OXT  O N N 318 
TRP H    H N N 319 
TRP H2   H N N 320 
TRP HA   H N N 321 
TRP HB2  H N N 322 
TRP HB3  H N N 323 
TRP HD1  H N N 324 
TRP HE1  H N N 325 
TRP HE3  H N N 326 
TRP HZ2  H N N 327 
TRP HZ3  H N N 328 
TRP HH2  H N N 329 
TRP HXT  H N N 330 
TYR N    N N N 331 
TYR CA   C N S 332 
TYR C    C N N 333 
TYR O    O N N 334 
TYR CB   C N N 335 
TYR CG   C Y N 336 
TYR CD1  C Y N 337 
TYR CD2  C Y N 338 
TYR CE1  C Y N 339 
TYR CE2  C Y N 340 
TYR CZ   C Y N 341 
TYR OH   O N N 342 
TYR OXT  O N N 343 
TYR H    H N N 344 
TYR H2   H N N 345 
TYR HA   H N N 346 
TYR HB2  H N N 347 
TYR HB3  H N N 348 
TYR HD1  H N N 349 
TYR HD2  H N N 350 
TYR HE1  H N N 351 
TYR HE2  H N N 352 
TYR HH   H N N 353 
TYR HXT  H N N 354 
VAL N    N N N 355 
VAL CA   C N S 356 
VAL C    C N N 357 
VAL O    O N N 358 
VAL CB   C N N 359 
VAL CG1  C N N 360 
VAL CG2  C N N 361 
VAL OXT  O N N 362 
VAL H    H N N 363 
VAL H2   H N N 364 
VAL HA   H N N 365 
VAL HB   H N N 366 
VAL HG11 H N N 367 
VAL HG12 H N N 368 
VAL HG13 H N N 369 
VAL HG21 H N N 370 
VAL HG22 H N N 371 
VAL HG23 H N N 372 
VAL HXT  H N N 373 
# 
loop_
_chem_comp_bond.comp_id 
_chem_comp_bond.atom_id_1 
_chem_comp_bond.atom_id_2 
_chem_comp_bond.value_order 
_chem_comp_bond.pdbx_aromatic_flag 
_chem_comp_bond.pdbx_stereo_config 
_chem_comp_bond.pdbx_ordinal 
ALA N   CA   sing N N 1   
ALA N   H    sing N N 2   
ALA N   H2   sing N N 3   
ALA CA  C    sing N N 4   
ALA CA  CB   sing N N 5   
ALA CA  HA   sing N N 6   
ALA C   O    doub N N 7   
ALA C   OXT  sing N N 8   
ALA CB  HB1  sing N N 9   
ALA CB  HB2  sing N N 10  
ALA CB  HB3  sing N N 11  
ALA OXT HXT  sing N N 12  
ARG N   CA   sing N N 13  
ARG N   H    sing N N 14  
ARG N   H2   sing N N 15  
ARG CA  C    sing N N 16  
ARG CA  CB   sing N N 17  
ARG CA  HA   sing N N 18  
ARG C   O    doub N N 19  
ARG C   OXT  sing N N 20  
ARG CB  CG   sing N N 21  
ARG CB  HB2  sing N N 22  
ARG CB  HB3  sing N N 23  
ARG CG  CD   sing N N 24  
ARG CG  HG2  sing N N 25  
ARG CG  HG3  sing N N 26  
ARG CD  NE   sing N N 27  
ARG CD  HD2  sing N N 28  
ARG CD  HD3  sing N N 29  
ARG NE  CZ   sing N N 30  
ARG NE  HE   sing N N 31  
ARG CZ  NH1  sing N N 32  
ARG CZ  NH2  doub N N 33  
ARG NH1 HH11 sing N N 34  
ARG NH1 HH12 sing N N 35  
ARG NH2 HH21 sing N N 36  
ARG NH2 HH22 sing N N 37  
ARG OXT HXT  sing N N 38  
ASN N   CA   sing N N 39  
ASN N   H    sing N N 40  
ASN N   H2   sing N N 41  
ASN CA  C    sing N N 42  
ASN CA  CB   sing N N 43  
ASN CA  HA   sing N N 44  
ASN C   O    doub N N 45  
ASN C   OXT  sing N N 46  
ASN CB  CG   sing N N 47  
ASN CB  HB2  sing N N 48  
ASN CB  HB3  sing N N 49  
ASN CG  OD1  doub N N 50  
ASN CG  ND2  sing N N 51  
ASN ND2 HD21 sing N N 52  
ASN ND2 HD22 sing N N 53  
ASN OXT HXT  sing N N 54  
ASP N   CA   sing N N 55  
ASP N   H    sing N N 56  
ASP N   H2   sing N N 57  
ASP CA  C    sing N N 58  
ASP CA  CB   sing N N 59  
ASP CA  HA   sing N N 60  
ASP C   O    doub N N 61  
ASP C   OXT  sing N N 62  
ASP CB  CG   sing N N 63  
ASP CB  HB2  sing N N 64  
ASP CB  HB3  sing N N 65  
ASP CG  OD1  doub N N 66  
ASP CG  OD2  sing N N 67  
ASP OD2 HD2  sing N N 68  
ASP OXT HXT  sing N N 69  
CYS N   CA   sing N N 70  
CYS N   H    sing N N 71  
CYS N   H2   sing N N 72  
CYS CA  C    sing N N 73  
CYS CA  CB   sing N N 74  
CYS CA  HA   sing N N 75  
CYS C   O    doub N N 76  
CYS C   OXT  sing N N 77  
CYS CB  SG   sing N N 78  
CYS CB  HB2  sing N N 79  
CYS CB  HB3  sing N N 80  
CYS SG  HG   sing N N 81  
CYS OXT HXT  sing N N 82  
GLN N   CA   sing N N 83  
GLN N   H    sing N N 84  
GLN N   H2   sing N N 85  
GLN CA  C    sing N N 86  
GLN CA  CB   sing N N 87  
GLN CA  HA   sing N N 88  
GLN C   O    doub N N 89  
GLN C   OXT  sing N N 90  
GLN CB  CG   sing N N 91  
GLN CB  HB2  sing N N 92  
GLN CB  HB3  sing N N 93  
GLN CG  CD   sing N N 94  
GLN CG  HG2  sing N N 95  
GLN CG  HG3  sing N N 96  
GLN CD  OE1  doub N N 97  
GLN CD  NE2  sing N N 98  
GLN NE2 HE21 sing N N 99  
GLN NE2 HE22 sing N N 100 
GLN OXT HXT  sing N N 101 
GLU N   CA   sing N N 102 
GLU N   H    sing N N 103 
GLU N   H2   sing N N 104 
GLU CA  C    sing N N 105 
GLU CA  CB   sing N N 106 
GLU CA  HA   sing N N 107 
GLU C   O    doub N N 108 
GLU C   OXT  sing N N 109 
GLU CB  CG   sing N N 110 
GLU CB  HB2  sing N N 111 
GLU CB  HB3  sing N N 112 
GLU CG  CD   sing N N 113 
GLU CG  HG2  sing N N 114 
GLU CG  HG3  sing N N 115 
GLU CD  OE1  doub N N 116 
GLU CD  OE2  sing N N 117 
GLU OE2 HE2  sing N N 118 
GLU OXT HXT  sing N N 119 
GLY N   CA   sing N N 120 
GLY N   H    sing N N 121 
GLY N   H2   sing N N 122 
GLY CA  C    sing N N 123 
GLY CA  HA2  sing N N 124 
GLY CA  HA3  sing N N 125 
GLY C   O    doub N N 126 
GLY C   OXT  sing N N 127 
GLY OXT HXT  sing N N 128 
HIS N   CA   sing N N 129 
HIS N   H    sing N N 130 
HIS N   H2   sing N N 131 
HIS CA  C    sing N N 132 
HIS CA  CB   sing N N 133 
HIS CA  HA   sing N N 134 
HIS C   O    doub N N 135 
HIS C   OXT  sing N N 136 
HIS CB  CG   sing N N 137 
HIS CB  HB2  sing N N 138 
HIS CB  HB3  sing N N 139 
HIS CG  ND1  sing Y N 140 
HIS CG  CD2  doub Y N 141 
HIS ND1 CE1  doub Y N 142 
HIS ND1 HD1  sing N N 143 
HIS CD2 NE2  sing Y N 144 
HIS CD2 HD2  sing N N 145 
HIS CE1 NE2  sing Y N 146 
HIS CE1 HE1  sing N N 147 
HIS NE2 HE2  sing N N 148 
HIS OXT HXT  sing N N 149 
ILE N   CA   sing N N 150 
ILE N   H    sing N N 151 
ILE N   H2   sing N N 152 
ILE CA  C    sing N N 153 
ILE CA  CB   sing N N 154 
ILE CA  HA   sing N N 155 
ILE C   O    doub N N 156 
ILE C   OXT  sing N N 157 
ILE CB  CG1  sing N N 158 
ILE CB  CG2  sing N N 159 
ILE CB  HB   sing N N 160 
ILE CG1 CD1  sing N N 161 
ILE CG1 HG12 sing N N 162 
ILE CG1 HG13 sing N N 163 
ILE CG2 HG21 sing N N 164 
ILE CG2 HG22 sing N N 165 
ILE CG2 HG23 sing N N 166 
ILE CD1 HD11 sing N N 167 
ILE CD1 HD12 sing N N 168 
ILE CD1 HD13 sing N N 169 
ILE OXT HXT  sing N N 170 
LEU N   CA   sing N N 171 
LEU N   H    sing N N 172 
LEU N   H2   sing N N 173 
LEU CA  C    sing N N 174 
LEU CA  CB   sing N N 175 
LEU CA  HA   sing N N 176 
LEU C   O    doub N N 177 
LEU C   OXT  sing N N 178 
LEU CB  CG   sing N N 179 
LEU CB  HB2  sing N N 180 
LEU CB  HB3  sing N N 181 
LEU CG  CD1  sing N N 182 
LEU CG  CD2  sing N N 183 
LEU CG  HG   sing N N 184 
LEU CD1 HD11 sing N N 185 
LEU CD1 HD12 sing N N 186 
LEU CD1 HD13 sing N N 187 
LEU CD2 HD21 sing N N 188 
LEU CD2 HD22 sing N N 189 
LEU CD2 HD23 sing N N 190 
LEU OXT HXT  sing N N 191 
LYS N   CA   sing N N 192 
LYS N   H    sing N N 193 
LYS N   H2   sing N N 194 
LYS CA  C    sing N N 195 
LYS CA  CB   sing N N 196 
LYS CA  HA   sing N N 197 
LYS C   O    doub N N 198 
LYS C   OXT  sing N N 199 
LYS CB  CG   sing N N 200 
LYS CB  HB2  sing N N 201 
LYS CB  HB3  sing N N 202 
LYS CG  CD   sing N N 203 
LYS CG  HG2  sing N N 204 
LYS CG  HG3  sing N N 205 
LYS CD  CE   sing N N 206 
LYS CD  HD2  sing N N 207 
LYS CD  HD3  sing N N 208 
LYS CE  NZ   sing N N 209 
LYS CE  HE2  sing N N 210 
LYS CE  HE3  sing N N 211 
LYS NZ  HZ1  sing N N 212 
LYS NZ  HZ2  sing N N 213 
LYS NZ  HZ3  sing N N 214 
LYS OXT HXT  sing N N 215 
MET N   CA   sing N N 216 
MET N   H    sing N N 217 
MET N   H2   sing N N 218 
MET CA  C    sing N N 219 
MET CA  CB   sing N N 220 
MET CA  HA   sing N N 221 
MET C   O    doub N N 222 
MET C   OXT  sing N N 223 
MET CB  CG   sing N N 224 
MET CB  HB2  sing N N 225 
MET CB  HB3  sing N N 226 
MET CG  SD   sing N N 227 
MET CG  HG2  sing N N 228 
MET CG  HG3  sing N N 229 
MET SD  CE   sing N N 230 
MET CE  HE1  sing N N 231 
MET CE  HE2  sing N N 232 
MET CE  HE3  sing N N 233 
MET OXT HXT  sing N N 234 
PHE N   CA   sing N N 235 
PHE N   H    sing N N 236 
PHE N   H2   sing N N 237 
PHE CA  C    sing N N 238 
PHE CA  CB   sing N N 239 
PHE CA  HA   sing N N 240 
PHE C   O    doub N N 241 
PHE C   OXT  sing N N 242 
PHE CB  CG   sing N N 243 
PHE CB  HB2  sing N N 244 
PHE CB  HB3  sing N N 245 
PHE CG  CD1  doub Y N 246 
PHE CG  CD2  sing Y N 247 
PHE CD1 CE1  sing Y N 248 
PHE CD1 HD1  sing N N 249 
PHE CD2 CE2  doub Y N 250 
PHE CD2 HD2  sing N N 251 
PHE CE1 CZ   doub Y N 252 
PHE CE1 HE1  sing N N 253 
PHE CE2 CZ   sing Y N 254 
PHE CE2 HE2  sing N N 255 
PHE CZ  HZ   sing N N 256 
PHE OXT HXT  sing N N 257 
PRO N   CA   sing N N 258 
PRO N   CD   sing N N 259 
PRO N   H    sing N N 260 
PRO CA  C    sing N N 261 
PRO CA  CB   sing N N 262 
PRO CA  HA   sing N N 263 
PRO C   O    doub N N 264 
PRO C   OXT  sing N N 265 
PRO CB  CG   sing N N 266 
PRO CB  HB2  sing N N 267 
PRO CB  HB3  sing N N 268 
PRO CG  CD   sing N N 269 
PRO CG  HG2  sing N N 270 
PRO CG  HG3  sing N N 271 
PRO CD  HD2  sing N N 272 
PRO CD  HD3  sing N N 273 
PRO OXT HXT  sing N N 274 
THR N   CA   sing N N 275 
THR N   H    sing N N 276 
THR N   H2   sing N N 277 
THR CA  C    sing N N 278 
THR CA  CB   sing N N 279 
THR CA  HA   sing N N 280 
THR C   O    doub N N 281 
THR C   OXT  sing N N 282 
THR CB  OG1  sing N N 283 
THR CB  CG2  sing N N 284 
THR CB  HB   sing N N 285 
THR OG1 HG1  sing N N 286 
THR CG2 HG21 sing N N 287 
THR CG2 HG22 sing N N 288 
THR CG2 HG23 sing N N 289 
THR OXT HXT  sing N N 290 
TRP N   CA   sing N N 291 
TRP N   H    sing N N 292 
TRP N   H2   sing N N 293 
TRP CA  C    sing N N 294 
TRP CA  CB   sing N N 295 
TRP CA  HA   sing N N 296 
TRP C   O    doub N N 297 
TRP C   OXT  sing N N 298 
TRP CB  CG   sing N N 299 
TRP CB  HB2  sing N N 300 
TRP CB  HB3  sing N N 301 
TRP CG  CD1  doub Y N 302 
TRP CG  CD2  sing Y N 303 
TRP CD1 NE1  sing Y N 304 
TRP CD1 HD1  sing N N 305 
TRP CD2 CE2  doub Y N 306 
TRP CD2 CE3  sing Y N 307 
TRP NE1 CE2  sing Y N 308 
TRP NE1 HE1  sing N N 309 
TRP CE2 CZ2  sing Y N 310 
TRP CE3 CZ3  doub Y N 311 
TRP CE3 HE3  sing N N 312 
TRP CZ2 CH2  doub Y N 313 
TRP CZ2 HZ2  sing N N 314 
TRP CZ3 CH2  sing Y N 315 
TRP CZ3 HZ3  sing N N 316 
TRP CH2 HH2  sing N N 317 
TRP OXT HXT  sing N N 318 
TYR N   CA   sing N N 319 
TYR N   H    sing N N 320 
TYR N   H2   sing N N 321 
TYR CA  C    sing N N 322 
TYR CA  CB   sing N N 323 
TYR CA  HA   sing N N 324 
TYR C   O    doub N N 325 
TYR C   OXT  sing N N 326 
TYR CB  CG   sing N N 327 
TYR CB  HB2  sing N N 328 
TYR CB  HB3  sing N N 329 
TYR CG  CD1  doub Y N 330 
TYR CG  CD2  sing Y N 331 
TYR CD1 CE1  sing Y N 332 
TYR CD1 HD1  sing N N 333 
TYR CD2 CE2  doub Y N 334 
TYR CD2 HD2  sing N N 335 
TYR CE1 CZ   doub Y N 336 
TYR CE1 HE1  sing N N 337 
TYR CE2 CZ   sing Y N 338 
TYR CE2 HE2  sing N N 339 
TYR CZ  OH   sing N N 340 
TYR OH  HH   sing N N 341 
TYR OXT HXT  sing N N 342 
VAL N   CA   sing N N 343 
VAL N   H    sing N N 344 
VAL N   H2   sing N N 345 
VAL CA  C    sing N N 346 
VAL CA  CB   sing N N 347 
VAL CA  HA   sing N N 348 
VAL C   O    doub N N 349 
VAL C   OXT  sing N N 350 
VAL CB  CG1  sing N N 351 
VAL CB  CG2  sing N N 352 
VAL CB  HB   sing N N 353 
VAL CG1 HG11 sing N N 354 
VAL CG1 HG12 sing N N 355 
VAL CG1 HG13 sing N N 356 
VAL CG2 HG21 sing N N 357 
VAL CG2 HG22 sing N N 358 
VAL CG2 HG23 sing N N 359 
VAL OXT HXT  sing N N 360 
# 
loop_
_pdbx_nmr_spectrometer.spectrometer_id 
_pdbx_nmr_spectrometer.type 
_pdbx_nmr_spectrometer.manufacturer 
_pdbx_nmr_spectrometer.model 
_pdbx_nmr_spectrometer.field_strength 
1 ? Varian UNITYPLUS 600 
2 ? Varian INOVA     500 
# 
_atom_sites.entry_id                    1K1Z 
_atom_sites.fract_transf_matrix[1][1]   1.000000 
_atom_sites.fract_transf_matrix[1][2]   0.000000 
_atom_sites.fract_transf_matrix[1][3]   0.000000 
_atom_sites.fract_transf_matrix[2][1]   0.000000 
_atom_sites.fract_transf_matrix[2][2]   1.000000 
_atom_sites.fract_transf_matrix[2][3]   0.000000 
_atom_sites.fract_transf_matrix[3][1]   0.000000 
_atom_sites.fract_transf_matrix[3][2]   0.000000 
_atom_sites.fract_transf_matrix[3][3]   1.000000 
_atom_sites.fract_transf_vector[1]      0.00000 
_atom_sites.fract_transf_vector[2]      0.00000 
_atom_sites.fract_transf_vector[3]      0.00000 
# 
loop_
_atom_type.symbol 
C 
H 
N 
O 
S 
# 
loop_
_atom_site.group_PDB 
_atom_site.id 
_atom_site.type_symbol 
_atom_site.label_atom_id 
_atom_site.label_alt_id 
_atom_site.label_comp_id 
_atom_site.label_asym_id 
_atom_site.label_entity_id 
_atom_site.label_seq_id 
_atom_site.pdbx_PDB_ins_code 
_atom_site.Cartn_x 
_atom_site.Cartn_y 
_atom_site.Cartn_z 
_atom_site.occupancy 
_atom_site.B_iso_or_equiv 
_atom_site.pdbx_formal_charge 
_atom_site.auth_seq_id 
_atom_site.auth_comp_id 
_atom_site.auth_asym_id 
_atom_site.auth_atom_id 
_atom_site.pdbx_PDB_model_num 
ATOM 1    N N    . ARG A 1 1  ? -0.193  -19.791 9.681   1.00 18.71 ? 1  ARG A N    1 
ATOM 2    C CA   . ARG A 1 1  ? 0.445   -21.041 9.194   1.00 18.36 ? 1  ARG A CA   1 
ATOM 3    C C    . ARG A 1 1  ? 0.416   -21.119 7.670   1.00 17.55 ? 1  ARG A C    1 
ATOM 4    O O    . ARG A 1 1  ? 0.270   -22.198 7.095   1.00 17.58 ? 1  ARG A O    1 
ATOM 5    C CB   . ARG A 1 1  ? -0.299  -22.236 9.798   1.00 19.06 ? 1  ARG A CB   1 
ATOM 6    C CG   . ARG A 1 1  ? 0.511   -22.995 10.837  1.00 19.68 ? 1  ARG A CG   1 
ATOM 7    C CD   . ARG A 1 1  ? -0.304  -24.110 11.473  1.00 20.41 ? 1  ARG A CD   1 
ATOM 8    N NE   . ARG A 1 1  ? 0.542   -25.076 12.171  1.00 20.87 ? 1  ARG A NE   1 
ATOM 9    C CZ   . ARG A 1 1  ? 0.109   -25.859 13.156  1.00 21.55 ? 1  ARG A CZ   1 
ATOM 10   N NH1  . ARG A 1 1  ? -1.153  -25.797 13.556  1.00 21.83 ? 1  ARG A NH1  1 
ATOM 11   N NH2  . ARG A 1 1  ? 0.943   -26.708 13.741  1.00 22.04 ? 1  ARG A NH2  1 
ATOM 12   H H1   . ARG A 1 1  ? -0.042  -19.688 10.705  1.00 18.92 ? 1  ARG A H1   1 
ATOM 13   H H2   . ARG A 1 1  ? -1.215  -19.814 9.494   1.00 18.91 ? 1  ARG A H2   1 
ATOM 14   H H3   . ARG A 1 1  ? 0.219   -18.968 9.196   1.00 18.67 ? 1  ARG A H3   1 
ATOM 15   H HA   . ARG A 1 1  ? 1.472   -21.057 9.528   1.00 18.34 ? 1  ARG A HA   1 
ATOM 16   H HB2  . ARG A 1 1  ? -1.204  -21.881 10.267  1.00 19.28 ? 1  ARG A HB2  1 
ATOM 17   H HB3  . ARG A 1 1  ? -0.560  -22.921 9.005   1.00 19.04 ? 1  ARG A HB3  1 
ATOM 18   H HG2  . ARG A 1 1  ? 1.378   -23.426 10.358  1.00 19.68 ? 1  ARG A HG2  1 
ATOM 19   H HG3  . ARG A 1 1  ? 0.826   -22.307 11.606  1.00 19.71 ? 1  ARG A HG3  1 
ATOM 20   H HD2  . ARG A 1 1  ? -0.996  -23.674 12.179  1.00 20.52 ? 1  ARG A HD2  1 
ATOM 21   H HD3  . ARG A 1 1  ? -0.857  -24.623 10.698  1.00 20.60 ? 1  ARG A HD3  1 
ATOM 22   H HE   . ARG A 1 1  ? 1.478   -25.142 11.893  1.00 20.75 ? 1  ARG A HE   1 
ATOM 23   H HH11 . ARG A 1 1  ? -1.787  -25.158 13.118  1.00 21.54 ? 1  ARG A HH11 1 
ATOM 24   H HH12 . ARG A 1 1  ? -1.473  -26.387 14.298  1.00 22.39 ? 1  ARG A HH12 1 
ATOM 25   H HH21 . ARG A 1 1  ? 1.897   -26.760 13.442  1.00 21.91 ? 1  ARG A HH21 1 
ATOM 26   H HH22 . ARG A 1 1  ? 0.620   -27.296 14.483  1.00 22.60 ? 1  ARG A HH22 1 
ATOM 27   N N    . ALA A 1 2  ? 0.557   -19.966 7.023   1.00 16.96 ? 2  ALA A N    1 
ATOM 28   C CA   . ALA A 1 2  ? 0.549   -19.903 5.565   1.00 16.27 ? 2  ALA A CA   1 
ATOM 29   C C    . ALA A 1 2  ? 1.909   -19.467 5.029   1.00 15.40 ? 2  ALA A C    1 
ATOM 30   O O    . ALA A 1 2  ? 1.994   -18.704 4.067   1.00 15.13 ? 2  ALA A O    1 
ATOM 31   C CB   . ALA A 1 2  ? -0.541  -18.957 5.086   1.00 16.51 ? 2  ALA A CB   1 
ATOM 32   H H    . ALA A 1 2  ? 0.671   -19.140 7.537   1.00 17.07 ? 2  ALA A H    1 
ATOM 33   H HA   . ALA A 1 2  ? 0.326   -20.891 5.191   1.00 16.37 ? 2  ALA A HA   1 
ATOM 34   H HB1  . ALA A 1 2  ? -0.253  -17.938 5.295   1.00 16.87 ? 2  ALA A HB1  1 
ATOM 35   H HB2  . ALA A 1 2  ? -0.684  -19.080 4.022   1.00 16.29 ? 2  ALA A HB2  1 
ATOM 36   H HB3  . ALA A 1 2  ? -1.466  -19.182 5.600   1.00 16.67 ? 2  ALA A HB3  1 
ATOM 37   N N    . GLN A 1 3  ? 2.970   -19.960 5.661   1.00 15.13 ? 3  GLN A N    1 
ATOM 38   C CA   . GLN A 1 3  ? 4.328   -19.624 5.251   1.00 14.45 ? 3  GLN A CA   1 
ATOM 39   C C    . GLN A 1 3  ? 4.657   -20.240 3.896   1.00 13.57 ? 3  GLN A C    1 
ATOM 40   O O    . GLN A 1 3  ? 4.298   -21.385 3.619   1.00 13.37 ? 3  GLN A O    1 
ATOM 41   C CB   . GLN A 1 3  ? 5.333   -20.108 6.300   1.00 14.77 ? 3  GLN A CB   1 
ATOM 42   C CG   . GLN A 1 3  ? 6.639   -19.331 6.293   1.00 15.14 ? 3  GLN A CG   1 
ATOM 43   C CD   . GLN A 1 3  ? 7.726   -20.007 7.105   1.00 15.54 ? 3  GLN A CD   1 
ATOM 44   O OE1  . GLN A 1 3  ? 7.788   -21.235 7.182   1.00 15.91 ? 3  GLN A OE1  1 
ATOM 45   N NE2  . GLN A 1 3  ? 8.591   -19.207 7.717   1.00 15.64 ? 3  GLN A NE2  1 
ATOM 46   H H    . GLN A 1 3  ? 2.836   -20.564 6.420   1.00 15.49 ? 3  GLN A H    1 
ATOM 47   H HA   . GLN A 1 3  ? 4.395   -18.550 5.172   1.00 14.53 ? 3  GLN A HA   1 
ATOM 48   H HB2  . GLN A 1 3  ? 4.888   -20.013 7.278   1.00 15.17 ? 3  GLN A HB2  1 
ATOM 49   H HB3  . GLN A 1 3  ? 5.557   -21.148 6.114   1.00 14.52 ? 3  GLN A HB3  1 
ATOM 50   H HG2  . GLN A 1 3  ? 6.981   -19.235 5.273   1.00 15.08 ? 3  GLN A HG2  1 
ATOM 51   H HG3  . GLN A 1 3  ? 6.460   -18.348 6.705   1.00 15.34 ? 3  GLN A HG3  1 
ATOM 52   H HE21 . GLN A 1 3  ? 8.481   -18.239 7.612   1.00 15.43 ? 3  GLN A HE21 1 
ATOM 53   H HE22 . GLN A 1 3  ? 9.305   -19.617 8.249   1.00 16.00 ? 3  GLN A HE22 1 
ATOM 54   N N    . ASP A 1 4  ? 5.343   -19.470 3.054   1.00 13.21 ? 4  ASP A N    1 
ATOM 55   C CA   . ASP A 1 4  ? 5.726   -19.932 1.724   1.00 12.52 ? 4  ASP A CA   1 
ATOM 56   C C    . ASP A 1 4  ? 4.507   -20.401 0.934   1.00 12.67 ? 4  ASP A C    1 
ATOM 57   O O    . ASP A 1 4  ? 4.599   -21.313 0.111   1.00 12.92 ? 4  ASP A O    1 
ATOM 58   C CB   . ASP A 1 4  ? 6.753   -21.063 1.827   1.00 12.18 ? 4  ASP A CB   1 
ATOM 59   C CG   . ASP A 1 4  ? 7.829   -20.964 0.764   1.00 12.02 ? 4  ASP A CG   1 
ATOM 60   O OD1  . ASP A 1 4  ? 7.622   -21.504 -0.343  1.00 12.03 ? 4  ASP A OD1  1 
ATOM 61   O OD2  . ASP A 1 4  ? 8.880   -20.346 1.039   1.00 12.06 ? 4  ASP A OD2  1 
ATOM 62   H H    . ASP A 1 4  ? 5.599   -18.567 3.337   1.00 13.53 ? 4  ASP A H    1 
ATOM 63   H HA   . ASP A 1 4  ? 6.175   -19.098 1.202   1.00 12.35 ? 4  ASP A HA   1 
ATOM 64   H HB2  . ASP A 1 4  ? 7.225   -21.024 2.796   1.00 12.45 ? 4  ASP A HB2  1 
ATOM 65   H HB3  . ASP A 1 4  ? 6.248   -22.011 1.714   1.00 11.98 ? 4  ASP A HB3  1 
ATOM 66   N N    . LYS A 1 5  ? 3.366   -19.769 1.189   1.00 12.71 ? 5  LYS A N    1 
ATOM 67   C CA   . LYS A 1 5  ? 2.126   -20.117 0.503   1.00 13.07 ? 5  LYS A CA   1 
ATOM 68   C C    . LYS A 1 5  ? 1.307   -18.867 0.198   1.00 12.50 ? 5  LYS A C    1 
ATOM 69   O O    . LYS A 1 5  ? 0.404   -18.892 -0.636  1.00 12.61 ? 5  LYS A O    1 
ATOM 70   C CB   . LYS A 1 5  ? 1.303   -21.087 1.351   1.00 13.84 ? 5  LYS A CB   1 
ATOM 71   C CG   . LYS A 1 5  ? 0.576   -22.144 0.536   1.00 14.81 ? 5  LYS A CG   1 
ATOM 72   C CD   . LYS A 1 5  ? -0.923  -22.105 0.784   1.00 15.56 ? 5  LYS A CD   1 
ATOM 73   C CE   . LYS A 1 5  ? -1.554  -23.474 0.592   1.00 16.28 ? 5  LYS A CE   1 
ATOM 74   N NZ   . LYS A 1 5  ? -2.149  -23.626 -0.765  1.00 17.01 ? 5  LYS A NZ   1 
ATOM 75   H H    . LYS A 1 5  ? 3.357   -19.049 1.854   1.00 12.62 ? 5  LYS A H    1 
ATOM 76   H HA   . LYS A 1 5  ? 2.388   -20.598 -0.428  1.00 13.38 ? 5  LYS A HA   1 
ATOM 77   H HB2  . LYS A 1 5  ? 1.961   -21.589 2.046   1.00 13.81 ? 5  LYS A HB2  1 
ATOM 78   H HB3  . LYS A 1 5  ? 0.567   -20.525 1.909   1.00 13.88 ? 5  LYS A HB3  1 
ATOM 79   H HG2  . LYS A 1 5  ? 0.761   -21.967 -0.514  1.00 15.11 ? 5  LYS A HG2  1 
ATOM 80   H HG3  . LYS A 1 5  ? 0.952   -23.119 0.811   1.00 14.82 ? 5  LYS A HG3  1 
ATOM 81   H HD2  . LYS A 1 5  ? -1.103  -21.776 1.797   1.00 15.57 ? 5  LYS A HD2  1 
ATOM 82   H HD3  . LYS A 1 5  ? -1.374  -21.409 0.092   1.00 15.71 ? 5  LYS A HD3  1 
ATOM 83   H HE2  . LYS A 1 5  ? -0.795  -24.229 0.729   1.00 16.16 ? 5  LYS A HE2  1 
ATOM 84   H HE3  . LYS A 1 5  ? -2.330  -23.606 1.334   1.00 16.51 ? 5  LYS A HE3  1 
ATOM 85   H HZ1  . LYS A 1 5  ? -1.482  -23.287 -1.487  1.00 17.15 ? 5  LYS A HZ1  1 
ATOM 86   H HZ2  . LYS A 1 5  ? -3.028  -23.074 -0.834  1.00 17.35 ? 5  LYS A HZ2  1 
ATOM 87   H HZ3  . LYS A 1 5  ? -2.366  -24.627 -0.950  1.00 17.18 ? 5  LYS A HZ3  1 
ATOM 88   N N    . LYS A 1 6  ? 1.635   -17.772 0.880   1.00 12.10 ? 6  LYS A N    1 
ATOM 89   C CA   . LYS A 1 6  ? 0.935   -16.507 0.683   1.00 11.74 ? 6  LYS A CA   1 
ATOM 90   C C    . LYS A 1 6  ? 1.899   -15.428 0.201   1.00 10.62 ? 6  LYS A C    1 
ATOM 91   O O    . LYS A 1 6  ? 1.501   -14.485 -0.484  1.00 10.48 ? 6  LYS A O    1 
ATOM 92   C CB   . LYS A 1 6  ? 0.261   -16.062 1.983   1.00 12.36 ? 6  LYS A CB   1 
ATOM 93   C CG   . LYS A 1 6  ? -1.222  -15.771 1.830   1.00 13.02 ? 6  LYS A CG   1 
ATOM 94   C CD   . LYS A 1 6  ? -2.069  -16.814 2.541   1.00 13.52 ? 6  LYS A CD   1 
ATOM 95   C CE   . LYS A 1 6  ? -3.555  -16.540 2.369   1.00 14.35 ? 6  LYS A CE   1 
ATOM 96   N NZ   . LYS A 1 6  ? -3.960  -16.540 0.937   1.00 14.98 ? 6  LYS A NZ   1 
ATOM 97   H H    . LYS A 1 6  ? 2.367   -17.816 1.530   1.00 12.17 ? 6  LYS A H    1 
ATOM 98   H HA   . LYS A 1 6  ? 0.179   -16.660 -0.072  1.00 12.03 ? 6  LYS A HA   1 
ATOM 99   H HB2  . LYS A 1 6  ? 0.380   -16.842 2.721   1.00 12.86 ? 6  LYS A HB2  1 
ATOM 100  H HB3  . LYS A 1 6  ? 0.747   -15.166 2.338   1.00 12.01 ? 6  LYS A HB3  1 
ATOM 101  H HG2  . LYS A 1 6  ? -1.435  -14.801 2.254   1.00 12.83 ? 6  LYS A HG2  1 
ATOM 102  H HG3  . LYS A 1 6  ? -1.473  -15.771 0.779   1.00 13.48 ? 6  LYS A HG3  1 
ATOM 103  H HD2  . LYS A 1 6  ? -1.844  -17.786 2.128   1.00 13.62 ? 6  LYS A HD2  1 
ATOM 104  H HD3  . LYS A 1 6  ? -1.828  -16.803 3.592   1.00 13.35 ? 6  LYS A HD3  1 
ATOM 105  H HE2  . LYS A 1 6  ? -4.112  -17.303 2.892   1.00 14.39 ? 6  LYS A HE2  1 
ATOM 106  H HE3  . LYS A 1 6  ? -3.779  -15.574 2.799   1.00 14.60 ? 6  LYS A HE3  1 
ATOM 107  H HZ1  . LYS A 1 6  ? -3.215  -16.108 0.353   1.00 15.16 ? 6  LYS A HZ1  1 
ATOM 108  H HZ2  . LYS A 1 6  ? -4.838  -15.998 0.813   1.00 15.33 ? 6  LYS A HZ2  1 
ATOM 109  H HZ3  . LYS A 1 6  ? -4.120  -17.515 0.612   1.00 15.04 ? 6  LYS A HZ3  1 
ATOM 110  N N    . ARG A 1 7  ? 3.170   -15.576 0.565   1.00 10.01 ? 7  ARG A N    1 
ATOM 111  C CA   . ARG A 1 7  ? 4.196   -14.619 0.172   1.00 9.04  ? 7  ARG A CA   1 
ATOM 112  C C    . ARG A 1 7  ? 4.734   -14.944 -1.219  1.00 8.35  ? 7  ARG A C    1 
ATOM 113  O O    . ARG A 1 7  ? 5.426   -15.943 -1.409  1.00 8.47  ? 7  ARG A O    1 
ATOM 114  C CB   . ARG A 1 7  ? 5.342   -14.625 1.186   1.00 9.22  ? 7  ARG A CB   1 
ATOM 115  C CG   . ARG A 1 7  ? 5.568   -13.282 1.860   1.00 9.63  ? 7  ARG A CG   1 
ATOM 116  C CD   . ARG A 1 7  ? 5.812   -13.441 3.351   1.00 10.08 ? 7  ARG A CD   1 
ATOM 117  N NE   . ARG A 1 7  ? 7.235   -13.426 3.679   1.00 10.48 ? 7  ARG A NE   1 
ATOM 118  C CZ   . ARG A 1 7  ? 7.847   -14.395 4.354   1.00 11.07 ? 7  ARG A CZ   1 
ATOM 119  N NH1  . ARG A 1 7  ? 7.161   -15.451 4.771   1.00 11.32 ? 7  ARG A NH1  1 
ATOM 120  N NH2  . ARG A 1 7  ? 9.144   -14.308 4.611   1.00 11.61 ? 7  ARG A NH2  1 
ATOM 121  H H    . ARG A 1 7  ? 3.422   -16.350 1.111   1.00 10.34 ? 7  ARG A H    1 
ATOM 122  H HA   . ARG A 1 7  ? 3.747   -13.638 0.153   1.00 8.93  ? 7  ARG A HA   1 
ATOM 123  H HB2  . ARG A 1 7  ? 5.125   -15.355 1.952   1.00 9.62  ? 7  ARG A HB2  1 
ATOM 124  H HB3  . ARG A 1 7  ? 6.254   -14.908 0.681   1.00 8.91  ? 7  ARG A HB3  1 
ATOM 125  H HG2  . ARG A 1 7  ? 6.429   -12.807 1.413   1.00 9.51  ? 7  ARG A HG2  1 
ATOM 126  H HG3  . ARG A 1 7  ? 4.695   -12.663 1.709   1.00 9.98  ? 7  ARG A HG3  1 
ATOM 127  H HD2  . ARG A 1 7  ? 5.325   -12.630 3.871   1.00 10.28 ? 7  ARG A HD2  1 
ATOM 128  H HD3  . ARG A 1 7  ? 5.388   -14.380 3.674   1.00 10.16 ? 7  ARG A HD3  1 
ATOM 129  H HE   . ARG A 1 7  ? 7.762   -12.656 3.380   1.00 10.46 ? 7  ARG A HE   1 
ATOM 130  H HH11 . ARG A 1 7  ? 6.181   -15.519 4.581   1.00 11.07 ? 7  ARG A HH11 1 
ATOM 131  H HH12 . ARG A 1 7  ? 7.624   -16.178 5.279   1.00 11.88 ? 7  ARG A HH12 1 
ATOM 132  H HH21 . ARG A 1 7  ? 9.665   -13.514 4.299   1.00 11.59 ? 7  ARG A HH21 1 
ATOM 133  H HH22 . ARG A 1 7  ? 9.602   -15.039 5.120   1.00 12.16 ? 7  ARG A HH22 1 
ATOM 134  N N    . ASN A 1 8  ? 4.410   -14.092 -2.186  1.00 7.89  ? 8  ASN A N    1 
ATOM 135  C CA   . ASN A 1 8  ? 4.859   -14.291 -3.560  1.00 7.45  ? 8  ASN A CA   1 
ATOM 136  C C    . ASN A 1 8  ? 5.645   -13.082 -4.058  1.00 6.50  ? 8  ASN A C    1 
ATOM 137  O O    . ASN A 1 8  ? 5.093   -11.993 -4.221  1.00 6.42  ? 8  ASN A O    1 
ATOM 138  C CB   . ASN A 1 8  ? 3.663   -14.549 -4.478  1.00 8.24  ? 8  ASN A CB   1 
ATOM 139  C CG   . ASN A 1 8  ? 2.712   -15.583 -3.910  1.00 9.08  ? 8  ASN A CG   1 
ATOM 140  O OD1  . ASN A 1 8  ? 1.494   -15.408 -3.944  1.00 9.44  ? 8  ASN A OD1  1 
ATOM 141  N ND2  . ASN A 1 8  ? 3.265   -16.670 -3.383  1.00 9.62  ? 8  ASN A ND2  1 
ATOM 142  H H    . ASN A 1 8  ? 3.853   -13.313 -1.973  1.00 8.03  ? 8  ASN A H    1 
ATOM 143  H HA   . ASN A 1 8  ? 5.506   -15.155 -3.575  1.00 7.50  ? 8  ASN A HA   1 
ATOM 144  H HB2  . ASN A 1 8  ? 3.119   -13.627 -4.620  1.00 8.58  ? 8  ASN A HB2  1 
ATOM 145  H HB3  . ASN A 1 8  ? 4.022   -14.902 -5.434  1.00 8.11  ? 8  ASN A HB3  1 
ATOM 146  H HD21 . ASN A 1 8  ? 4.243   -16.742 -3.390  1.00 9.47  ? 8  ASN A HD21 1 
ATOM 147  H HD22 . ASN A 1 8  ? 2.673   -17.355 -3.009  1.00 10.28 ? 8  ASN A HD22 1 
ATOM 148  N N    . GLU A 1 9  ? 6.939   -13.282 -4.298  1.00 6.08  ? 9  GLU A N    1 
ATOM 149  C CA   . GLU A 1 9  ? 7.804   -12.211 -4.779  1.00 5.41  ? 9  GLU A CA   1 
ATOM 150  C C    . GLU A 1 9  ? 8.433   -12.583 -6.119  1.00 4.74  ? 9  GLU A C    1 
ATOM 151  O O    . GLU A 1 9  ? 9.564   -13.068 -6.173  1.00 5.10  ? 9  GLU A O    1 
ATOM 152  C CB   . GLU A 1 9  ? 8.899   -11.908 -3.752  1.00 5.89  ? 9  GLU A CB   1 
ATOM 153  C CG   . GLU A 1 9  ? 9.379   -13.134 -2.988  1.00 6.45  ? 9  GLU A CG   1 
ATOM 154  C CD   . GLU A 1 9  ? 9.233   -12.978 -1.486  1.00 7.14  ? 9  GLU A CD   1 
ATOM 155  O OE1  . GLU A 1 9  ? 10.020  -12.214 -0.890  1.00 7.28  ? 9  GLU A OE1  1 
ATOM 156  O OE2  . GLU A 1 9  ? 8.332   -13.620 -0.909  1.00 7.78  ? 9  GLU A OE2  1 
ATOM 157  H H    . GLU A 1 9  ? 7.318   -14.173 -4.149  1.00 6.45  ? 9  GLU A H    1 
ATOM 158  H HA   . GLU A 1 9  ? 7.196   -11.331 -4.912  1.00 5.42  ? 9  GLU A HA   1 
ATOM 159  H HB2  . GLU A 1 9  ? 9.747   -11.479 -4.265  1.00 6.18  ? 9  GLU A HB2  1 
ATOM 160  H HB3  . GLU A 1 9  ? 8.520   -11.193 -3.038  1.00 5.91  ? 9  GLU A HB3  1 
ATOM 161  H HG2  . GLU A 1 9  ? 8.798   -13.989 -3.304  1.00 6.46  ? 9  GLU A HG2  1 
ATOM 162  H HG3  . GLU A 1 9  ? 10.420  -13.302 -3.219  1.00 6.71  ? 9  GLU A HG3  1 
ATOM 163  N N    . LEU A 1 10 ? 7.692   -12.349 -7.198  1.00 4.10  ? 10 LEU A N    1 
ATOM 164  C CA   . LEU A 1 10 ? 8.176   -12.659 -8.540  1.00 3.85  ? 10 LEU A CA   1 
ATOM 165  C C    . LEU A 1 10 ? 7.925   -11.495 -9.495  1.00 3.22  ? 10 LEU A C    1 
ATOM 166  O O    . LEU A 1 10 ? 7.073   -11.576 -10.382 1.00 2.99  ? 10 LEU A O    1 
ATOM 167  C CB   . LEU A 1 10 ? 7.500   -13.927 -9.069  1.00 4.41  ? 10 LEU A CB   1 
ATOM 168  C CG   . LEU A 1 10 ? 5.989   -14.000 -8.843  1.00 5.05  ? 10 LEU A CG   1 
ATOM 169  C CD1  . LEU A 1 10 ? 5.267   -14.267 -10.156 1.00 5.63  ? 10 LEU A CD1  1 
ATOM 170  C CD2  . LEU A 1 10 ? 5.655   -15.076 -7.822  1.00 5.72  ? 10 LEU A CD2  1 
ATOM 171  H H    . LEU A 1 10 ? 6.798   -11.961 -7.091  1.00 4.10  ? 10 LEU A H    1 
ATOM 172  H HA   . LEU A 1 10 ? 9.239   -12.830 -8.474  1.00 4.15  ? 10 LEU A HA   1 
ATOM 173  H HB2  . LEU A 1 10 ? 7.690   -13.993 -10.130 1.00 4.45  ? 10 LEU A HB2  1 
ATOM 174  H HB3  . LEU A 1 10 ? 7.955   -14.779 -8.587  1.00 4.79  ? 10 LEU A HB3  1 
ATOM 175  H HG   . LEU A 1 10 ? 5.643   -13.052 -8.460  1.00 5.05  ? 10 LEU A HG   1 
ATOM 176  H HD11 . LEU A 1 10 ? 4.348   -13.701 -10.183 1.00 5.87  ? 10 LEU A HD11 1 
ATOM 177  H HD12 . LEU A 1 10 ? 5.898   -13.969 -10.981 1.00 5.89  ? 10 LEU A HD12 1 
ATOM 178  H HD13 . LEU A 1 10 ? 5.043   -15.320 -10.236 1.00 5.93  ? 10 LEU A HD13 1 
ATOM 179  H HD21 . LEU A 1 10 ? 4.638   -14.946 -7.482  1.00 5.90  ? 10 LEU A HD21 1 
ATOM 180  H HD22 . LEU A 1 10 ? 5.762   -16.049 -8.277  1.00 5.76  ? 10 LEU A HD22 1 
ATOM 181  H HD23 . LEU A 1 10 ? 6.329   -14.995 -6.982  1.00 6.32  ? 10 LEU A HD23 1 
ATOM 182  N N    . GLY A 1 11 ? 8.675   -10.412 -9.308  1.00 3.08  ? 11 GLY A N    1 
ATOM 183  C CA   . GLY A 1 11 ? 8.523   -9.247  -10.161 1.00 2.66  ? 11 GLY A CA   1 
ATOM 184  C C    . GLY A 1 11 ? 7.423   -8.318  -9.687  1.00 2.02  ? 11 GLY A C    1 
ATOM 185  O O    . GLY A 1 11 ? 6.965   -7.456  -10.438 1.00 1.77  ? 11 GLY A O    1 
ATOM 186  H H    . GLY A 1 11 ? 9.338   -10.405 -8.587  1.00 3.38  ? 11 GLY A H    1 
ATOM 187  H HA2  . GLY A 1 11 ? 9.456   -8.704  -10.178 1.00 2.87  ? 11 GLY A HA2  1 
ATOM 188  H HA3  . GLY A 1 11 ? 8.293   -9.577  -11.164 1.00 2.74  ? 11 GLY A HA3  1 
ATOM 189  N N    . LEU A 1 12 ? 6.998   -8.492  -8.440  1.00 1.95  ? 12 LEU A N    1 
ATOM 190  C CA   . LEU A 1 12 ? 5.943   -7.662  -7.869  1.00 1.49  ? 12 LEU A CA   1 
ATOM 191  C C    . LEU A 1 12 ? 6.530   -6.423  -7.195  1.00 1.07  ? 12 LEU A C    1 
ATOM 192  O O    . LEU A 1 12 ? 7.494   -6.522  -6.434  1.00 1.33  ? 12 LEU A O    1 
ATOM 193  C CB   . LEU A 1 12 ? 5.123   -8.466  -6.856  1.00 1.91  ? 12 LEU A CB   1 
ATOM 194  C CG   . LEU A 1 12 ? 3.863   -9.133  -7.415  1.00 2.47  ? 12 LEU A CG   1 
ATOM 195  C CD1  . LEU A 1 12 ? 2.917   -8.091  -7.997  1.00 3.14  ? 12 LEU A CD1  1 
ATOM 196  C CD2  . LEU A 1 12 ? 4.229   -10.170 -8.467  1.00 2.97  ? 12 LEU A CD2  1 
ATOM 197  H H    . LEU A 1 12 ? 7.401   -9.197  -7.892  1.00 2.34  ? 12 LEU A H    1 
ATOM 198  H HA   . LEU A 1 12 ? 5.297   -7.347  -8.674  1.00 1.35  ? 12 LEU A HA   1 
ATOM 199  H HB2  . LEU A 1 12 ? 5.759   -9.236  -6.443  1.00 2.21  ? 12 LEU A HB2  1 
ATOM 200  H HB3  . LEU A 1 12 ? 4.827   -7.802  -6.058  1.00 1.97  ? 12 LEU A HB3  1 
ATOM 201  H HG   . LEU A 1 12 ? 3.345   -9.637  -6.613  1.00 2.77  ? 12 LEU A HG   1 
ATOM 202  H HD11 . LEU A 1 12 ? 2.261   -8.561  -8.714  1.00 3.56  ? 12 LEU A HD11 1 
ATOM 203  H HD12 . LEU A 1 12 ? 2.329   -7.656  -7.203  1.00 3.41  ? 12 LEU A HD12 1 
ATOM 204  H HD13 . LEU A 1 12 ? 3.489   -7.317  -8.486  1.00 3.57  ? 12 LEU A HD13 1 
ATOM 205  H HD21 . LEU A 1 12 ? 4.946   -10.863 -8.054  1.00 3.32  ? 12 LEU A HD21 1 
ATOM 206  H HD22 . LEU A 1 12 ? 3.340   -10.707 -8.767  1.00 3.46  ? 12 LEU A HD22 1 
ATOM 207  H HD23 . LEU A 1 12 ? 4.657   -9.677  -9.325  1.00 3.16  ? 12 LEU A HD23 1 
ATOM 208  N N    . PRO A 1 13 ? 5.957   -5.235  -7.462  1.00 0.64  ? 13 PRO A N    1 
ATOM 209  C CA   . PRO A 1 13 ? 6.434   -3.978  -6.874  1.00 0.61  ? 13 PRO A CA   1 
ATOM 210  C C    . PRO A 1 13 ? 6.368   -3.997  -5.351  1.00 0.47  ? 13 PRO A C    1 
ATOM 211  O O    . PRO A 1 13 ? 5.478   -4.615  -4.766  1.00 0.48  ? 13 PRO A O    1 
ATOM 212  C CB   . PRO A 1 13 ? 5.475   -2.923  -7.437  1.00 0.91  ? 13 PRO A CB   1 
ATOM 213  C CG   . PRO A 1 13 ? 4.881   -3.549  -8.653  1.00 1.06  ? 13 PRO A CG   1 
ATOM 214  C CD   . PRO A 1 13 ? 4.808   -5.019  -8.359  1.00 0.76  ? 13 PRO A CD   1 
ATOM 215  H HA   . PRO A 1 13 ? 7.443   -3.755  -7.186  1.00 0.94  ? 13 PRO A HA   1 
ATOM 216  H HB2  . PRO A 1 13 ? 4.717   -2.693  -6.702  1.00 1.09  ? 13 PRO A HB2  1 
ATOM 217  H HB3  . PRO A 1 13 ? 6.025   -2.028  -7.686  1.00 1.26  ? 13 PRO A HB3  1 
ATOM 218  H HG2  . PRO A 1 13 ? 3.892   -3.150  -8.827  1.00 1.60  ? 13 PRO A HG2  1 
ATOM 219  H HG3  . PRO A 1 13 ? 5.517   -3.369  -9.508  1.00 1.39  ? 13 PRO A HG3  1 
ATOM 220  H HD2  . PRO A 1 13 ? 3.879   -5.259  -7.862  1.00 1.18  ? 13 PRO A HD2  1 
ATOM 221  H HD3  . PRO A 1 13 ? 4.913   -5.593  -9.267  1.00 0.77  ? 13 PRO A HD3  1 
ATOM 222  N N    . LYS A 1 14 ? 7.317   -3.319  -4.714  1.00 0.44  ? 14 LYS A N    1 
ATOM 223  C CA   . LYS A 1 14 ? 7.371   -3.262  -3.257  1.00 0.35  ? 14 LYS A CA   1 
ATOM 224  C C    . LYS A 1 14 ? 7.809   -1.879  -2.783  1.00 0.33  ? 14 LYS A C    1 
ATOM 225  O O    . LYS A 1 14 ? 8.712   -1.272  -3.360  1.00 0.37  ? 14 LYS A O    1 
ATOM 226  C CB   . LYS A 1 14 ? 8.335   -4.323  -2.723  1.00 0.40  ? 14 LYS A CB   1 
ATOM 227  C CG   . LYS A 1 14 ? 7.772   -5.735  -2.770  1.00 0.42  ? 14 LYS A CG   1 
ATOM 228  C CD   . LYS A 1 14 ? 8.852   -6.753  -3.103  1.00 0.69  ? 14 LYS A CD   1 
ATOM 229  C CE   . LYS A 1 14 ? 9.583   -7.218  -1.854  1.00 0.90  ? 14 LYS A CE   1 
ATOM 230  N NZ   . LYS A 1 14 ? 10.890  -6.526  -1.685  1.00 1.58  ? 14 LYS A NZ   1 
ATOM 231  H H    . LYS A 1 14 ? 8.001   -2.849  -5.235  1.00 0.54  ? 14 LYS A H    1 
ATOM 232  H HA   . LYS A 1 14 ? 6.381   -3.463  -2.879  1.00 0.33  ? 14 LYS A HA   1 
ATOM 233  H HB2  . LYS A 1 14 ? 9.241   -4.298  -3.311  1.00 0.48  ? 14 LYS A HB2  1 
ATOM 234  H HB3  . LYS A 1 14 ? 8.576   -4.089  -1.696  1.00 0.47  ? 14 LYS A HB3  1 
ATOM 235  H HG2  . LYS A 1 14 ? 7.349   -5.975  -1.807  1.00 0.67  ? 14 LYS A HG2  1 
ATOM 236  H HG3  . LYS A 1 14 ? 7.003   -5.778  -3.527  1.00 0.61  ? 14 LYS A HG3  1 
ATOM 237  H HD2  . LYS A 1 14 ? 8.393   -7.607  -3.578  1.00 1.31  ? 14 LYS A HD2  1 
ATOM 238  H HD3  . LYS A 1 14 ? 9.563   -6.302  -3.779  1.00 1.25  ? 14 LYS A HD3  1 
ATOM 239  H HE2  . LYS A 1 14 ? 8.965   -7.013  -0.993  1.00 1.56  ? 14 LYS A HE2  1 
ATOM 240  H HE3  . LYS A 1 14 ? 9.755   -8.282  -1.927  1.00 1.51  ? 14 LYS A HE3  1 
ATOM 241  H HZ1  . LYS A 1 14 ? 11.058  -5.880  -2.482  1.00 2.05  ? 14 LYS A HZ1  1 
ATOM 242  H HZ2  . LYS A 1 14 ? 11.662  -7.223  -1.650  1.00 2.10  ? 14 LYS A HZ2  1 
ATOM 243  H HZ3  . LYS A 1 14 ? 10.894  -5.978  -0.801  1.00 2.11  ? 14 LYS A HZ3  1 
ATOM 244  N N    . MET A 1 15 ? 7.165   -1.382  -1.729  1.00 0.30  ? 15 MET A N    1 
ATOM 245  C CA   . MET A 1 15 ? 7.495   -0.070  -1.186  1.00 0.31  ? 15 MET A CA   1 
ATOM 246  C C    . MET A 1 15 ? 7.440   -0.080  0.337   1.00 0.27  ? 15 MET A C    1 
ATOM 247  O O    . MET A 1 15 ? 6.668   -0.826  0.932   1.00 0.29  ? 15 MET A O    1 
ATOM 248  C CB   . MET A 1 15 ? 6.537   0.995   -1.729  1.00 0.34  ? 15 MET A CB   1 
ATOM 249  C CG   . MET A 1 15 ? 6.464   1.040   -3.247  1.00 0.53  ? 15 MET A CG   1 
ATOM 250  S SD   . MET A 1 15 ? 6.853   2.672   -3.910  1.00 1.03  ? 15 MET A SD   1 
ATOM 251  C CE   . MET A 1 15 ? 6.254   2.509   -5.590  1.00 1.11  ? 15 MET A CE   1 
ATOM 252  H H    . MET A 1 15 ? 6.453   -1.912  -1.306  1.00 0.29  ? 15 MET A H    1 
ATOM 253  H HA   . MET A 1 15 ? 8.500   0.173   -1.496  1.00 0.35  ? 15 MET A HA   1 
ATOM 254  H HB2  . MET A 1 15 ? 5.546   0.796   -1.349  1.00 0.41  ? 15 MET A HB2  1 
ATOM 255  H HB3  . MET A 1 15 ? 6.859   1.964   -1.378  1.00 0.39  ? 15 MET A HB3  1 
ATOM 256  H HG2  . MET A 1 15 ? 7.170   0.327   -3.650  1.00 0.78  ? 15 MET A HG2  1 
ATOM 257  H HG3  . MET A 1 15 ? 5.466   0.770   -3.555  1.00 0.79  ? 15 MET A HG3  1 
ATOM 258  H HE1  . MET A 1 15 ? 6.867   1.795   -6.123  1.00 1.69  ? 15 MET A HE1  1 
ATOM 259  H HE2  . MET A 1 15 ? 5.231   2.165   -5.576  1.00 1.51  ? 15 MET A HE2  1 
ATOM 260  H HE3  . MET A 1 15 ? 6.306   3.467   -6.085  1.00 1.57  ? 15 MET A HE3  1 
ATOM 261  N N    . GLU A 1 16 ? 8.259   0.761   0.960   1.00 0.23  ? 16 GLU A N    1 
ATOM 262  C CA   . GLU A 1 16 ? 8.297   0.849   2.414   1.00 0.22  ? 16 GLU A CA   1 
ATOM 263  C C    . GLU A 1 16 ? 7.664   2.154   2.885   1.00 0.20  ? 16 GLU A C    1 
ATOM 264  O O    . GLU A 1 16 ? 8.088   3.241   2.494   1.00 0.20  ? 16 GLU A O    1 
ATOM 265  C CB   . GLU A 1 16 ? 9.739   0.751   2.919   1.00 0.24  ? 16 GLU A CB   1 
ATOM 266  C CG   . GLU A 1 16 ? 10.702  1.692   2.211   1.00 1.26  ? 16 GLU A CG   1 
ATOM 267  C CD   . GLU A 1 16 ? 12.110  1.608   2.768   1.00 1.37  ? 16 GLU A CD   1 
ATOM 268  O OE1  . GLU A 1 16 ? 12.349  2.160   3.863   1.00 1.67  ? 16 GLU A OE1  1 
ATOM 269  O OE2  . GLU A 1 16 ? 12.973  0.989   2.109   1.00 1.78  ? 16 GLU A OE2  1 
ATOM 270  H H    . GLU A 1 16 ? 8.848   1.335   0.430   1.00 0.23  ? 16 GLU A H    1 
ATOM 271  H HA   . GLU A 1 16 ? 7.727   0.022   2.812   1.00 0.24  ? 16 GLU A HA   1 
ATOM 272  H HB2  . GLU A 1 16 ? 9.754   0.983   3.974   1.00 0.91  ? 16 GLU A HB2  1 
ATOM 273  H HB3  . GLU A 1 16 ? 10.088  -0.260  2.778   1.00 0.90  ? 16 GLU A HB3  1 
ATOM 274  H HG2  . GLU A 1 16 ? 10.729  1.435   1.163   1.00 1.89  ? 16 GLU A HG2  1 
ATOM 275  H HG3  . GLU A 1 16 ? 10.345  2.705   2.324   1.00 1.82  ? 16 GLU A HG3  1 
ATOM 276  N N    . VAL A 1 17 ? 6.638   2.035   3.723   1.00 0.22  ? 17 VAL A N    1 
ATOM 277  C CA   . VAL A 1 17 ? 5.936   3.202   4.242   1.00 0.24  ? 17 VAL A CA   1 
ATOM 278  C C    . VAL A 1 17 ? 6.853   4.057   5.110   1.00 0.27  ? 17 VAL A C    1 
ATOM 279  O O    . VAL A 1 17 ? 7.677   3.537   5.862   1.00 0.29  ? 17 VAL A O    1 
ATOM 280  C CB   . VAL A 1 17 ? 4.700   2.797   5.068   1.00 0.25  ? 17 VAL A CB   1 
ATOM 281  C CG1  . VAL A 1 17 ? 3.801   4.000   5.301   1.00 0.34  ? 17 VAL A CG1  1 
ATOM 282  C CG2  . VAL A 1 17 ? 3.933   1.678   4.375   1.00 0.33  ? 17 VAL A CG2  1 
ATOM 283  H H    . VAL A 1 17 ? 6.343   1.140   3.992   1.00 0.23  ? 17 VAL A H    1 
ATOM 284  H HA   . VAL A 1 17 ? 5.603   3.791   3.400   1.00 0.31  ? 17 VAL A HA   1 
ATOM 285  H HB   . VAL A 1 17 ? 5.036   2.434   6.028   1.00 0.24  ? 17 VAL A HB   1 
ATOM 286  H HG11 . VAL A 1 17 ? 3.100   4.089   4.486   1.00 1.14  ? 17 VAL A HG11 1 
ATOM 287  H HG12 . VAL A 1 17 ? 3.260   3.870   6.229   1.00 0.99  ? 17 VAL A HG12 1 
ATOM 288  H HG13 . VAL A 1 17 ? 4.404   4.893   5.359   1.00 1.09  ? 17 VAL A HG13 1 
ATOM 289  H HG21 . VAL A 1 17 ? 2.978   1.544   4.863   1.00 1.03  ? 17 VAL A HG21 1 
ATOM 290  H HG22 . VAL A 1 17 ? 3.774   1.937   3.339   1.00 1.08  ? 17 VAL A HG22 1 
ATOM 291  H HG23 . VAL A 1 17 ? 4.499   0.762   4.436   1.00 1.10  ? 17 VAL A HG23 1 
ATOM 292  N N    . PHE A 1 18 ? 6.699   5.373   4.999   1.00 0.35  ? 18 PHE A N    1 
ATOM 293  C CA   . PHE A 1 18 ? 7.510   6.306   5.773   1.00 0.42  ? 18 PHE A CA   1 
ATOM 294  C C    . PHE A 1 18 ? 6.697   6.920   6.908   1.00 0.40  ? 18 PHE A C    1 
ATOM 295  O O    . PHE A 1 18 ? 7.240   7.263   7.958   1.00 0.46  ? 18 PHE A O    1 
ATOM 296  C CB   . PHE A 1 18 ? 8.060   7.410   4.868   1.00 0.57  ? 18 PHE A CB   1 
ATOM 297  C CG   . PHE A 1 18 ? 9.553   7.370   4.715   1.00 1.08  ? 18 PHE A CG   1 
ATOM 298  C CD1  . PHE A 1 18 ? 10.379  7.783   5.749   1.00 1.60  ? 18 PHE A CD1  1 
ATOM 299  C CD2  . PHE A 1 18 ? 10.131  6.923   3.539   1.00 1.81  ? 18 PHE A CD2  1 
ATOM 300  C CE1  . PHE A 1 18 ? 11.754  7.748   5.611   1.00 2.76  ? 18 PHE A CE1  1 
ATOM 301  C CE2  . PHE A 1 18 ? 11.505  6.886   3.396   1.00 2.95  ? 18 PHE A CE2  1 
ATOM 302  C CZ   . PHE A 1 18 ? 12.317  7.296   4.435   1.00 3.42  ? 18 PHE A CZ   1 
ATOM 303  H H    . PHE A 1 18 ? 6.025   5.726   4.384   1.00 0.39  ? 18 PHE A H    1 
ATOM 304  H HA   . PHE A 1 18 ? 8.337   5.755   6.196   1.00 0.44  ? 18 PHE A HA   1 
ATOM 305  H HB2  . PHE A 1 18 ? 7.623   7.310   3.886   1.00 1.48  ? 18 PHE A HB2  1 
ATOM 306  H HB3  . PHE A 1 18 ? 7.792   8.370   5.280   1.00 1.18  ? 18 PHE A HB3  1 
ATOM 307  H HD1  . PHE A 1 18 ? 9.939   8.133   6.671   1.00 1.25  ? 18 PHE A HD1  1 
ATOM 308  H HD2  . PHE A 1 18 ? 9.497   6.599   2.728   1.00 1.60  ? 18 PHE A HD2  1 
ATOM 309  H HE1  . PHE A 1 18 ? 12.387  8.073   6.425   1.00 3.20  ? 18 PHE A HE1  1 
ATOM 310  H HE2  . PHE A 1 18 ? 11.943  6.534   2.473   1.00 3.54  ? 18 PHE A HE2  1 
ATOM 311  H HZ   . PHE A 1 18 ? 13.392  7.267   4.326   1.00 4.35  ? 18 PHE A HZ   1 
ATOM 312  N N    . GLN A 1 19 ? 5.392   7.058   6.688   1.00 0.40  ? 19 GLN A N    1 
ATOM 313  C CA   . GLN A 1 19 ? 4.504   7.632   7.695   1.00 0.41  ? 19 GLN A CA   1 
ATOM 314  C C    . GLN A 1 19 ? 3.682   6.544   8.383   1.00 0.33  ? 19 GLN A C    1 
ATOM 315  O O    . GLN A 1 19 ? 3.667   5.395   7.944   1.00 0.35  ? 19 GLN A O    1 
ATOM 316  C CB   . GLN A 1 19 ? 3.587   8.685   7.055   1.00 0.54  ? 19 GLN A CB   1 
ATOM 317  C CG   . GLN A 1 19 ? 2.190   8.183   6.720   1.00 1.07  ? 19 GLN A CG   1 
ATOM 318  C CD   . GLN A 1 19 ? 2.190   7.128   5.631   1.00 1.71  ? 19 GLN A CD   1 
ATOM 319  O OE1  . GLN A 1 19 ? 1.536   6.093   5.754   1.00 2.82  ? 19 GLN A OE1  1 
ATOM 320  N NE2  . GLN A 1 19 ? 2.924   7.388   4.556   1.00 1.38  ? 19 GLN A NE2  1 
ATOM 321  H H    . GLN A 1 19 ? 5.018   6.766   5.829   1.00 0.44  ? 19 GLN A H    1 
ATOM 322  H HA   . GLN A 1 19 ? 5.123   8.115   8.436   1.00 0.47  ? 19 GLN A HA   1 
ATOM 323  H HB2  . GLN A 1 19 ? 3.490   9.518   7.735   1.00 1.30  ? 19 GLN A HB2  1 
ATOM 324  H HB3  . GLN A 1 19 ? 4.048   9.035   6.142   1.00 1.15  ? 19 GLN A HB3  1 
ATOM 325  H HG2  . GLN A 1 19 ? 1.751   7.757   7.610   1.00 1.51  ? 19 GLN A HG2  1 
ATOM 326  H HG3  . GLN A 1 19 ? 1.591   9.019   6.390   1.00 1.57  ? 19 GLN A HG3  1 
ATOM 327  H HE21 . GLN A 1 19 ? 3.418   8.233   4.527   1.00 1.19  ? 19 GLN A HE21 1 
ATOM 328  H HE22 . GLN A 1 19 ? 2.943   6.722   3.836   1.00 1.86  ? 19 GLN A HE22 1 
ATOM 329  N N    . GLU A 1 20 ? 3.002   6.912   9.465   1.00 0.34  ? 20 GLU A N    1 
ATOM 330  C CA   . GLU A 1 20 ? 2.182   5.965   10.211  1.00 0.34  ? 20 GLU A CA   1 
ATOM 331  C C    . GLU A 1 20 ? 0.727   6.425   10.265  1.00 0.37  ? 20 GLU A C    1 
ATOM 332  O O    . GLU A 1 20 ? 0.328   7.153   11.176  1.00 0.53  ? 20 GLU A O    1 
ATOM 333  C CB   . GLU A 1 20 ? 2.727   5.787   11.632  1.00 0.42  ? 20 GLU A CB   1 
ATOM 334  C CG   . GLU A 1 20 ? 3.202   7.084   12.269  1.00 0.59  ? 20 GLU A CG   1 
ATOM 335  C CD   . GLU A 1 20 ? 2.680   7.263   13.680  1.00 1.13  ? 20 GLU A CD   1 
ATOM 336  O OE1  . GLU A 1 20 ? 1.464   7.500   13.838  1.00 1.61  ? 20 GLU A OE1  1 
ATOM 337  O OE2  . GLU A 1 20 ? 3.488   7.168   14.628  1.00 1.95  ? 20 GLU A OE2  1 
ATOM 338  H H    . GLU A 1 20 ? 3.055   7.844   9.770   1.00 0.41  ? 20 GLU A H    1 
ATOM 339  H HA   . GLU A 1 20 ? 2.225   5.015   9.698   1.00 0.34  ? 20 GLU A HA   1 
ATOM 340  H HB2  . GLU A 1 20 ? 1.948   5.369   12.253  1.00 0.64  ? 20 GLU A HB2  1 
ATOM 341  H HB3  . GLU A 1 20 ? 3.559   5.099   11.602  1.00 0.64  ? 20 GLU A HB3  1 
ATOM 342  H HG2  . GLU A 1 20 ? 4.280   7.081   12.299  1.00 1.17  ? 20 GLU A HG2  1 
ATOM 343  H HG3  . GLU A 1 20 ? 2.861   7.912   11.667  1.00 1.20  ? 20 GLU A HG3  1 
ATOM 344  N N    . TYR A 1 21 ? -0.061  5.996   9.283   1.00 0.36  ? 21 TYR A N    1 
ATOM 345  C CA   . TYR A 1 21 ? -1.472  6.364   9.218   1.00 0.42  ? 21 TYR A CA   1 
ATOM 346  C C    . TYR A 1 21 ? -2.355  5.233   9.736   1.00 0.36  ? 21 TYR A C    1 
ATOM 347  O O    . TYR A 1 21 ? -2.112  4.061   9.447   1.00 0.37  ? 21 TYR A O    1 
ATOM 348  C CB   . TYR A 1 21 ? -1.868  6.714   7.780   1.00 0.56  ? 21 TYR A CB   1 
ATOM 349  C CG   . TYR A 1 21 ? -1.483  8.119   7.353   1.00 0.66  ? 21 TYR A CG   1 
ATOM 350  C CD1  . TYR A 1 21 ? -1.344  9.144   8.284   1.00 0.96  ? 21 TYR A CD1  1 
ATOM 351  C CD2  . TYR A 1 21 ? -1.262  8.419   6.014   1.00 0.99  ? 21 TYR A CD2  1 
ATOM 352  C CE1  . TYR A 1 21 ? -0.994  10.423  7.892   1.00 1.11  ? 21 TYR A CE1  1 
ATOM 353  C CE2  . TYR A 1 21 ? -0.913  9.695   5.616   1.00 1.09  ? 21 TYR A CE2  1 
ATOM 354  C CZ   . TYR A 1 21 ? -0.780  10.692  6.557   1.00 0.98  ? 21 TYR A CZ   1 
ATOM 355  O OH   . TYR A 1 21 ? -0.434  11.964  6.164   1.00 1.16  ? 21 TYR A OH   1 
ATOM 356  H H    . TYR A 1 21 ? 0.316   5.418   8.586   1.00 0.42  ? 21 TYR A H    1 
ATOM 357  H HA   . TYR A 1 21 ? -1.616  7.232   9.844   1.00 0.49  ? 21 TYR A HA   1 
ATOM 358  H HB2  . TYR A 1 21 ? -1.387  6.023   7.104   1.00 0.58  ? 21 TYR A HB2  1 
ATOM 359  H HB3  . TYR A 1 21 ? -2.939  6.621   7.678   1.00 0.65  ? 21 TYR A HB3  1 
ATOM 360  H HD1  . TYR A 1 21 ? -1.510  8.929   9.329   1.00 1.30  ? 21 TYR A HD1  1 
ATOM 361  H HD2  . TYR A 1 21 ? -1.365  7.635   5.278   1.00 1.36  ? 21 TYR A HD2  1 
ATOM 362  H HE1  . TYR A 1 21 ? -0.891  11.204  8.630   1.00 1.51  ? 21 TYR A HE1  1 
ATOM 363  H HE2  . TYR A 1 21 ? -0.747  9.906   4.569   1.00 1.48  ? 21 TYR A HE2  1 
ATOM 364  H HH   . TYR A 1 21 ? -1.022  12.253  5.462   1.00 1.49  ? 21 TYR A HH   1 
ATOM 365  N N    . TYR A 1 22 ? -3.382  5.593   10.501  1.00 0.37  ? 22 TYR A N    1 
ATOM 366  C CA   . TYR A 1 22 ? -4.304  4.609   11.057  1.00 0.39  ? 22 TYR A CA   1 
ATOM 367  C C    . TYR A 1 22 ? -5.736  4.896   10.616  1.00 0.42  ? 22 TYR A C    1 
ATOM 368  O O    . TYR A 1 22 ? -6.615  5.151   11.440  1.00 0.50  ? 22 TYR A O    1 
ATOM 369  C CB   . TYR A 1 22 ? -4.220  4.603   12.586  1.00 0.45  ? 22 TYR A CB   1 
ATOM 370  C CG   . TYR A 1 22 ? -2.819  4.404   13.120  1.00 0.68  ? 22 TYR A CG   1 
ATOM 371  C CD1  . TYR A 1 22 ? -2.107  3.242   12.849  1.00 1.02  ? 22 TYR A CD1  1 
ATOM 372  C CD2  . TYR A 1 22 ? -2.210  5.379   13.901  1.00 1.07  ? 22 TYR A CD2  1 
ATOM 373  C CE1  . TYR A 1 22 ? -0.827  3.058   13.338  1.00 1.40  ? 22 TYR A CE1  1 
ATOM 374  C CE2  . TYR A 1 22 ? -0.931  5.203   14.394  1.00 1.44  ? 22 TYR A CE2  1 
ATOM 375  C CZ   . TYR A 1 22 ? -0.244  4.042   14.110  1.00 1.52  ? 22 TYR A CZ   1 
ATOM 376  O OH   . TYR A 1 22 ? 1.029   3.861   14.600  1.00 1.98  ? 22 TYR A OH   1 
ATOM 377  H H    . TYR A 1 22 ? -3.524  6.544   10.694  1.00 0.42  ? 22 TYR A H    1 
ATOM 378  H HA   . TYR A 1 22 ? -4.015  3.637   10.686  1.00 0.41  ? 22 TYR A HA   1 
ATOM 379  H HB2  . TYR A 1 22 ? -4.587  5.546   12.964  1.00 0.65  ? 22 TYR A HB2  1 
ATOM 380  H HB3  . TYR A 1 22 ? -4.839  3.804   12.969  1.00 0.62  ? 22 TYR A HB3  1 
ATOM 381  H HD1  . TYR A 1 22 ? -2.566  2.474   12.244  1.00 1.22  ? 22 TYR A HD1  1 
ATOM 382  H HD2  . TYR A 1 22 ? -2.751  6.289   14.121  1.00 1.29  ? 22 TYR A HD2  1 
ATOM 383  H HE1  . TYR A 1 22 ? -0.290  2.150   13.115  1.00 1.77  ? 22 TYR A HE1  1 
ATOM 384  H HE2  . TYR A 1 22 ? -0.475  5.973   14.998  1.00 1.82  ? 22 TYR A HE2  1 
ATOM 385  H HH   . TYR A 1 22 ? 1.532   4.673   14.492  1.00 2.20  ? 22 TYR A HH   1 
ATOM 386  N N    . GLY A 1 23 ? -5.965  4.853   9.306   1.00 0.43  ? 23 GLY A N    1 
ATOM 387  C CA   . GLY A 1 23 ? -7.288  5.110   8.771   1.00 0.49  ? 23 GLY A CA   1 
ATOM 388  C C    . GLY A 1 23 ? -7.605  6.591   8.681   1.00 0.50  ? 23 GLY A C    1 
ATOM 389  O O    . GLY A 1 23 ? -8.735  6.974   8.380   1.00 0.56  ? 23 GLY A O    1 
ATOM 390  H H    . GLY A 1 23 ? -5.225  4.646   8.696   1.00 0.46  ? 23 GLY A H    1 
ATOM 391  H HA2  . GLY A 1 23 ? -7.355  4.681   7.782   1.00 0.52  ? 23 GLY A HA2  1 
ATOM 392  H HA3  . GLY A 1 23 ? -8.021  4.635   9.406   1.00 0.57  ? 23 GLY A HA3  1 
ATOM 393  N N    . ILE A 1 24 ? -6.602  7.425   8.944   1.00 0.52  ? 24 ILE A N    1 
ATOM 394  C CA   . ILE A 1 24 ? -6.771  8.873   8.892   1.00 0.65  ? 24 ILE A CA   1 
ATOM 395  C C    . ILE A 1 24 ? -5.596  9.531   8.170   1.00 0.73  ? 24 ILE A C    1 
ATOM 396  O O    . ILE A 1 24 ? -4.439  9.217   8.448   1.00 0.80  ? 24 ILE A O    1 
ATOM 397  C CB   . ILE A 1 24 ? -6.898  9.476   10.309  1.00 0.80  ? 24 ILE A CB   1 
ATOM 398  C CG1  . ILE A 1 24 ? -8.072  8.841   11.062  1.00 0.99  ? 24 ILE A CG1  1 
ATOM 399  C CG2  . ILE A 1 24 ? -7.060  10.990  10.237  1.00 0.84  ? 24 ILE A CG2  1 
ATOM 400  C CD1  . ILE A 1 24 ? -9.427  9.142   10.453  1.00 1.57  ? 24 ILE A CD1  1 
ATOM 401  H H    . ILE A 1 24 ? -5.724  7.057   9.177   1.00 0.50  ? 24 ILE A H    1 
ATOM 402  H HA   . ILE A 1 24 ? -7.683  9.083   8.350   1.00 0.65  ? 24 ILE A HA   1 
ATOM 403  H HB   . ILE A 1 24 ? -5.984  9.266   10.844  1.00 0.91  ? 24 ILE A HB   1 
ATOM 404  H HG12 . ILE A 1 24 ? -7.947  7.769   11.070  1.00 1.19  ? 24 ILE A HG12 1 
ATOM 405  H HG13 . ILE A 1 24 ? -8.077  9.205   12.078  1.00 1.28  ? 24 ILE A HG13 1 
ATOM 406  H HG21 . ILE A 1 24 ? -7.875  11.234  9.570   1.00 1.26  ? 24 ILE A HG21 1 
ATOM 407  H HG22 . ILE A 1 24 ? -7.274  11.376  11.223  1.00 1.24  ? 24 ILE A HG22 1 
ATOM 408  H HG23 . ILE A 1 24 ? -6.147  11.433  9.867   1.00 1.46  ? 24 ILE A HG23 1 
ATOM 409  H HD11 . ILE A 1 24 ? -9.437  8.823   9.421   1.00 2.01  ? 24 ILE A HD11 1 
ATOM 410  H HD12 . ILE A 1 24 ? -10.194 8.614   11.000  1.00 2.13  ? 24 ILE A HD12 1 
ATOM 411  H HD13 . ILE A 1 24 ? -9.617  10.205  10.503  1.00 1.91  ? 24 ILE A HD13 1 
ATOM 412  N N    . PRO A 1 25 ? -5.871  10.456  7.227   1.00 0.79  ? 25 PRO A N    1 
ATOM 413  C CA   . PRO A 1 25 ? -7.228  10.864  6.862   1.00 0.76  ? 25 PRO A CA   1 
ATOM 414  C C    . PRO A 1 25 ? -7.853  9.946   5.810   1.00 0.58  ? 25 PRO A C    1 
ATOM 415  O O    . PRO A 1 25 ? -7.161  9.444   4.924   1.00 0.55  ? 25 PRO A O    1 
ATOM 416  C CB   . PRO A 1 25 ? -7.010  12.259  6.291   1.00 0.92  ? 25 PRO A CB   1 
ATOM 417  C CG   . PRO A 1 25 ? -5.661  12.193  5.654   1.00 0.98  ? 25 PRO A CG   1 
ATOM 418  C CD   . PRO A 1 25 ? -4.857  11.185  6.443   1.00 0.93  ? 25 PRO A CD   1 
ATOM 419  H HA   . PRO A 1 25 ? -7.874  10.918  7.725   1.00 0.82  ? 25 PRO A HA   1 
ATOM 420  H HB2  . PRO A 1 25 ? -7.781  12.482  5.567   1.00 0.94  ? 25 PRO A HB2  1 
ATOM 421  H HB3  . PRO A 1 25 ? -7.033  12.986  7.088   1.00 1.07  ? 25 PRO A HB3  1 
ATOM 422  H HG2  . PRO A 1 25 ? -5.758  11.871  4.628   1.00 1.07  ? 25 PRO A HG2  1 
ATOM 423  H HG3  . PRO A 1 25 ? -5.189  13.163  5.697   1.00 1.16  ? 25 PRO A HG3  1 
ATOM 424  H HD2  . PRO A 1 25 ? -4.336  10.516  5.774   1.00 0.93  ? 25 PRO A HD2  1 
ATOM 425  H HD3  . PRO A 1 25 ? -4.158  11.689  7.093   1.00 1.07  ? 25 PRO A HD3  1 
ATOM 426  N N    . PRO A 1 26 ? -9.177  9.716   5.894   1.00 0.55  ? 26 PRO A N    1 
ATOM 427  C CA   . PRO A 1 26 ? -9.892  8.856   4.942   1.00 0.46  ? 26 PRO A CA   1 
ATOM 428  C C    . PRO A 1 26 ? -9.867  9.422   3.525   1.00 0.41  ? 26 PRO A C    1 
ATOM 429  O O    . PRO A 1 26 ? -9.747  10.632  3.334   1.00 0.47  ? 26 PRO A O    1 
ATOM 430  C CB   . PRO A 1 26 ? -11.331 8.827   5.477   1.00 0.60  ? 26 PRO A CB   1 
ATOM 431  C CG   . PRO A 1 26 ? -11.245 9.327   6.880   1.00 0.80  ? 26 PRO A CG   1 
ATOM 432  C CD   . PRO A 1 26 ? -10.080 10.270  6.914   1.00 0.71  ? 26 PRO A CD   1 
ATOM 433  H HA   . PRO A 1 26 ? -9.487  7.854   4.936   1.00 0.45  ? 26 PRO A HA   1 
ATOM 434  H HB2  . PRO A 1 26 ? -11.954 9.467   4.868   1.00 0.82  ? 26 PRO A HB2  1 
ATOM 435  H HB3  . PRO A 1 26 ? -11.707 7.816   5.443   1.00 0.70  ? 26 PRO A HB3  1 
ATOM 436  H HG2  . PRO A 1 26 ? -12.155 9.846   7.139   1.00 1.14  ? 26 PRO A HG2  1 
ATOM 437  H HG3  . PRO A 1 26 ? -11.079 8.500   7.554   1.00 1.14  ? 26 PRO A HG3  1 
ATOM 438  H HD2  . PRO A 1 26 ? -10.393 11.271  6.652   1.00 0.78  ? 26 PRO A HD2  1 
ATOM 439  H HD3  . PRO A 1 26 ? -9.613  10.261  7.887   1.00 0.90  ? 26 PRO A HD3  1 
ATOM 440  N N    . PRO A 1 27 ? -9.977  8.550   2.505   1.00 0.37  ? 27 PRO A N    1 
ATOM 441  C CA   . PRO A 1 27 ? -9.963  8.970   1.101   1.00 0.42  ? 27 PRO A CA   1 
ATOM 442  C C    . PRO A 1 27 ? -11.219 9.755   0.722   1.00 0.44  ? 27 PRO A C    1 
ATOM 443  O O    . PRO A 1 27 ? -12.299 9.504   1.256   1.00 0.40  ? 27 PRO A O    1 
ATOM 444  C CB   . PRO A 1 27 ? -9.905  7.648   0.318   1.00 0.48  ? 27 PRO A CB   1 
ATOM 445  C CG   . PRO A 1 27 ? -9.572  6.599   1.327   1.00 0.48  ? 27 PRO A CG   1 
ATOM 446  C CD   . PRO A 1 27 ? -10.116 7.095   2.633   1.00 0.39  ? 27 PRO A CD   1 
ATOM 447  H HA   . PRO A 1 27 ? -9.089  9.563   0.876   1.00 0.47  ? 27 PRO A HA   1 
ATOM 448  H HB2  . PRO A 1 27 ? -10.865 7.461   -0.142  1.00 0.69  ? 27 PRO A HB2  1 
ATOM 449  H HB3  . PRO A 1 27 ? -9.144  7.715   -0.446  1.00 0.67  ? 27 PRO A HB3  1 
ATOM 450  H HG2  . PRO A 1 27 ? -10.042 5.665   1.055   1.00 0.81  ? 27 PRO A HG2  1 
ATOM 451  H HG3  . PRO A 1 27 ? -8.501  6.478   1.390   1.00 0.71  ? 27 PRO A HG3  1 
ATOM 452  H HD2  . PRO A 1 27 ? -11.153 6.810   2.745   1.00 0.51  ? 27 PRO A HD2  1 
ATOM 453  H HD3  . PRO A 1 27 ? -9.527  6.721   3.458   1.00 0.50  ? 27 PRO A HD3  1 
ATOM 454  N N    . PRO A 1 28 ? -11.092 10.721  -0.207  1.00 0.60  ? 28 PRO A N    1 
ATOM 455  C CA   . PRO A 1 28 ? -12.222 11.543  -0.649  1.00 0.70  ? 28 PRO A CA   1 
ATOM 456  C C    . PRO A 1 28 ? -13.171 10.787  -1.574  1.00 0.77  ? 28 PRO A C    1 
ATOM 457  O O    . PRO A 1 28 ? -12.745 9.931   -2.351  1.00 0.97  ? 28 PRO A O    1 
ATOM 458  C CB   . PRO A 1 28 ? -11.545 12.688  -1.403  1.00 1.03  ? 28 PRO A CB   1 
ATOM 459  C CG   . PRO A 1 28 ? -10.286 12.090  -1.928  1.00 0.84  ? 28 PRO A CG   1 
ATOM 460  C CD   . PRO A 1 28 ? -9.840  11.092  -0.894  1.00 0.74  ? 28 PRO A CD   1 
ATOM 461  H HA   . PRO A 1 28 ? -12.778 11.939  0.189   1.00 0.65  ? 28 PRO A HA   1 
ATOM 462  H HB2  . PRO A 1 28 ? -12.188 13.026  -2.202  1.00 1.38  ? 28 PRO A HB2  1 
ATOM 463  H HB3  . PRO A 1 28 ? -11.344 13.501  -0.724  1.00 1.31  ? 28 PRO A HB3  1 
ATOM 464  H HG2  . PRO A 1 28 ? -10.479 11.596  -2.869  1.00 1.00  ? 28 PRO A HG2  1 
ATOM 465  H HG3  . PRO A 1 28 ? -9.539  12.860  -2.054  1.00 0.96  ? 28 PRO A HG3  1 
ATOM 466  H HD2  . PRO A 1 28 ? -9.391  10.232  -1.369  1.00 0.80  ? 28 PRO A HD2  1 
ATOM 467  H HD3  . PRO A 1 28 ? -9.144  11.549  -0.207  1.00 0.81  ? 28 PRO A HD3  1 
ATOM 468  N N    . GLY A 1 29 ? -14.457 11.114  -1.486  1.00 0.78  ? 29 GLY A N    1 
ATOM 469  C CA   . GLY A 1 29 ? -15.451 10.464  -2.321  1.00 0.97  ? 29 GLY A CA   1 
ATOM 470  C C    . GLY A 1 29 ? -15.509 8.965   -2.101  1.00 1.03  ? 29 GLY A C    1 
ATOM 471  O O    . GLY A 1 29 ? -14.909 8.444   -1.160  1.00 1.87  ? 29 GLY A O    1 
ATOM 472  H H    . GLY A 1 29 ? -14.733 11.807  -0.850  1.00 0.77  ? 29 GLY A H    1 
ATOM 473  H HA2  . GLY A 1 29 ? -16.420 10.886  -2.099  1.00 1.50  ? 29 GLY A HA2  1 
ATOM 474  H HA3  . GLY A 1 29 ? -15.215 10.655  -3.357  1.00 1.28  ? 29 GLY A HA3  1 
ATOM 475  N N    . ALA A 1 30 ? -16.234 8.270   -2.972  1.00 1.14  ? 30 ALA A N    1 
ATOM 476  C CA   . ALA A 1 30 ? -16.370 6.821   -2.872  1.00 1.51  ? 30 ALA A CA   1 
ATOM 477  C C    . ALA A 1 30 ? -15.278 6.111   -3.665  1.00 1.30  ? 30 ALA A C    1 
ATOM 478  O O    . ALA A 1 30 ? -15.491 5.702   -4.807  1.00 1.92  ? 30 ALA A O    1 
ATOM 479  C CB   . ALA A 1 30 ? -17.748 6.389   -3.356  1.00 1.97  ? 30 ALA A CB   1 
ATOM 480  H H    . ALA A 1 30 ? -16.688 8.743   -3.700  1.00 1.60  ? 30 ALA A H    1 
ATOM 481  H HA   . ALA A 1 30 ? -16.280 6.550   -1.831  1.00 1.98  ? 30 ALA A HA   1 
ATOM 482  H HB1  . ALA A 1 30 ? -17.865 6.660   -4.393  1.00 2.23  ? 30 ALA A HB1  1 
ATOM 483  H HB2  . ALA A 1 30 ? -17.845 5.318   -3.249  1.00 2.36  ? 30 ALA A HB2  1 
ATOM 484  H HB3  . ALA A 1 30 ? -18.507 6.879   -2.765  1.00 2.43  ? 30 ALA A HB3  1 
ATOM 485  N N    . PHE A 1 31 ? -14.108 5.968   -3.051  1.00 0.94  ? 31 PHE A N    1 
ATOM 486  C CA   . PHE A 1 31 ? -12.978 5.307   -3.697  1.00 0.71  ? 31 PHE A CA   1 
ATOM 487  C C    . PHE A 1 31 ? -12.707 3.948   -3.060  1.00 0.69  ? 31 PHE A C    1 
ATOM 488  O O    . PHE A 1 31 ? -12.409 2.975   -3.752  1.00 1.26  ? 31 PHE A O    1 
ATOM 489  C CB   . PHE A 1 31 ? -11.729 6.184   -3.606  1.00 0.69  ? 31 PHE A CB   1 
ATOM 490  C CG   . PHE A 1 31 ? -11.502 7.037   -4.823  1.00 0.72  ? 31 PHE A CG   1 
ATOM 491  C CD1  . PHE A 1 31 ? -12.350 8.094   -5.111  1.00 0.94  ? 31 PHE A CD1  1 
ATOM 492  C CD2  . PHE A 1 31 ? -10.443 6.781   -5.678  1.00 0.78  ? 31 PHE A CD2  1 
ATOM 493  C CE1  . PHE A 1 31 ? -12.143 8.882   -6.229  1.00 1.04  ? 31 PHE A CE1  1 
ATOM 494  C CE2  . PHE A 1 31 ? -10.232 7.564   -6.796  1.00 0.90  ? 31 PHE A CE2  1 
ATOM 495  C CZ   . PHE A 1 31 ? -11.083 8.615   -7.073  1.00 0.95  ? 31 PHE A CZ   1 
ATOM 496  H H    . PHE A 1 31 ? -14.001 6.316   -2.141  1.00 1.33  ? 31 PHE A H    1 
ATOM 497  H HA   . PHE A 1 31 ? -13.230 5.159   -4.736  1.00 0.77  ? 31 PHE A HA   1 
ATOM 498  H HB2  . PHE A 1 31 ? -11.819 6.841   -2.753  1.00 0.83  ? 31 PHE A HB2  1 
ATOM 499  H HB3  . PHE A 1 31 ? -10.863 5.551   -3.477  1.00 0.70  ? 31 PHE A HB3  1 
ATOM 500  H HD1  . PHE A 1 31 ? -13.180 8.304   -4.452  1.00 1.15  ? 31 PHE A HD1  1 
ATOM 501  H HD2  . PHE A 1 31 ? -9.776  5.960   -5.463  1.00 0.91  ? 31 PHE A HD2  1 
ATOM 502  H HE1  . PHE A 1 31 ? -12.812 9.703   -6.441  1.00 1.29  ? 31 PHE A HE1  1 
ATOM 503  H HE2  . PHE A 1 31 ? -9.401  7.354   -7.454  1.00 1.09  ? 31 PHE A HE2  1 
ATOM 504  H HZ   . PHE A 1 31 ? -10.921 9.229   -7.947  1.00 1.08  ? 31 PHE A HZ   1 
ATOM 505  N N    . GLY A 1 32 ? -12.810 3.890   -1.734  1.00 0.45  ? 32 GLY A N    1 
ATOM 506  C CA   . GLY A 1 32 ? -12.571 2.645   -1.023  1.00 0.48  ? 32 GLY A CA   1 
ATOM 507  C C    . GLY A 1 32 ? -12.077 2.873   0.391   1.00 0.61  ? 32 GLY A C    1 
ATOM 508  O O    . GLY A 1 32 ? -11.774 4.002   0.774   1.00 1.51  ? 32 GLY A O    1 
ATOM 509  H H    . GLY A 1 32 ? -13.050 4.698   -1.235  1.00 0.78  ? 32 GLY A H    1 
ATOM 510  H HA2  . GLY A 1 32 ? -13.493 2.082   -0.986  1.00 0.54  ? 32 GLY A HA2  1 
ATOM 511  H HA3  . GLY A 1 32 ? -11.834 2.072   -1.564  1.00 0.51  ? 32 GLY A HA3  1 
ATOM 512  N N    . GLY A 1 33 ? -11.994 1.797   1.168   1.00 0.58  ? 33 GLY A N    1 
ATOM 513  C CA   . GLY A 1 33 ? -11.529 1.907   2.538   1.00 0.49  ? 33 GLY A CA   1 
ATOM 514  C C    . GLY A 1 33 ? -10.056 2.249   2.624   1.00 0.45  ? 33 GLY A C    1 
ATOM 515  O O    . GLY A 1 33 ? -9.306  2.030   1.671   1.00 0.56  ? 33 GLY A O    1 
ATOM 516  H H    . GLY A 1 33 ? -12.248 0.922   0.808   1.00 1.26  ? 33 GLY A H    1 
ATOM 517  H HA2  . GLY A 1 33 ? -12.096 2.680   3.038   1.00 0.46  ? 33 GLY A HA2  1 
ATOM 518  H HA3  . GLY A 1 33 ? -11.699 0.968   3.044   1.00 0.52  ? 33 GLY A HA3  1 
ATOM 519  N N    . PHE A 1 34 ? -9.639  2.783   3.766   1.00 0.35  ? 34 PHE A N    1 
ATOM 520  C CA   . PHE A 1 34 ? -8.243  3.153   3.971   1.00 0.31  ? 34 PHE A CA   1 
ATOM 521  C C    . PHE A 1 34 ? -7.431  1.957   4.457   1.00 0.30  ? 34 PHE A C    1 
ATOM 522  O O    . PHE A 1 34 ? -7.989  0.967   4.929   1.00 0.35  ? 34 PHE A O    1 
ATOM 523  C CB   . PHE A 1 34 ? -8.137  4.300   4.977   1.00 0.31  ? 34 PHE A CB   1 
ATOM 524  C CG   . PHE A 1 34 ? -6.907  5.144   4.800   1.00 0.31  ? 34 PHE A CG   1 
ATOM 525  C CD1  . PHE A 1 34 ? -6.870  6.144   3.841   1.00 0.38  ? 34 PHE A CD1  1 
ATOM 526  C CD2  . PHE A 1 34 ? -5.788  4.936   5.589   1.00 0.34  ? 34 PHE A CD2  1 
ATOM 527  C CE1  . PHE A 1 34 ? -5.739  6.922   3.675   1.00 0.42  ? 34 PHE A CE1  1 
ATOM 528  C CE2  . PHE A 1 34 ? -4.654  5.710   5.426   1.00 0.37  ? 34 PHE A CE2  1 
ATOM 529  C CZ   . PHE A 1 34 ? -4.631  6.704   4.469   1.00 0.38  ? 34 PHE A CZ   1 
ATOM 530  H H    . PHE A 1 34 ? -10.284 2.931   4.489   1.00 0.37  ? 34 PHE A H    1 
ATOM 531  H HA   . PHE A 1 34 ? -7.846  3.481   3.021   1.00 0.32  ? 34 PHE A HA   1 
ATOM 532  H HB2  . PHE A 1 34 ? -9.000  4.942   4.872   1.00 0.33  ? 34 PHE A HB2  1 
ATOM 533  H HB3  . PHE A 1 34 ? -8.120  3.889   5.977   1.00 0.32  ? 34 PHE A HB3  1 
ATOM 534  H HD1  . PHE A 1 34 ? -7.738  6.316   3.220   1.00 0.45  ? 34 PHE A HD1  1 
ATOM 535  H HD2  . PHE A 1 34 ? -5.806  4.159   6.340   1.00 0.41  ? 34 PHE A HD2  1 
ATOM 536  H HE1  . PHE A 1 34 ? -5.723  7.699   2.923   1.00 0.52  ? 34 PHE A HE1  1 
ATOM 537  H HE2  . PHE A 1 34 ? -3.788  5.538   6.049   1.00 0.44  ? 34 PHE A HE2  1 
ATOM 538  H HZ   . PHE A 1 34 ? -3.746  7.311   4.339   1.00 0.43  ? 34 PHE A HZ   1 
ATOM 539  N N    . LEU A 1 35 ? -6.111  2.056   4.336   1.00 0.28  ? 35 LEU A N    1 
ATOM 540  C CA   . LEU A 1 35 ? -5.220  0.983   4.760   1.00 0.28  ? 35 LEU A CA   1 
ATOM 541  C C    . LEU A 1 35 ? -4.260  1.466   5.844   1.00 0.26  ? 35 LEU A C    1 
ATOM 542  O O    . LEU A 1 35 ? -3.764  2.592   5.788   1.00 0.29  ? 35 LEU A O    1 
ATOM 543  C CB   . LEU A 1 35 ? -4.432  0.445   3.563   1.00 0.32  ? 35 LEU A CB   1 
ATOM 544  C CG   . LEU A 1 35 ? -3.222  -0.424  3.915   1.00 0.30  ? 35 LEU A CG   1 
ATOM 545  C CD1  . LEU A 1 35 ? -3.640  -1.876  4.099   1.00 0.39  ? 35 LEU A CD1  1 
ATOM 546  C CD2  . LEU A 1 35 ? -2.152  -0.307  2.841   1.00 0.39  ? 35 LEU A CD2  1 
ATOM 547  H H    . LEU A 1 35 ? -5.727  2.871   3.950   1.00 0.29  ? 35 LEU A H    1 
ATOM 548  H HA   . LEU A 1 35 ? -5.829  0.188   5.166   1.00 0.31  ? 35 LEU A HA   1 
ATOM 549  H HB2  . LEU A 1 35 ? -5.104  -0.141  2.953   1.00 0.40  ? 35 LEU A HB2  1 
ATOM 550  H HB3  . LEU A 1 35 ? -4.085  1.285   2.981   1.00 0.37  ? 35 LEU A HB3  1 
ATOM 551  H HG   . LEU A 1 35 ? -2.800  -0.080  4.849   1.00 0.31  ? 35 LEU A HG   1 
ATOM 552  H HD11 . LEU A 1 35 ? -3.104  -2.497  3.397   1.00 0.90  ? 35 LEU A HD11 1 
ATOM 553  H HD12 . LEU A 1 35 ? -3.412  -2.191  5.106   1.00 0.95  ? 35 LEU A HD12 1 
ATOM 554  H HD13 . LEU A 1 35 ? -4.702  -1.969  3.924   1.00 0.98  ? 35 LEU A HD13 1 
ATOM 555  H HD21 . LEU A 1 35 ? -1.404  -1.071  2.993   1.00 1.03  ? 35 LEU A HD21 1 
ATOM 556  H HD22 . LEU A 1 35 ? -2.603  -0.434  1.869   1.00 0.85  ? 35 LEU A HD22 1 
ATOM 557  H HD23 . LEU A 1 35 ? -1.689  0.667   2.899   1.00 1.03  ? 35 LEU A HD23 1 
ATOM 558  N N    . ARG A 1 36 ? -4.002  0.610   6.824   1.00 0.29  ? 36 ARG A N    1 
ATOM 559  C CA   . ARG A 1 36 ? -3.099  0.949   7.917   1.00 0.29  ? 36 ARG A CA   1 
ATOM 560  C C    . ARG A 1 36 ? -1.647  0.843   7.468   1.00 0.31  ? 36 ARG A C    1 
ATOM 561  O O    . ARG A 1 36 ? -1.152  -0.249  7.182   1.00 0.41  ? 36 ARG A O    1 
ATOM 562  C CB   . ARG A 1 36 ? -3.345  0.030   9.116   1.00 0.38  ? 36 ARG A CB   1 
ATOM 563  C CG   . ARG A 1 36 ? -4.374  0.573   10.093  1.00 0.92  ? 36 ARG A CG   1 
ATOM 564  C CD   . ARG A 1 36 ? -4.706  -0.442  11.174  1.00 1.37  ? 36 ARG A CD   1 
ATOM 565  N NE   . ARG A 1 36 ? -4.528  0.110   12.514  1.00 1.90  ? 36 ARG A NE   1 
ATOM 566  C CZ   . ARG A 1 36 ? -5.506  0.679   13.213  1.00 2.59  ? 36 ARG A CZ   1 
ATOM 567  N NH1  . ARG A 1 36 ? -6.728  0.765   12.703  1.00 3.01  ? 36 ARG A NH1  1 
ATOM 568  N NH2  . ARG A 1 36 ? -5.264  1.164   14.423  1.00 3.39  ? 36 ARG A NH2  1 
ATOM 569  H H    . ARG A 1 36 ? -4.426  -0.274  6.812   1.00 0.36  ? 36 ARG A H    1 
ATOM 570  H HA   . ARG A 1 36 ? -3.301  1.969   8.209   1.00 0.29  ? 36 ARG A HA   1 
ATOM 571  H HB2  . ARG A 1 36 ? -3.692  -0.928  8.755   1.00 0.81  ? 36 ARG A HB2  1 
ATOM 572  H HB3  . ARG A 1 36 ? -2.414  -0.109  9.645   1.00 0.90  ? 36 ARG A HB3  1 
ATOM 573  H HG2  . ARG A 1 36 ? -3.978  1.463   10.560  1.00 1.44  ? 36 ARG A HG2  1 
ATOM 574  H HG3  . ARG A 1 36 ? -5.275  0.818   9.552   1.00 1.40  ? 36 ARG A HG3  1 
ATOM 575  H HD2  . ARG A 1 36 ? -5.734  -0.751  11.057  1.00 1.84  ? 36 ARG A HD2  1 
ATOM 576  H HD3  . ARG A 1 36 ? -4.058  -1.299  11.060  1.00 1.96  ? 36 ARG A HD3  1 
ATOM 577  H HE   . ARG A 1 36 ? -3.636  0.056   12.913  1.00 2.27  ? 36 ARG A HE   1 
ATOM 578  H HH11 . ARG A 1 36 ? -6.917  0.401   11.791  1.00 2.95  ? 36 ARG A HH11 1 
ATOM 579  H HH12 . ARG A 1 36 ? -7.460  1.195   13.231  1.00 3.72  ? 36 ARG A HH12 1 
ATOM 580  H HH21 . ARG A 1 36 ? -4.344  1.101   14.812  1.00 3.67  ? 36 ARG A HH21 1 
ATOM 581  H HH22 . ARG A 1 36 ? -6.000  1.593   14.946  1.00 3.96  ? 36 ARG A HH22 1 
ATOM 582  N N    . LEU A 1 37 ? -0.970  1.984   7.401   1.00 0.32  ? 37 LEU A N    1 
ATOM 583  C CA   . LEU A 1 37 ? 0.426   2.021   6.980   1.00 0.43  ? 37 LEU A CA   1 
ATOM 584  C C    . LEU A 1 37 ? 1.346   2.355   8.150   1.00 0.28  ? 37 LEU A C    1 
ATOM 585  O O    . LEU A 1 37 ? 1.065   3.260   8.936   1.00 0.36  ? 37 LEU A O    1 
ATOM 586  C CB   . LEU A 1 37 ? 0.610   3.047   5.861   1.00 0.64  ? 37 LEU A CB   1 
ATOM 587  C CG   . LEU A 1 37 ? -0.498  3.063   4.806   1.00 0.84  ? 37 LEU A CG   1 
ATOM 588  C CD1  . LEU A 1 37 ? -1.292  4.358   4.885   1.00 1.09  ? 37 LEU A CD1  1 
ATOM 589  C CD2  . LEU A 1 37 ? 0.087   2.877   3.414   1.00 1.48  ? 37 LEU A CD2  1 
ATOM 590  H H    . LEU A 1 37 ? -1.420  2.822   7.636   1.00 0.35  ? 37 LEU A H    1 
ATOM 591  H HA   . LEU A 1 37 ? 0.682   1.042   6.603   1.00 0.55  ? 37 LEU A HA   1 
ATOM 592  H HB2  . LEU A 1 37 ? 0.667   4.029   6.308   1.00 0.67  ? 37 LEU A HB2  1 
ATOM 593  H HB3  . LEU A 1 37 ? 1.546   2.842   5.363   1.00 0.82  ? 37 LEU A HB3  1 
ATOM 594  H HG   . LEU A 1 37 ? -1.177  2.244   4.996   1.00 1.35  ? 37 LEU A HG   1 
ATOM 595  H HD11 . LEU A 1 37 ? -1.157  4.919   3.972   1.00 1.66  ? 37 LEU A HD11 1 
ATOM 596  H HD12 . LEU A 1 37 ? -2.340  4.132   5.016   1.00 1.70  ? 37 LEU A HD12 1 
ATOM 597  H HD13 . LEU A 1 37 ? -0.943  4.945   5.723   1.00 1.51  ? 37 LEU A HD13 1 
ATOM 598  H HD21 . LEU A 1 37 ? 1.160   2.780   3.484   1.00 1.86  ? 37 LEU A HD21 1 
ATOM 599  H HD22 . LEU A 1 37 ? -0.328  1.987   2.965   1.00 2.07  ? 37 LEU A HD22 1 
ATOM 600  H HD23 . LEU A 1 37 ? -0.158  3.735   2.803   1.00 1.98  ? 37 LEU A HD23 1 
ATOM 601  N N    . ASN A 1 38 ? 2.447   1.617   8.258   1.00 0.27  ? 38 ASN A N    1 
ATOM 602  C CA   . ASN A 1 38 ? 3.415   1.830   9.329   1.00 0.29  ? 38 ASN A CA   1 
ATOM 603  C C    . ASN A 1 38 ? 4.836   1.882   8.772   1.00 0.28  ? 38 ASN A C    1 
ATOM 604  O O    . ASN A 1 38 ? 5.163   1.170   7.822   1.00 0.31  ? 38 ASN A O    1 
ATOM 605  C CB   . ASN A 1 38 ? 3.306   0.720   10.375  1.00 0.45  ? 38 ASN A CB   1 
ATOM 606  C CG   . ASN A 1 38 ? 1.954   0.699   11.059  1.00 1.26  ? 38 ASN A CG   1 
ATOM 607  O OD1  . ASN A 1 38 ? 1.599   1.627   11.786  1.00 2.09  ? 38 ASN A OD1  1 
ATOM 608  N ND2  . ASN A 1 38 ? 1.191   -0.363  10.830  1.00 1.75  ? 38 ASN A ND2  1 
ATOM 609  H H    . ASN A 1 38 ? 2.615   0.911   7.598   1.00 0.38  ? 38 ASN A H    1 
ATOM 610  H HA   . ASN A 1 38 ? 3.188   2.778   9.796   1.00 0.32  ? 38 ASN A HA   1 
ATOM 611  H HB2  . ASN A 1 38 ? 3.460   -0.235  9.896   1.00 1.19  ? 38 ASN A HB2  1 
ATOM 612  H HB3  . ASN A 1 38 ? 4.067   0.868   11.128  1.00 1.00  ? 38 ASN A HB3  1 
ATOM 613  H HD21 . ASN A 1 38 ? 1.540   -1.064  10.240  1.00 1.73  ? 38 ASN A HD21 1 
ATOM 614  H HD22 . ASN A 1 38 ? 0.312   -0.404  11.262  1.00 2.47  ? 38 ASN A HD22 1 
ATOM 615  N N    . PRO A 1 39 ? 5.705   2.728   9.358   1.00 0.30  ? 39 PRO A N    1 
ATOM 616  C CA   . PRO A 1 39 ? 7.096   2.864   8.911   1.00 0.32  ? 39 PRO A CA   1 
ATOM 617  C C    . PRO A 1 39 ? 7.856   1.543   8.975   1.00 0.32  ? 39 PRO A C    1 
ATOM 618  O O    . PRO A 1 39 ? 8.427   1.195   10.009  1.00 0.39  ? 39 PRO A O    1 
ATOM 619  C CB   . PRO A 1 39 ? 7.698   3.875   9.895   1.00 0.37  ? 39 PRO A CB   1 
ATOM 620  C CG   . PRO A 1 39 ? 6.530   4.604   10.467  1.00 0.42  ? 39 PRO A CG   1 
ATOM 621  C CD   . PRO A 1 39 ? 5.401   3.614   10.494  1.00 0.35  ? 39 PRO A CD   1 
ATOM 622  H HA   . PRO A 1 39 ? 7.151   3.261   7.907   1.00 0.33  ? 39 PRO A HA   1 
ATOM 623  H HB2  . PRO A 1 39 ? 8.248   3.348   10.662  1.00 0.53  ? 39 PRO A HB2  1 
ATOM 624  H HB3  . PRO A 1 39 ? 8.359   4.545   9.366   1.00 0.52  ? 39 PRO A HB3  1 
ATOM 625  H HG2  . PRO A 1 39 ? 6.761   4.938   11.467  1.00 0.69  ? 39 PRO A HG2  1 
ATOM 626  H HG3  . PRO A 1 39 ? 6.278   5.443   9.837   1.00 0.67  ? 39 PRO A HG3  1 
ATOM 627  H HD2  . PRO A 1 39 ? 5.403   3.065   11.424  1.00 0.42  ? 39 PRO A HD2  1 
ATOM 628  H HD3  . PRO A 1 39 ? 4.456   4.115   10.351  1.00 0.44  ? 39 PRO A HD3  1 
ATOM 629  N N    . GLY A 1 40 ? 7.855   0.810   7.864   1.00 0.28  ? 40 GLY A N    1 
ATOM 630  C CA   . GLY A 1 40 ? 8.545   -0.464  7.817   1.00 0.30  ? 40 GLY A CA   1 
ATOM 631  C C    . GLY A 1 40 ? 7.691   -1.555  7.202   1.00 0.26  ? 40 GLY A C    1 
ATOM 632  O O    . GLY A 1 40 ? 8.022   -2.738  7.292   1.00 0.28  ? 40 GLY A O    1 
ATOM 633  H H    . GLY A 1 40 ? 7.379   1.135   7.072   1.00 0.27  ? 40 GLY A H    1 
ATOM 634  H HA2  . GLY A 1 40 ? 9.446   -0.353  7.231   1.00 0.34  ? 40 GLY A HA2  1 
ATOM 635  H HA3  . GLY A 1 40 ? 8.814   -0.756  8.821   1.00 0.34  ? 40 GLY A HA3  1 
ATOM 636  N N    . ASP A 1 41 ? 6.590   -1.153  6.578   1.00 0.25  ? 41 ASP A N    1 
ATOM 637  C CA   . ASP A 1 41 ? 5.680   -2.100  5.943   1.00 0.24  ? 41 ASP A CA   1 
ATOM 638  C C    . ASP A 1 41 ? 5.813   -2.054  4.425   1.00 0.20  ? 41 ASP A C    1 
ATOM 639  O O    . ASP A 1 41 ? 5.840   -0.979  3.825   1.00 0.21  ? 41 ASP A O    1 
ATOM 640  C CB   . ASP A 1 41 ? 4.233   -1.798  6.343   1.00 0.30  ? 41 ASP A CB   1 
ATOM 641  C CG   . ASP A 1 41 ? 3.956   -2.100  7.803   1.00 0.93  ? 41 ASP A CG   1 
ATOM 642  O OD1  . ASP A 1 41 ? 4.919   -2.395  8.541   1.00 1.53  ? 41 ASP A OD1  1 
ATOM 643  O OD2  . ASP A 1 41 ? 2.776   -2.043  8.209   1.00 1.49  ? 41 ASP A OD2  1 
ATOM 644  H H    . ASP A 1 41 ? 6.382   -0.196  6.543   1.00 0.29  ? 41 ASP A H    1 
ATOM 645  H HA   . ASP A 1 41 ? 5.939   -3.090  6.286   1.00 0.28  ? 41 ASP A HA   1 
ATOM 646  H HB2  . ASP A 1 41 ? 4.030   -0.752  6.167   1.00 0.70  ? 41 ASP A HB2  1 
ATOM 647  H HB3  . ASP A 1 41 ? 3.568   -2.396  5.738   1.00 0.63  ? 41 ASP A HB3  1 
ATOM 648  N N    . ILE A 1 42 ? 5.892   -3.230  3.812   1.00 0.22  ? 42 ILE A N    1 
ATOM 649  C CA   . ILE A 1 42 ? 6.014   -3.334  2.367   1.00 0.24  ? 42 ILE A CA   1 
ATOM 650  C C    . ILE A 1 42 ? 4.641   -3.453  1.713   1.00 0.23  ? 42 ILE A C    1 
ATOM 651  O O    . ILE A 1 42 ? 3.824   -4.282  2.111   1.00 0.32  ? 42 ILE A O    1 
ATOM 652  C CB   . ILE A 1 42 ? 6.872   -4.550  1.960   1.00 0.37  ? 42 ILE A CB   1 
ATOM 653  C CG1  . ILE A 1 42 ? 8.217   -4.530  2.695   1.00 0.59  ? 42 ILE A CG1  1 
ATOM 654  C CG2  . ILE A 1 42 ? 7.082   -4.572  0.453   1.00 0.57  ? 42 ILE A CG2  1 
ATOM 655  C CD1  . ILE A 1 42 ? 9.074   -3.322  2.375   1.00 0.82  ? 42 ILE A CD1  1 
ATOM 656  H H    . ILE A 1 42 ? 5.860   -4.046  4.347   1.00 0.28  ? 42 ILE A H    1 
ATOM 657  H HA   . ILE A 1 42 ? 6.499   -2.440  2.007   1.00 0.27  ? 42 ILE A HA   1 
ATOM 658  H HB   . ILE A 1 42 ? 6.336   -5.447  2.233   1.00 0.49  ? 42 ILE A HB   1 
ATOM 659  H HG12 . ILE A 1 42 ? 8.036   -4.532  3.760   1.00 1.41  ? 42 ILE A HG12 1 
ATOM 660  H HG13 . ILE A 1 42 ? 8.777   -5.414  2.429   1.00 1.31  ? 42 ILE A HG13 1 
ATOM 661  H HG21 . ILE A 1 42 ? 7.753   -3.772  0.171   1.00 1.11  ? 42 ILE A HG21 1 
ATOM 662  H HG22 . ILE A 1 42 ? 7.514   -5.520  0.163   1.00 1.25  ? 42 ILE A HG22 1 
ATOM 663  H HG23 . ILE A 1 42 ? 6.135   -4.440  -0.046  1.00 1.23  ? 42 ILE A HG23 1 
ATOM 664  H HD11 . ILE A 1 42 ? 9.999   -3.379  2.929   1.00 1.35  ? 42 ILE A HD11 1 
ATOM 665  H HD12 . ILE A 1 42 ? 9.289   -3.305  1.317   1.00 1.52  ? 42 ILE A HD12 1 
ATOM 666  H HD13 . ILE A 1 42 ? 8.546   -2.421  2.649   1.00 1.55  ? 42 ILE A HD13 1 
ATOM 667  N N    . VAL A 1 43 ? 4.395   -2.617  0.711   1.00 0.22  ? 43 VAL A N    1 
ATOM 668  C CA   . VAL A 1 43 ? 3.120   -2.629  0.002   1.00 0.23  ? 43 VAL A CA   1 
ATOM 669  C C    . VAL A 1 43 ? 3.332   -2.805  -1.498  1.00 0.22  ? 43 VAL A C    1 
ATOM 670  O O    . VAL A 1 43 ? 4.275   -2.256  -2.069  1.00 0.27  ? 43 VAL A O    1 
ATOM 671  C CB   . VAL A 1 43 ? 2.321   -1.337  0.265   1.00 0.34  ? 43 VAL A CB   1 
ATOM 672  C CG1  . VAL A 1 43 ? 3.192   -0.111  0.037   1.00 1.23  ? 43 VAL A CG1  1 
ATOM 673  C CG2  . VAL A 1 43 ? 1.075   -1.283  -0.608  1.00 1.41  ? 43 VAL A CG2  1 
ATOM 674  H H    . VAL A 1 43 ? 5.085   -1.979  0.438   1.00 0.27  ? 43 VAL A H    1 
ATOM 675  H HA   . VAL A 1 43 ? 2.543   -3.465  0.373   1.00 0.28  ? 43 VAL A HA   1 
ATOM 676  H HB   . VAL A 1 43 ? 2.009   -1.336  1.299   1.00 1.23  ? 43 VAL A HB   1 
ATOM 677  H HG11 . VAL A 1 43 ? 2.594   0.780   0.144   1.00 1.88  ? 43 VAL A HG11 1 
ATOM 678  H HG12 . VAL A 1 43 ? 3.991   -0.097  0.764   1.00 1.74  ? 43 VAL A HG12 1 
ATOM 679  H HG13 . VAL A 1 43 ? 3.612   -0.147  -0.958  1.00 1.85  ? 43 VAL A HG13 1 
ATOM 680  H HG21 . VAL A 1 43 ? 0.222   -1.016  -0.002  1.00 2.04  ? 43 VAL A HG21 1 
ATOM 681  H HG22 . VAL A 1 43 ? 1.210   -0.543  -1.383  1.00 1.97  ? 43 VAL A HG22 1 
ATOM 682  H HG23 . VAL A 1 43 ? 0.910   -2.251  -1.057  1.00 2.00  ? 43 VAL A HG23 1 
ATOM 683  N N    . GLU A 1 44 ? 2.449   -3.575  -2.124  1.00 0.23  ? 44 GLU A N    1 
ATOM 684  C CA   . GLU A 1 44 ? 2.533   -3.830  -3.559  1.00 0.25  ? 44 GLU A CA   1 
ATOM 685  C C    . GLU A 1 44 ? 1.599   -2.904  -4.331  1.00 0.23  ? 44 GLU A C    1 
ATOM 686  O O    . GLU A 1 44 ? 0.461   -2.670  -3.921  1.00 0.28  ? 44 GLU A O    1 
ATOM 687  C CB   . GLU A 1 44 ? 2.182   -5.289  -3.857  1.00 0.32  ? 44 GLU A CB   1 
ATOM 688  C CG   . GLU A 1 44 ? 2.953   -6.288  -3.010  1.00 0.93  ? 44 GLU A CG   1 
ATOM 689  C CD   . GLU A 1 44 ? 2.145   -7.532  -2.693  1.00 1.42  ? 44 GLU A CD   1 
ATOM 690  O OE1  . GLU A 1 44 ? 1.300   -7.473  -1.775  1.00 2.12  ? 44 GLU A OE1  1 
ATOM 691  O OE2  . GLU A 1 44 ? 2.359   -8.564  -3.363  1.00 1.74  ? 44 GLU A OE2  1 
ATOM 692  H H    . GLU A 1 44 ? 1.722   -3.985  -1.610  1.00 0.27  ? 44 GLU A H    1 
ATOM 693  H HA   . GLU A 1 44 ? 3.548   -3.641  -3.870  1.00 0.27  ? 44 GLU A HA   1 
ATOM 694  H HB2  . GLU A 1 44 ? 1.127   -5.437  -3.677  1.00 0.69  ? 44 GLU A HB2  1 
ATOM 695  H HB3  . GLU A 1 44 ? 2.392   -5.492  -4.896  1.00 0.75  ? 44 GLU A HB3  1 
ATOM 696  H HG2  . GLU A 1 44 ? 3.844   -6.583  -3.547  1.00 1.52  ? 44 GLU A HG2  1 
ATOM 697  H HG3  . GLU A 1 44 ? 3.235   -5.813  -2.083  1.00 1.48  ? 44 GLU A HG3  1 
ATOM 698  N N    . LEU A 1 45 ? 2.085   -2.381  -5.453  1.00 0.26  ? 45 LEU A N    1 
ATOM 699  C CA   . LEU A 1 45 ? 1.290   -1.484  -6.284  1.00 0.28  ? 45 LEU A CA   1 
ATOM 700  C C    . LEU A 1 45 ? 0.181   -2.248  -6.998  1.00 0.27  ? 45 LEU A C    1 
ATOM 701  O O    . LEU A 1 45 ? 0.417   -2.892  -8.021  1.00 0.41  ? 45 LEU A O    1 
ATOM 702  C CB   . LEU A 1 45 ? 2.182   -0.778  -7.309  1.00 0.36  ? 45 LEU A CB   1 
ATOM 703  C CG   . LEU A 1 45 ? 3.242   0.152   -6.716  1.00 0.97  ? 45 LEU A CG   1 
ATOM 704  C CD1  . LEU A 1 45 ? 4.226   0.593   -7.789  1.00 1.52  ? 45 LEU A CD1  1 
ATOM 705  C CD2  . LEU A 1 45 ? 2.588   1.360   -6.062  1.00 1.58  ? 45 LEU A CD2  1 
ATOM 706  H H    . LEU A 1 45 ? 2.998   -2.607  -5.729  1.00 0.34  ? 45 LEU A H    1 
ATOM 707  H HA   . LEU A 1 45 ? 0.844   -0.742  -5.638  1.00 0.29  ? 45 LEU A HA   1 
ATOM 708  H HB2  . LEU A 1 45 ? 2.683   -1.533  -7.898  1.00 1.04  ? 45 LEU A HB2  1 
ATOM 709  H HB3  . LEU A 1 45 ? 1.550   -0.196  -7.963  1.00 0.97  ? 45 LEU A HB3  1 
ATOM 710  H HG   . LEU A 1 45 ? 3.795   -0.381  -5.956  1.00 1.36  ? 45 LEU A HG   1 
ATOM 711  H HD11 . LEU A 1 45 ? 4.694   -0.276  -8.227  1.00 1.97  ? 45 LEU A HD11 1 
ATOM 712  H HD12 . LEU A 1 45 ? 3.700   1.143   -8.555  1.00 1.90  ? 45 LEU A HD12 1 
ATOM 713  H HD13 . LEU A 1 45 ? 4.980   1.225   -7.346  1.00 2.01  ? 45 LEU A HD13 1 
ATOM 714  H HD21 . LEU A 1 45 ? 1.725   1.038   -5.494  1.00 2.05  ? 45 LEU A HD21 1 
ATOM 715  H HD22 . LEU A 1 45 ? 3.293   1.840   -5.402  1.00 2.22  ? 45 LEU A HD22 1 
ATOM 716  H HD23 . LEU A 1 45 ? 2.276   2.057   -6.824  1.00 1.84  ? 45 LEU A HD23 1 
ATOM 717  N N    . THR A 1 46 ? -1.029  -2.174  -6.451  1.00 0.23  ? 46 THR A N    1 
ATOM 718  C CA   . THR A 1 46 ? -2.173  -2.861  -7.036  1.00 0.24  ? 46 THR A CA   1 
ATOM 719  C C    . THR A 1 46 ? -2.681  -2.132  -8.275  1.00 0.25  ? 46 THR A C    1 
ATOM 720  O O    . THR A 1 46 ? -2.759  -2.709  -9.358  1.00 0.40  ? 46 THR A O    1 
ATOM 721  C CB   . THR A 1 46 ? -3.326  -2.996  -6.022  1.00 0.24  ? 46 THR A CB   1 
ATOM 722  O OG1  . THR A 1 46 ? -3.816  -1.702  -5.656  1.00 0.37  ? 46 THR A OG1  1 
ATOM 723  C CG2  . THR A 1 46 ? -2.866  -3.741  -4.777  1.00 0.39  ? 46 THR A CG2  1 
ATOM 724  H H    . THR A 1 46 ? -1.153  -1.646  -5.635  1.00 0.31  ? 46 THR A H    1 
ATOM 725  H HA   . THR A 1 46 ? -1.855  -3.854  -7.321  1.00 0.26  ? 46 THR A HA   1 
ATOM 726  H HB   . THR A 1 46 ? -4.126  -3.559  -6.482  1.00 0.29  ? 46 THR A HB   1 
ATOM 727  H HG1  . THR A 1 46 ? -4.642  -1.532  -6.111  1.00 1.01  ? 46 THR A HG1  1 
ATOM 728  H HG21 . THR A 1 46 ? -3.280  -3.264  -3.901  1.00 1.14  ? 46 THR A HG21 1 
ATOM 729  H HG22 . THR A 1 46 ? -1.788  -3.719  -4.724  1.00 1.20  ? 46 THR A HG22 1 
ATOM 730  H HG23 . THR A 1 46 ? -3.205  -4.765  -4.824  1.00 0.98  ? 46 THR A HG23 1 
ATOM 731  N N    . LYS A 1 47 ? -3.028  -0.858  -8.106  1.00 0.22  ? 47 LYS A N    1 
ATOM 732  C CA   . LYS A 1 47 ? -3.530  -0.049  -9.212  1.00 0.25  ? 47 LYS A CA   1 
ATOM 733  C C    . LYS A 1 47 ? -2.998  1.379   -9.129  1.00 0.21  ? 47 LYS A C    1 
ATOM 734  O O    . LYS A 1 47 ? -3.187  2.062   -8.121  1.00 0.26  ? 47 LYS A O    1 
ATOM 735  C CB   . LYS A 1 47 ? -5.060  -0.037  -9.206  1.00 0.36  ? 47 LYS A CB   1 
ATOM 736  C CG   . LYS A 1 47 ? -5.669  0.494   -10.493 1.00 0.79  ? 47 LYS A CG   1 
ATOM 737  C CD   . LYS A 1 47 ? -7.101  0.012   -10.673 1.00 1.06  ? 47 LYS A CD   1 
ATOM 738  C CE   . LYS A 1 47 ? -7.297  -0.655  -12.024 1.00 1.60  ? 47 LYS A CE   1 
ATOM 739  N NZ   . LYS A 1 47 ? -6.978  -2.109  -11.976 1.00 2.26  ? 47 LYS A NZ   1 
ATOM 740  H H    . LYS A 1 47 ? -2.945  -0.455  -7.218  1.00 0.28  ? 47 LYS A H    1 
ATOM 741  H HA   . LYS A 1 47 ? -3.187  -0.496  -10.133 1.00 0.30  ? 47 LYS A HA   1 
ATOM 742  H HB2  . LYS A 1 47 ? -5.417  -1.046  -9.053  1.00 0.66  ? 47 LYS A HB2  1 
ATOM 743  H HB3  . LYS A 1 47 ? -5.400  0.583   -8.389  1.00 0.59  ? 47 LYS A HB3  1 
ATOM 744  H HG2  . LYS A 1 47 ? -5.665  1.574   -10.463 1.00 1.32  ? 47 LYS A HG2  1 
ATOM 745  H HG3  . LYS A 1 47 ? -5.077  0.152   -11.329 1.00 1.29  ? 47 LYS A HG3  1 
ATOM 746  H HD2  . LYS A 1 47 ? -7.332  -0.697  -9.893  1.00 1.53  ? 47 LYS A HD2  1 
ATOM 747  H HD3  . LYS A 1 47 ? -7.767  0.860   -10.601 1.00 1.51  ? 47 LYS A HD3  1 
ATOM 748  H HE2  . LYS A 1 47 ? -8.327  -0.534  -12.326 1.00 1.92  ? 47 LYS A HE2  1 
ATOM 749  H HE3  . LYS A 1 47 ? -6.652  -0.178  -12.746 1.00 2.22  ? 47 LYS A HE3  1 
ATOM 750  H HZ1  . LYS A 1 47 ? -5.982  -2.248  -11.707 1.00 2.69  ? 47 LYS A HZ1  1 
ATOM 751  H HZ2  . LYS A 1 47 ? -7.136  -2.541  -12.908 1.00 2.66  ? 47 LYS A HZ2  1 
ATOM 752  H HZ3  . LYS A 1 47 ? -7.584  -2.587  -11.277 1.00 2.69  ? 47 LYS A HZ3  1 
ATOM 753  N N    . ALA A 1 48 ? -2.336  1.821   -10.192 1.00 0.21  ? 48 ALA A N    1 
ATOM 754  C CA   . ALA A 1 48 ? -1.777  3.168   -10.240 1.00 0.25  ? 48 ALA A CA   1 
ATOM 755  C C    . ALA A 1 48 ? -2.382  3.972   -11.387 1.00 0.22  ? 48 ALA A C    1 
ATOM 756  O O    . ALA A 1 48 ? -2.634  3.438   -12.467 1.00 0.33  ? 48 ALA A O    1 
ATOM 757  C CB   . ALA A 1 48 ? -0.263  3.106   -10.377 1.00 0.37  ? 48 ALA A CB   1 
ATOM 758  H H    . ALA A 1 48 ? -2.219  1.228   -10.964 1.00 0.26  ? 48 ALA A H    1 
ATOM 759  H HA   . ALA A 1 48 ? -2.011  3.658   -9.307  1.00 0.28  ? 48 ALA A HA   1 
ATOM 760  H HB1  . ALA A 1 48 ? -0.004  2.536   -11.255 1.00 1.02  ? 48 ALA A HB1  1 
ATOM 761  H HB2  . ALA A 1 48 ? 0.130   4.108   -10.468 1.00 1.21  ? 48 ALA A HB2  1 
ATOM 762  H HB3  . ALA A 1 48 ? 0.158   2.633   -9.501  1.00 0.99  ? 48 ALA A HB3  1 
ATOM 763  N N    . GLU A 1 49 ? -2.613  5.259   -11.143 1.00 0.26  ? 49 GLU A N    1 
ATOM 764  C CA   . GLU A 1 49 ? -3.189  6.137   -12.155 1.00 0.28  ? 49 GLU A CA   1 
ATOM 765  C C    . GLU A 1 49 ? -2.279  7.330   -12.427 1.00 0.30  ? 49 GLU A C    1 
ATOM 766  O O    . GLU A 1 49 ? -1.290  7.542   -11.726 1.00 0.32  ? 49 GLU A O    1 
ATOM 767  C CB   . GLU A 1 49 ? -4.570  6.625   -11.711 1.00 0.30  ? 49 GLU A CB   1 
ATOM 768  C CG   . GLU A 1 49 ? -5.704  5.706   -12.138 1.00 0.60  ? 49 GLU A CG   1 
ATOM 769  C CD   . GLU A 1 49 ? -6.182  5.980   -13.551 1.00 1.04  ? 49 GLU A CD   1 
ATOM 770  O OE1  . GLU A 1 49 ? -5.540  6.795   -14.247 1.00 1.97  ? 49 GLU A OE1  1 
ATOM 771  O OE2  . GLU A 1 49 ? -7.198  5.381   -13.963 1.00 1.49  ? 49 GLU A OE2  1 
ATOM 772  H H    . GLU A 1 49 ? -2.391  5.625   -10.262 1.00 0.37  ? 49 GLU A H    1 
ATOM 773  H HA   . GLU A 1 49 ? -3.296  5.567   -13.066 1.00 0.31  ? 49 GLU A HA   1 
ATOM 774  H HB2  . GLU A 1 49 ? -4.584  6.702   -10.634 1.00 0.41  ? 49 GLU A HB2  1 
ATOM 775  H HB3  . GLU A 1 49 ? -4.748  7.601   -12.137 1.00 0.51  ? 49 GLU A HB3  1 
ATOM 776  H HG2  . GLU A 1 49 ? -5.361  4.683   -12.082 1.00 1.26  ? 49 GLU A HG2  1 
ATOM 777  H HG3  . GLU A 1 49 ? -6.534  5.842   -11.459 1.00 1.14  ? 49 GLU A HG3  1 
ATOM 778  N N    . ALA A 1 50 ? -2.620  8.105   -13.453 1.00 0.33  ? 50 ALA A N    1 
ATOM 779  C CA   . ALA A 1 50 ? -1.833  9.276   -13.821 1.00 0.37  ? 50 ALA A CA   1 
ATOM 780  C C    . ALA A 1 50 ? -2.605  10.565  -13.560 1.00 0.39  ? 50 ALA A C    1 
ATOM 781  O O    . ALA A 1 50 ? -2.048  11.541  -13.060 1.00 0.47  ? 50 ALA A O    1 
ATOM 782  C CB   . ALA A 1 50 ? -1.422  9.195   -15.284 1.00 0.43  ? 50 ALA A CB   1 
ATOM 783  H H    . ALA A 1 50 ? -3.420  7.883   -13.974 1.00 0.34  ? 50 ALA A H    1 
ATOM 784  H HA   . ALA A 1 50 ? -0.936  9.278   -13.220 1.00 0.37  ? 50 ALA A HA   1 
ATOM 785  H HB1  . ALA A 1 50 ? -1.609  10.144  -15.764 1.00 1.03  ? 50 ALA A HB1  1 
ATOM 786  H HB2  . ALA A 1 50 ? -0.371  8.957   -15.351 1.00 1.01  ? 50 ALA A HB2  1 
ATOM 787  H HB3  . ALA A 1 50 ? -1.996  8.424   -15.778 1.00 1.17  ? 50 ALA A HB3  1 
ATOM 788  N N    . GLU A 1 51 ? -3.890  10.561  -13.902 1.00 0.38  ? 51 GLU A N    1 
ATOM 789  C CA   . GLU A 1 51 ? -4.737  11.733  -13.706 1.00 0.41  ? 51 GLU A CA   1 
ATOM 790  C C    . GLU A 1 51 ? -5.397  11.709  -12.330 1.00 0.37  ? 51 GLU A C    1 
ATOM 791  O O    . GLU A 1 51 ? -6.320  12.479  -12.061 1.00 0.40  ? 51 GLU A O    1 
ATOM 792  C CB   . GLU A 1 51 ? -5.808  11.803  -14.797 1.00 0.46  ? 51 GLU A CB   1 
ATOM 793  C CG   . GLU A 1 51 ? -5.547  12.880  -15.837 1.00 1.43  ? 51 GLU A CG   1 
ATOM 794  C CD   . GLU A 1 51 ? -6.826  13.488  -16.379 1.00 1.94  ? 51 GLU A CD   1 
ATOM 795  O OE1  . GLU A 1 51 ? -7.603  12.757  -17.028 1.00 2.60  ? 51 GLU A OE1  1 
ATOM 796  O OE2  . GLU A 1 51 ? -7.049  14.696  -16.154 1.00 2.36  ? 51 GLU A OE2  1 
ATOM 797  H H    . GLU A 1 51 ? -4.277  9.752   -14.299 1.00 0.40  ? 51 GLU A H    1 
ATOM 798  H HA   . GLU A 1 51 ? -4.110  12.609  -13.775 1.00 0.44  ? 51 GLU A HA   1 
ATOM 799  H HB2  . GLU A 1 51 ? -5.854  10.849  -15.302 1.00 1.07  ? 51 GLU A HB2  1 
ATOM 800  H HB3  . GLU A 1 51 ? -6.763  12.002  -14.334 1.00 1.03  ? 51 GLU A HB3  1 
ATOM 801  H HG2  . GLU A 1 51 ? -4.957  13.663  -15.386 1.00 2.09  ? 51 GLU A HG2  1 
ATOM 802  H HG3  . GLU A 1 51 ? -4.997  12.444  -16.658 1.00 2.07  ? 51 GLU A HG3  1 
ATOM 803  N N    . HIS A 1 52 ? -4.919  10.819  -11.464 1.00 0.35  ? 52 HIS A N    1 
ATOM 804  C CA   . HIS A 1 52 ? -5.463  10.698  -10.116 1.00 0.32  ? 52 HIS A CA   1 
ATOM 805  C C    . HIS A 1 52 ? -4.406  11.024  -9.066  1.00 0.30  ? 52 HIS A C    1 
ATOM 806  O O    . HIS A 1 52 ? -3.268  10.561  -9.152  1.00 0.39  ? 52 HIS A O    1 
ATOM 807  C CB   . HIS A 1 52 ? -6.008  9.285   -9.886  1.00 0.29  ? 52 HIS A CB   1 
ATOM 808  C CG   . HIS A 1 52 ? -7.348  9.051   -10.508 1.00 0.40  ? 52 HIS A CG   1 
ATOM 809  N ND1  . HIS A 1 52 ? -8.533  9.154   -9.807  1.00 0.85  ? 52 HIS A ND1  1 
ATOM 810  C CD2  . HIS A 1 52 ? -7.691  8.719   -11.775 1.00 0.97  ? 52 HIS A CD2  1 
ATOM 811  C CE1  . HIS A 1 52 ? -9.545  8.894   -10.616 1.00 0.81  ? 52 HIS A CE1  1 
ATOM 812  N NE2  . HIS A 1 52 ? -9.061  8.628   -11.815 1.00 0.85  ? 52 HIS A NE2  1 
ATOM 813  H H    . HIS A 1 52 ? -4.182  10.234  -11.737 1.00 0.39  ? 52 HIS A H    1 
ATOM 814  H HA   . HIS A 1 52 ? -6.275  11.403  -10.022 1.00 0.35  ? 52 HIS A HA   1 
ATOM 815  H HB2  . HIS A 1 52 ? -5.316  8.569   -10.306 1.00 0.32  ? 52 HIS A HB2  1 
ATOM 816  H HB3  . HIS A 1 52 ? -6.096  9.110   -8.823  1.00 0.38  ? 52 HIS A HB3  1 
ATOM 817  H HD1  . HIS A 1 52 ? -8.618  9.382   -8.858  1.00 1.41  ? 52 HIS A HD1  1 
ATOM 818  H HD2  . HIS A 1 52 ? -7.013  8.557   -12.601 1.00 1.63  ? 52 HIS A HD2  1 
ATOM 819  H HE1  . HIS A 1 52 ? -10.589 8.898   -10.344 1.00 1.21  ? 52 HIS A HE1  1 
ATOM 820  H HE2  . HIS A 1 52 ? -9.595  8.399   -12.604 1.00 1.22  ? 52 HIS A HE2  1 
ATOM 821  N N    . ASN A 1 53 ? -4.790  11.822  -8.073  1.00 0.28  ? 53 ASN A N    1 
ATOM 822  C CA   . ASN A 1 53 ? -3.876  12.210  -7.004  1.00 0.28  ? 53 ASN A CA   1 
ATOM 823  C C    . ASN A 1 53 ? -3.849  11.153  -5.903  1.00 0.26  ? 53 ASN A C    1 
ATOM 824  O O    . ASN A 1 53 ? -3.230  11.347  -4.856  1.00 0.46  ? 53 ASN A O    1 
ATOM 825  C CB   . ASN A 1 53 ? -4.284  13.563  -6.418  1.00 0.32  ? 53 ASN A CB   1 
ATOM 826  C CG   . ASN A 1 53 ? -3.967  14.717  -7.349  1.00 0.72  ? 53 ASN A CG   1 
ATOM 827  O OD1  . ASN A 1 53 ? -4.829  15.543  -7.648  1.00 1.53  ? 53 ASN A OD1  1 
ATOM 828  N ND2  . ASN A 1 53 ? -2.725  14.779  -7.814  1.00 1.34  ? 53 ASN A ND2  1 
ATOM 829  H H    . ASN A 1 53 ? -5.710  12.158  -8.059  1.00 0.32  ? 53 ASN A H    1 
ATOM 830  H HA   . ASN A 1 53 ? -2.886  12.296  -7.429  1.00 0.31  ? 53 ASN A HA   1 
ATOM 831  H HB2  . ASN A 1 53 ? -5.347  13.559  -6.228  1.00 0.55  ? 53 ASN A HB2  1 
ATOM 832  H HB3  . ASN A 1 53 ? -3.757  13.720  -5.488  1.00 0.56  ? 53 ASN A HB3  1 
ATOM 833  H HD21 . ASN A 1 53 ? -2.091  14.084  -7.533  1.00 1.96  ? 53 ASN A HD21 1 
ATOM 834  H HD22 . ASN A 1 53 ? -2.492  15.514  -8.418  1.00 1.55  ? 53 ASN A HD22 1 
ATOM 835  N N    . TRP A 1 54 ? -4.523  10.033  -6.149  1.00 0.21  ? 54 TRP A N    1 
ATOM 836  C CA   . TRP A 1 54 ? -4.578  8.940   -5.183  1.00 0.19  ? 54 TRP A CA   1 
ATOM 837  C C    . TRP A 1 54 ? -4.283  7.607   -5.861  1.00 0.18  ? 54 TRP A C    1 
ATOM 838  O O    . TRP A 1 54 ? -4.663  7.388   -7.012  1.00 0.23  ? 54 TRP A O    1 
ATOM 839  C CB   . TRP A 1 54 ? -5.953  8.893   -4.515  1.00 0.23  ? 54 TRP A CB   1 
ATOM 840  C CG   . TRP A 1 54 ? -6.237  10.088  -3.657  1.00 0.27  ? 54 TRP A CG   1 
ATOM 841  C CD1  . TRP A 1 54 ? -6.716  11.299  -4.071  1.00 0.36  ? 54 TRP A CD1  1 
ATOM 842  C CD2  . TRP A 1 54 ? -6.062  10.189  -2.239  1.00 0.33  ? 54 TRP A CD2  1 
ATOM 843  N NE1  . TRP A 1 54 ? -6.848  12.145  -2.998  1.00 0.43  ? 54 TRP A NE1  1 
ATOM 844  C CE2  . TRP A 1 54 ? -6.454  11.488  -1.861  1.00 0.40  ? 54 TRP A CE2  1 
ATOM 845  C CE3  . TRP A 1 54 ? -5.614  9.308   -1.252  1.00 0.41  ? 54 TRP A CE3  1 
ATOM 846  C CZ2  . TRP A 1 54 ? -6.411  11.926  -0.541  1.00 0.49  ? 54 TRP A CZ2  1 
ATOM 847  C CZ3  . TRP A 1 54 ? -5.570  9.744   0.060   1.00 0.53  ? 54 TRP A CZ3  1 
ATOM 848  C CH2  . TRP A 1 54 ? -5.967  11.042  0.405   1.00 0.54  ? 54 TRP A CH2  1 
ATOM 849  H H    . TRP A 1 54 ? -4.995  9.938   -7.003  1.00 0.35  ? 54 TRP A H    1 
ATOM 850  H HA   . TRP A 1 54 ? -3.826  9.124   -4.432  1.00 0.20  ? 54 TRP A HA   1 
ATOM 851  H HB2  . TRP A 1 54 ? -6.716  8.840   -5.278  1.00 0.27  ? 54 TRP A HB2  1 
ATOM 852  H HB3  . TRP A 1 54 ? -6.012  8.013   -3.893  1.00 0.28  ? 54 TRP A HB3  1 
ATOM 853  H HD1  . TRP A 1 54 ? -6.950  11.541  -5.098  1.00 0.42  ? 54 TRP A HD1  1 
ATOM 854  H HE1  . TRP A 1 54 ? -7.174  13.070  -3.039  1.00 0.52  ? 54 TRP A HE1  1 
ATOM 855  H HE3  . TRP A 1 54 ? -5.304  8.304   -1.498  1.00 0.44  ? 54 TRP A HE3  1 
ATOM 856  H HZ2  . TRP A 1 54 ? -6.714  12.923  -0.259  1.00 0.56  ? 54 TRP A HZ2  1 
ATOM 857  H HZ3  . TRP A 1 54 ? -5.226  9.078   0.836   1.00 0.63  ? 54 TRP A HZ3  1 
ATOM 858  H HH2  . TRP A 1 54 ? -5.916  11.340  1.443   1.00 0.64  ? 54 TRP A HH2  1 
ATOM 859  N N    . TRP A 1 55 ? -3.601  6.718   -5.145  1.00 0.18  ? 55 TRP A N    1 
ATOM 860  C CA   . TRP A 1 55 ? -3.256  5.407   -5.685  1.00 0.18  ? 55 TRP A CA   1 
ATOM 861  C C    . TRP A 1 55 ? -3.686  4.293   -4.740  1.00 0.21  ? 55 TRP A C    1 
ATOM 862  O O    . TRP A 1 55 ? -3.851  4.511   -3.540  1.00 0.35  ? 55 TRP A O    1 
ATOM 863  C CB   . TRP A 1 55 ? -1.750  5.323   -5.945  1.00 0.18  ? 55 TRP A CB   1 
ATOM 864  C CG   . TRP A 1 55 ? -1.258  6.342   -6.927  1.00 0.17  ? 55 TRP A CG   1 
ATOM 865  C CD1  . TRP A 1 55 ? -1.012  6.148   -8.257  1.00 0.20  ? 55 TRP A CD1  1 
ATOM 866  C CD2  . TRP A 1 55 ? -0.950  7.715   -6.659  1.00 0.19  ? 55 TRP A CD2  1 
ATOM 867  N NE1  . TRP A 1 55 ? -0.569  7.315   -8.830  1.00 0.20  ? 55 TRP A NE1  1 
ATOM 868  C CE2  . TRP A 1 55 ? -0.522  8.292   -7.871  1.00 0.20  ? 55 TRP A CE2  1 
ATOM 869  C CE3  . TRP A 1 55 ? -0.992  8.513   -5.512  1.00 0.24  ? 55 TRP A CE3  1 
ATOM 870  C CZ2  . TRP A 1 55 ? -0.142  9.628   -7.966  1.00 0.25  ? 55 TRP A CZ2  1 
ATOM 871  C CZ3  . TRP A 1 55 ? -0.616  9.839   -5.610  1.00 0.31  ? 55 TRP A CZ3  1 
ATOM 872  C CH2  . TRP A 1 55 ? -0.196  10.385  -6.828  1.00 0.31  ? 55 TRP A CH2  1 
ATOM 873  H H    . TRP A 1 55 ? -3.323  6.947   -4.232  1.00 0.23  ? 55 TRP A H    1 
ATOM 874  H HA   . TRP A 1 55 ? -3.781  5.288   -6.621  1.00 0.18  ? 55 TRP A HA   1 
ATOM 875  H HB2  . TRP A 1 55 ? -1.222  5.474   -5.015  1.00 0.21  ? 55 TRP A HB2  1 
ATOM 876  H HB3  . TRP A 1 55 ? -1.512  4.343   -6.332  1.00 0.20  ? 55 TRP A HB3  1 
ATOM 877  H HD1  . TRP A 1 55 ? -1.151  5.208   -8.769  1.00 0.24  ? 55 TRP A HD1  1 
ATOM 878  H HE1  . TRP A 1 55 ? -0.326  7.429   -9.773  1.00 0.22  ? 55 TRP A HE1  1 
ATOM 879  H HE3  . TRP A 1 55 ? -1.315  8.111   -4.564  1.00 0.26  ? 55 TRP A HE3  1 
ATOM 880  H HZ2  . TRP A 1 55 ? 0.184   10.063  -8.899  1.00 0.26  ? 55 TRP A HZ2  1 
ATOM 881  H HZ3  . TRP A 1 55 ? -0.643  10.473  -4.734  1.00 0.37  ? 55 TRP A HZ3  1 
ATOM 882  H HH2  . TRP A 1 55 ? 0.091   11.426  -6.858  1.00 0.36  ? 55 TRP A HH2  1 
ATOM 883  N N    . GLU A 1 56 ? -3.870  3.096   -5.289  1.00 0.19  ? 56 GLU A N    1 
ATOM 884  C CA   . GLU A 1 56 ? -4.286  1.945   -4.493  1.00 0.21  ? 56 GLU A CA   1 
ATOM 885  C C    . GLU A 1 56 ? -3.150  0.938   -4.350  1.00 0.20  ? 56 GLU A C    1 
ATOM 886  O O    . GLU A 1 56 ? -2.354  0.747   -5.270  1.00 0.22  ? 56 GLU A O    1 
ATOM 887  C CB   . GLU A 1 56 ? -5.503  1.271   -5.129  1.00 0.24  ? 56 GLU A CB   1 
ATOM 888  C CG   . GLU A 1 56 ? -6.606  0.951   -4.135  1.00 0.33  ? 56 GLU A CG   1 
ATOM 889  C CD   . GLU A 1 56 ? -7.188  -0.435  -4.334  1.00 0.97  ? 56 GLU A CD   1 
ATOM 890  O OE1  . GLU A 1 56 ? -6.465  -1.424  -4.090  1.00 1.56  ? 56 GLU A OE1  1 
ATOM 891  O OE2  . GLU A 1 56 ? -8.366  -0.531  -4.736  1.00 1.46  ? 56 GLU A OE2  1 
ATOM 892  H H    . GLU A 1 56 ? -3.726  2.984   -6.251  1.00 0.27  ? 56 GLU A H    1 
ATOM 893  H HA   . GLU A 1 56 ? -4.558  2.305   -3.512  1.00 0.22  ? 56 GLU A HA   1 
ATOM 894  H HB2  . GLU A 1 56 ? -5.910  1.927   -5.886  1.00 0.27  ? 56 GLU A HB2  1 
ATOM 895  H HB3  . GLU A 1 56 ? -5.188  0.350   -5.595  1.00 0.28  ? 56 GLU A HB3  1 
ATOM 896  H HG2  . GLU A 1 56 ? -6.200  1.013   -3.137  1.00 0.61  ? 56 GLU A HG2  1 
ATOM 897  H HG3  . GLU A 1 56 ? -7.397  1.676   -4.246  1.00 0.65  ? 56 GLU A HG3  1 
ATOM 898  N N    . GLY A 1 57 ? -3.082  0.296   -3.187  1.00 0.19  ? 57 GLY A N    1 
ATOM 899  C CA   . GLY A 1 57 ? -2.044  -0.687  -2.937  1.00 0.21  ? 57 GLY A CA   1 
ATOM 900  C C    . GLY A 1 57 ? -2.503  -1.782  -1.994  1.00 0.23  ? 57 GLY A C    1 
ATOM 901  O O    . GLY A 1 57 ? -3.642  -1.767  -1.528  1.00 0.38  ? 57 GLY A O    1 
ATOM 902  H H    . GLY A 1 57 ? -3.745  0.491   -2.492  1.00 0.19  ? 57 GLY A H    1 
ATOM 903  H HA2  . GLY A 1 57 ? -1.752  -1.133  -3.875  1.00 0.22  ? 57 GLY A HA2  1 
ATOM 904  H HA3  . GLY A 1 57 ? -1.188  -0.190  -2.504  1.00 0.23  ? 57 GLY A HA3  1 
ATOM 905  N N    . ARG A 1 58 ? -1.621  -2.737  -1.713  1.00 0.19  ? 58 ARG A N    1 
ATOM 906  C CA   . ARG A 1 58 ? -1.951  -3.843  -0.818  1.00 0.20  ? 58 ARG A CA   1 
ATOM 907  C C    . ARG A 1 58 ? -0.811  -4.126  0.155   1.00 0.21  ? 58 ARG A C    1 
ATOM 908  O O    . ARG A 1 58 ? 0.286   -4.509  -0.251  1.00 0.26  ? 58 ARG A O    1 
ATOM 909  C CB   . ARG A 1 58 ? -2.271  -5.103  -1.625  1.00 0.24  ? 58 ARG A CB   1 
ATOM 910  C CG   . ARG A 1 58 ? -2.577  -6.318  -0.763  1.00 0.30  ? 58 ARG A CG   1 
ATOM 911  C CD   . ARG A 1 58 ? -3.019  -7.501  -1.608  1.00 0.41  ? 58 ARG A CD   1 
ATOM 912  N NE   . ARG A 1 58 ? -2.035  -7.843  -2.631  1.00 1.19  ? 58 ARG A NE   1 
ATOM 913  C CZ   . ARG A 1 58 ? -2.346  -8.121  -3.892  1.00 1.73  ? 58 ARG A CZ   1 
ATOM 914  N NH1  . ARG A 1 58 ? -3.613  -8.098  -4.287  1.00 1.89  ? 58 ARG A NH1  1 
ATOM 915  N NH2  . ARG A 1 58 ? -1.393  -8.422  -4.763  1.00 2.65  ? 58 ARG A NH2  1 
ATOM 916  H H    . ARG A 1 58 ? -0.727  -2.696  -2.114  1.00 0.24  ? 58 ARG A H    1 
ATOM 917  H HA   . ARG A 1 58 ? -2.827  -3.558  -0.254  1.00 0.22  ? 58 ARG A HA   1 
ATOM 918  H HB2  . ARG A 1 58 ? -3.128  -4.909  -2.252  1.00 0.26  ? 58 ARG A HB2  1 
ATOM 919  H HB3  . ARG A 1 58 ? -1.424  -5.339  -2.253  1.00 0.28  ? 58 ARG A HB3  1 
ATOM 920  H HG2  . ARG A 1 58 ? -1.688  -6.593  -0.215  1.00 0.43  ? 58 ARG A HG2  1 
ATOM 921  H HG3  . ARG A 1 58 ? -3.366  -6.066  -0.071  1.00 0.36  ? 58 ARG A HG3  1 
ATOM 922  H HD2  . ARG A 1 58 ? -3.164  -8.355  -0.961  1.00 0.94  ? 58 ARG A HD2  1 
ATOM 923  H HD3  . ARG A 1 58 ? -3.954  -7.255  -2.090  1.00 1.02  ? 58 ARG A HD3  1 
ATOM 924  H HE   . ARG A 1 58 ? -1.092  -7.867  -2.362  1.00 1.77  ? 58 ARG A HE   1 
ATOM 925  H HH11 . ARG A 1 58 ? -4.336  -7.871  -3.634  1.00 1.78  ? 58 ARG A HH11 1 
ATOM 926  H HH12 . ARG A 1 58 ? -3.845  -8.306  -5.237  1.00 2.50  ? 58 ARG A HH12 1 
ATOM 927  H HH21 . ARG A 1 58 ? -0.437  -8.440  -4.469  1.00 3.06  ? 58 ARG A HH21 1 
ATOM 928  H HH22 . ARG A 1 58 ? -1.630  -8.632  -5.711  1.00 3.10  ? 58 ARG A HH22 1 
ATOM 929  N N    . ASN A 1 59 ? -1.083  -3.941  1.443   1.00 0.20  ? 59 ASN A N    1 
ATOM 930  C CA   . ASN A 1 59 ? -0.087  -4.180  2.479   1.00 0.23  ? 59 ASN A CA   1 
ATOM 931  C C    . ASN A 1 59 ? 0.061   -5.675  2.750   1.00 0.25  ? 59 ASN A C    1 
ATOM 932  O O    . ASN A 1 59 ? -0.930  -6.399  2.841   1.00 0.30  ? 59 ASN A O    1 
ATOM 933  C CB   . ASN A 1 59 ? -0.482  -3.454  3.766   1.00 0.29  ? 59 ASN A CB   1 
ATOM 934  C CG   . ASN A 1 59 ? 0.717   -3.090  4.620   1.00 0.62  ? 59 ASN A CG   1 
ATOM 935  O OD1  . ASN A 1 59 ? 1.698   -3.832  4.683   1.00 1.23  ? 59 ASN A OD1  1 
ATOM 936  N ND2  . ASN A 1 59 ? 0.643   -1.942  5.282   1.00 0.64  ? 59 ASN A ND2  1 
ATOM 937  H H    . ASN A 1 59 ? -1.979  -3.639  1.702   1.00 0.22  ? 59 ASN A H    1 
ATOM 938  H HA   . ASN A 1 59 ? 0.858   -3.792  2.131   1.00 0.24  ? 59 ASN A HA   1 
ATOM 939  H HB2  . ASN A 1 59 ? -1.005  -2.545  3.512   1.00 0.54  ? 59 ASN A HB2  1 
ATOM 940  H HB3  . ASN A 1 59 ? -1.135  -4.091  4.346   1.00 0.68  ? 59 ASN A HB3  1 
ATOM 941  H HD21 . ASN A 1 59 ? -0.169  -1.403  5.184   1.00 0.67  ? 59 ASN A HD21 1 
ATOM 942  H HD22 . ASN A 1 59 ? 1.403   -1.682  5.845   1.00 0.98  ? 59 ASN A HD22 1 
ATOM 943  N N    . THR A 1 60 ? 1.305   -6.131  2.873   1.00 0.28  ? 60 THR A N    1 
ATOM 944  C CA   . THR A 1 60 ? 1.578   -7.541  3.131   1.00 0.33  ? 60 THR A CA   1 
ATOM 945  C C    . THR A 1 60 ? 1.435   -7.865  4.613   1.00 0.35  ? 60 THR A C    1 
ATOM 946  O O    . THR A 1 60 ? 1.370   -9.033  5.000   1.00 0.46  ? 60 THR A O    1 
ATOM 947  C CB   . THR A 1 60 ? 2.993   -7.935  2.666   1.00 0.39  ? 60 THR A CB   1 
ATOM 948  O OG1  . THR A 1 60 ? 3.236   -9.316  2.954   1.00 1.28  ? 60 THR A OG1  1 
ATOM 949  C CG2  . THR A 1 60 ? 4.047   -7.077  3.350   1.00 1.28  ? 60 THR A CG2  1 
ATOM 950  H H    . THR A 1 60 ? 2.054   -5.506  2.790   1.00 0.30  ? 60 THR A H    1 
ATOM 951  H HA   . THR A 1 60 ? 0.862   -8.127  2.574   1.00 0.35  ? 60 THR A HA   1 
ATOM 952  H HB   . THR A 1 60 ? 3.061   -7.778  1.600   1.00 1.00  ? 60 THR A HB   1 
ATOM 953  H HG1  . THR A 1 60 ? 2.667   -9.863  2.406   1.00 1.73  ? 60 THR A HG1  1 
ATOM 954  H HG21 . THR A 1 60 ? 4.630   -7.692  4.021   1.00 1.80  ? 60 THR A HG21 1 
ATOM 955  H HG22 . THR A 1 60 ? 3.564   -6.291  3.910   1.00 1.80  ? 60 THR A HG22 1 
ATOM 956  H HG23 . THR A 1 60 ? 4.697   -6.642  2.605   1.00 1.97  ? 60 THR A HG23 1 
ATOM 957  N N    . ALA A 1 61 ? 1.387   -6.826  5.439   1.00 0.34  ? 61 ALA A N    1 
ATOM 958  C CA   . ALA A 1 61 ? 1.254   -6.999  6.879   1.00 0.40  ? 61 ALA A CA   1 
ATOM 959  C C    . ALA A 1 61 ? -0.211  -7.111  7.290   1.00 0.35  ? 61 ALA A C    1 
ATOM 960  O O    . ALA A 1 61 ? -0.565  -7.928  8.140   1.00 0.42  ? 61 ALA A O    1 
ATOM 961  C CB   . ALA A 1 61 ? 1.923   -5.844  7.609   1.00 0.52  ? 61 ALA A CB   1 
ATOM 962  H H    . ALA A 1 61 ? 1.446   -5.921  5.069   1.00 0.37  ? 61 ALA A H    1 
ATOM 963  H HA   . ALA A 1 61 ? 1.766   -7.910  7.153   1.00 0.46  ? 61 ALA A HA   1 
ATOM 964  H HB1  . ALA A 1 61 ? 2.988   -6.015  7.653   1.00 1.30  ? 61 ALA A HB1  1 
ATOM 965  H HB2  . ALA A 1 61 ? 1.726   -4.923  7.081   1.00 1.03  ? 61 ALA A HB2  1 
ATOM 966  H HB3  . ALA A 1 61 ? 1.527   -5.775  8.612   1.00 1.09  ? 61 ALA A HB3  1 
ATOM 967  N N    . THR A 1 62 ? -1.056  -6.283  6.682   1.00 0.30  ? 62 THR A N    1 
ATOM 968  C CA   . THR A 1 62 ? -2.482  -6.286  6.989   1.00 0.31  ? 62 THR A CA   1 
ATOM 969  C C    . THR A 1 62 ? -3.266  -7.111  5.973   1.00 0.26  ? 62 THR A C    1 
ATOM 970  O O    . THR A 1 62 ? -4.423  -7.463  6.206   1.00 0.29  ? 62 THR A O    1 
ATOM 971  C CB   . THR A 1 62 ? -3.050  -4.856  7.018   1.00 0.37  ? 62 THR A CB   1 
ATOM 972  O OG1  . THR A 1 62 ? -1.981  -3.903  6.995   1.00 0.79  ? 62 THR A OG1  1 
ATOM 973  C CG2  . THR A 1 62 ? -3.904  -4.639  8.259   1.00 0.80  ? 62 THR A CG2  1 
ATOM 974  H H    . THR A 1 62 ? -0.713  -5.653  6.016   1.00 0.33  ? 62 THR A H    1 
ATOM 975  H HA   . THR A 1 62 ? -2.613  -6.723  7.968   1.00 0.35  ? 62 THR A HA   1 
ATOM 976  H HB   . THR A 1 62 ? -3.670  -4.712  6.144   1.00 0.79  ? 62 THR A HB   1 
ATOM 977  H HG1  . THR A 1 62 ? -2.103  -3.302  6.256   1.00 1.34  ? 62 THR A HG1  1 
ATOM 978  H HG21 . THR A 1 62 ? -4.693  -3.937  8.035   1.00 1.35  ? 62 THR A HG21 1 
ATOM 979  H HG22 . THR A 1 62 ? -3.288  -4.247  9.056   1.00 1.34  ? 62 THR A HG22 1 
ATOM 980  H HG23 . THR A 1 62 ? -4.336  -5.580  8.567   1.00 1.47  ? 62 THR A HG23 1 
ATOM 981  N N    . ASN A 1 63 ? -2.625  -7.419  4.846   1.00 0.23  ? 63 ASN A N    1 
ATOM 982  C CA   . ASN A 1 63 ? -3.259  -8.203  3.789   1.00 0.23  ? 63 ASN A CA   1 
ATOM 983  C C    . ASN A 1 63 ? -4.558  -7.552  3.326   1.00 0.23  ? 63 ASN A C    1 
ATOM 984  O O    . ASN A 1 63 ? -5.562  -8.230  3.105   1.00 0.31  ? 63 ASN A O    1 
ATOM 985  C CB   . ASN A 1 63 ? -3.532  -9.628  4.276   1.00 0.28  ? 63 ASN A CB   1 
ATOM 986  C CG   . ASN A 1 63 ? -3.469  -10.644 3.153   1.00 0.75  ? 63 ASN A CG   1 
ATOM 987  O OD1  . ASN A 1 63 ? -4.474  -11.261 2.801   1.00 1.47  ? 63 ASN A OD1  1 
ATOM 988  N ND2  . ASN A 1 63 ? -2.283  -10.824 2.583   1.00 1.49  ? 63 ASN A ND2  1 
ATOM 989  H H    . ASN A 1 63 ? -1.704  -7.109  4.723   1.00 0.23  ? 63 ASN A H    1 
ATOM 990  H HA   . ASN A 1 63 ? -2.575  -8.245  2.954   1.00 0.24  ? 63 ASN A HA   1 
ATOM 991  H HB2  . ASN A 1 63 ? -2.796  -9.896  5.019   1.00 0.53  ? 63 ASN A HB2  1 
ATOM 992  H HB3  . ASN A 1 63 ? -4.517  -9.668  4.718   1.00 0.52  ? 63 ASN A HB3  1 
ATOM 993  H HD21 . ASN A 1 63 ? -1.525  -10.298 2.915   1.00 2.07  ? 63 ASN A HD21 1 
ATOM 994  H HD22 . ASN A 1 63 ? -2.214  -11.475 1.854   1.00 1.79  ? 63 ASN A HD22 1 
ATOM 995  N N    . GLU A 1 64 ? -4.532  -6.232  3.177   1.00 0.21  ? 64 GLU A N    1 
ATOM 996  C CA   . GLU A 1 64 ? -5.705  -5.485  2.737   1.00 0.21  ? 64 GLU A CA   1 
ATOM 997  C C    . GLU A 1 64 ? -5.307  -4.364  1.785   1.00 0.19  ? 64 GLU A C    1 
ATOM 998  O O    . GLU A 1 64 ? -4.166  -3.902  1.798   1.00 0.18  ? 64 GLU A O    1 
ATOM 999  C CB   . GLU A 1 64 ? -6.453  -4.910  3.944   1.00 0.26  ? 64 GLU A CB   1 
ATOM 1000 C CG   . GLU A 1 64 ? -7.961  -5.078  3.860   1.00 0.50  ? 64 GLU A CG   1 
ATOM 1001 C CD   . GLU A 1 64 ? -8.548  -5.699  5.112   1.00 1.21  ? 64 GLU A CD   1 
ATOM 1002 O OE1  . GLU A 1 64 ? -8.465  -5.067  6.185   1.00 1.67  ? 64 GLU A OE1  1 
ATOM 1003 O OE2  . GLU A 1 64 ? -9.095  -6.819  5.019   1.00 1.99  ? 64 GLU A OE2  1 
ATOM 1004 H H    . GLU A 1 64 ? -3.701  -5.746  3.367   1.00 0.25  ? 64 GLU A H    1 
ATOM 1005 H HA   . GLU A 1 64 ? -6.357  -6.171  2.215   1.00 0.24  ? 64 GLU A HA   1 
ATOM 1006 H HB2  . GLU A 1 64 ? -6.105  -5.408  4.837   1.00 0.40  ? 64 GLU A HB2  1 
ATOM 1007 H HB3  . GLU A 1 64 ? -6.232  -3.856  4.020   1.00 0.42  ? 64 GLU A HB3  1 
ATOM 1008 H HG2  . GLU A 1 64 ? -8.411  -4.107  3.715   1.00 1.04  ? 64 GLU A HG2  1 
ATOM 1009 H HG3  . GLU A 1 64 ? -8.194  -5.713  3.017   1.00 1.05  ? 64 GLU A HG3  1 
ATOM 1010 N N    . VAL A 1 65 ? -6.252  -3.932  0.955   1.00 0.20  ? 65 VAL A N    1 
ATOM 1011 C CA   . VAL A 1 65 ? -5.991  -2.866  -0.008  1.00 0.19  ? 65 VAL A CA   1 
ATOM 1012 C C    . VAL A 1 65 ? -6.626  -1.551  0.436   1.00 0.20  ? 65 VAL A C    1 
ATOM 1013 O O    . VAL A 1 65 ? -7.667  -1.541  1.093   1.00 0.25  ? 65 VAL A O    1 
ATOM 1014 C CB   . VAL A 1 65 ? -6.513  -3.235  -1.412  1.00 0.24  ? 65 VAL A CB   1 
ATOM 1015 C CG1  . VAL A 1 65 ? -5.959  -4.580  -1.854  1.00 0.95  ? 65 VAL A CG1  1 
ATOM 1016 C CG2  . VAL A 1 65 ? -8.034  -3.245  -1.440  1.00 1.08  ? 65 VAL A CG2  1 
ATOM 1017 H H    . VAL A 1 65 ? -7.143  -4.340  0.988   1.00 0.23  ? 65 VAL A H    1 
ATOM 1018 H HA   . VAL A 1 65 ? -4.922  -2.732  -0.071  1.00 0.19  ? 65 VAL A HA   1 
ATOM 1019 H HB   . VAL A 1 65 ? -6.168  -2.485  -2.109  1.00 0.76  ? 65 VAL A HB   1 
ATOM 1020 H HG11 . VAL A 1 65 ? -4.960  -4.705  -1.460  1.00 1.59  ? 65 VAL A HG11 1 
ATOM 1021 H HG12 . VAL A 1 65 ? -6.592  -5.372  -1.481  1.00 1.61  ? 65 VAL A HG12 1 
ATOM 1022 H HG13 . VAL A 1 65 ? -5.928  -4.622  -2.932  1.00 1.42  ? 65 VAL A HG13 1 
ATOM 1023 H HG21 . VAL A 1 65 ? -8.387  -2.450  -2.081  1.00 1.73  ? 65 VAL A HG21 1 
ATOM 1024 H HG22 . VAL A 1 65 ? -8.381  -4.195  -1.821  1.00 1.59  ? 65 VAL A HG22 1 
ATOM 1025 H HG23 . VAL A 1 65 ? -8.415  -3.099  -0.441  1.00 1.63  ? 65 VAL A HG23 1 
ATOM 1026 N N    . GLY A 1 66 ? -5.987  -0.443  0.072   1.00 0.18  ? 66 GLY A N    1 
ATOM 1027 C CA   . GLY A 1 66 ? -6.497  0.866   0.439   1.00 0.21  ? 66 GLY A CA   1 
ATOM 1028 C C    . GLY A 1 66 ? -5.941  1.972   -0.436  1.00 0.21  ? 66 GLY A C    1 
ATOM 1029 O O    . GLY A 1 66 ? -5.033  1.743   -1.235  1.00 0.32  ? 66 GLY A O    1 
ATOM 1030 H H    . GLY A 1 66 ? -5.160  -0.515  -0.450  1.00 0.18  ? 66 GLY A H    1 
ATOM 1031 H HA2  . GLY A 1 66 ? -7.573  0.858   0.349   1.00 0.25  ? 66 GLY A HA2  1 
ATOM 1032 H HA3  . GLY A 1 66 ? -6.234  1.067   1.467   1.00 0.24  ? 66 GLY A HA3  1 
ATOM 1033 N N    . TRP A 1 67 ? -6.486  3.175   -0.285  1.00 0.21  ? 67 TRP A N    1 
ATOM 1034 C CA   . TRP A 1 67 ? -6.040  4.323   -1.067  1.00 0.21  ? 67 TRP A CA   1 
ATOM 1035 C C    . TRP A 1 67 ? -5.097  5.204   -0.253  1.00 0.23  ? 67 TRP A C    1 
ATOM 1036 O O    . TRP A 1 67 ? -5.327  5.448   0.931   1.00 0.30  ? 67 TRP A O    1 
ATOM 1037 C CB   . TRP A 1 67 ? -7.243  5.139   -1.544  1.00 0.24  ? 67 TRP A CB   1 
ATOM 1038 C CG   . TRP A 1 67 ? -8.021  4.467   -2.635  1.00 0.23  ? 67 TRP A CG   1 
ATOM 1039 C CD1  . TRP A 1 67 ? -9.098  3.641   -2.485  1.00 0.28  ? 67 TRP A CD1  1 
ATOM 1040 C CD2  . TRP A 1 67 ? -7.779  4.560   -4.045  1.00 0.23  ? 67 TRP A CD2  1 
ATOM 1041 N NE1  . TRP A 1 67 ? -9.540  3.216   -3.714  1.00 0.29  ? 67 TRP A NE1  1 
ATOM 1042 C CE2  . TRP A 1 67 ? -8.747  3.765   -4.687  1.00 0.26  ? 67 TRP A CE2  1 
ATOM 1043 C CE3  . TRP A 1 67 ? -6.841  5.239   -4.825  1.00 0.27  ? 67 TRP A CE3  1 
ATOM 1044 C CZ2  . TRP A 1 67 ? -8.801  3.632   -6.072  1.00 0.30  ? 67 TRP A CZ2  1 
ATOM 1045 C CZ3  . TRP A 1 67 ? -6.894  5.105   -6.199  1.00 0.33  ? 67 TRP A CZ3  1 
ATOM 1046 C CH2  . TRP A 1 67 ? -7.868  4.307   -6.811  1.00 0.34  ? 67 TRP A CH2  1 
ATOM 1047 H H    . TRP A 1 67 ? -7.207  3.295   0.370   1.00 0.31  ? 67 TRP A H    1 
ATOM 1048 H HA   . TRP A 1 67 ? -5.508  3.948   -1.930  1.00 0.19  ? 67 TRP A HA   1 
ATOM 1049 H HB2  . TRP A 1 67 ? -7.911  5.303   -0.711  1.00 0.27  ? 67 TRP A HB2  1 
ATOM 1050 H HB3  . TRP A 1 67 ? -6.899  6.094   -1.916  1.00 0.27  ? 67 TRP A HB3  1 
ATOM 1051 H HD1  . TRP A 1 67 ? -9.529  3.371   -1.532  1.00 0.34  ? 67 TRP A HD1  1 
ATOM 1052 H HE1  . TRP A 1 67 ? -10.300 2.615   -3.868  1.00 0.34  ? 67 TRP A HE1  1 
ATOM 1053 H HE3  . TRP A 1 67 ? -6.081  5.859   -4.371  1.00 0.29  ? 67 TRP A HE3  1 
ATOM 1054 H HZ2  . TRP A 1 67 ? -9.547  3.022   -6.560  1.00 0.34  ? 67 TRP A HZ2  1 
ATOM 1055 H HZ3  . TRP A 1 67 ? -6.175  5.622   -6.818  1.00 0.40  ? 67 TRP A HZ3  1 
ATOM 1056 H HH2  . TRP A 1 67 ? -7.872  4.231   -7.889  1.00 0.40  ? 67 TRP A HH2  1 
ATOM 1057 N N    . PHE A 1 68 ? -4.033  5.677   -0.899  1.00 0.19  ? 68 PHE A N    1 
ATOM 1058 C CA   . PHE A 1 68 ? -3.052  6.529   -0.240  1.00 0.22  ? 68 PHE A CA   1 
ATOM 1059 C C    . PHE A 1 68 ? -2.111  7.168   -1.263  1.00 0.19  ? 68 PHE A C    1 
ATOM 1060 O O    . PHE A 1 68 ? -1.951  6.655   -2.372  1.00 0.17  ? 68 PHE A O    1 
ATOM 1061 C CB   . PHE A 1 68 ? -2.245  5.720   0.783   1.00 0.27  ? 68 PHE A CB   1 
ATOM 1062 C CG   . PHE A 1 68 ? -1.545  4.528   0.195   1.00 0.26  ? 68 PHE A CG   1 
ATOM 1063 C CD1  . PHE A 1 68 ? -2.197  3.310   0.081   1.00 0.28  ? 68 PHE A CD1  1 
ATOM 1064 C CD2  . PHE A 1 68 ? -0.234  4.624   -0.243  1.00 0.38  ? 68 PHE A CD2  1 
ATOM 1065 C CE1  . PHE A 1 68 ? -1.555  2.212   -0.457  1.00 0.35  ? 68 PHE A CE1  1 
ATOM 1066 C CE2  . PHE A 1 68 ? 0.413   3.530   -0.783  1.00 0.46  ? 68 PHE A CE2  1 
ATOM 1067 C CZ   . PHE A 1 68 ? -0.247  2.322   -0.891  1.00 0.42  ? 68 PHE A CZ   1 
ATOM 1068 H H    . PHE A 1 68 ? -3.906  5.445   -1.842  1.00 0.17  ? 68 PHE A H    1 
ATOM 1069 H HA   . PHE A 1 68 ? -3.587  7.313   0.277   1.00 0.27  ? 68 PHE A HA   1 
ATOM 1070 H HB2  . PHE A 1 68 ? -1.496  6.359   1.225   1.00 0.35  ? 68 PHE A HB2  1 
ATOM 1071 H HB3  . PHE A 1 68 ? -2.912  5.368   1.557   1.00 0.30  ? 68 PHE A HB3  1 
ATOM 1072 H HD1  . PHE A 1 68 ? -3.220  3.224   0.419   1.00 0.34  ? 68 PHE A HD1  1 
ATOM 1073 H HD2  . PHE A 1 68 ? 0.284   5.568   -0.159  1.00 0.47  ? 68 PHE A HD2  1 
ATOM 1074 H HE1  . PHE A 1 68 ? -2.075  1.269   -0.540  1.00 0.43  ? 68 PHE A HE1  1 
ATOM 1075 H HE2  . PHE A 1 68 ? 1.436   3.618   -1.121  1.00 0.59  ? 68 PHE A HE2  1 
ATOM 1076 H HZ   . PHE A 1 68 ? 0.257   1.465   -1.312  1.00 0.51  ? 68 PHE A HZ   1 
ATOM 1077 N N    . PRO A 1 69 ? -1.476  8.303   -0.907  1.00 0.23  ? 69 PRO A N    1 
ATOM 1078 C CA   . PRO A 1 69 ? -0.553  9.009   -1.802  1.00 0.23  ? 69 PRO A CA   1 
ATOM 1079 C C    . PRO A 1 69 ? 0.749   8.244   -2.012  1.00 0.22  ? 69 PRO A C    1 
ATOM 1080 O O    . PRO A 1 69 ? 1.241   7.573   -1.105  1.00 0.24  ? 69 PRO A O    1 
ATOM 1081 C CB   . PRO A 1 69 ? -0.277  10.337  -1.078  1.00 0.29  ? 69 PRO A CB   1 
ATOM 1082 C CG   . PRO A 1 69 ? -1.276  10.411  0.031   1.00 0.33  ? 69 PRO A CG   1 
ATOM 1083 C CD   . PRO A 1 69 ? -1.609  8.991   0.382   1.00 0.31  ? 69 PRO A CD   1 
ATOM 1084 H HA   . PRO A 1 69 ? -1.010  9.209   -2.760  1.00 0.24  ? 69 PRO A HA   1 
ATOM 1085 H HB2  . PRO A 1 69 ? 0.734   10.334  -0.696  1.00 0.31  ? 69 PRO A HB2  1 
ATOM 1086 H HB3  . PRO A 1 69 ? -0.398  11.156  -1.770  1.00 0.31  ? 69 PRO A HB3  1 
ATOM 1087 H HG2  . PRO A 1 69 ? -0.843  10.915  0.882   1.00 0.38  ? 69 PRO A HG2  1 
ATOM 1088 H HG3  . PRO A 1 69 ? -2.160  10.931  -0.307  1.00 0.35  ? 69 PRO A HG3  1 
ATOM 1089 H HD2  . PRO A 1 69 ? -0.907  8.604   1.105   1.00 0.35  ? 69 PRO A HD2  1 
ATOM 1090 H HD3  . PRO A 1 69 ? -2.620  8.921   0.756   1.00 0.34  ? 69 PRO A HD3  1 
ATOM 1091 N N    . CYS A 1 70 ? 1.303   8.351   -3.216  1.00 0.24  ? 70 CYS A N    1 
ATOM 1092 C CA   . CYS A 1 70 ? 2.551   7.672   -3.551  1.00 0.27  ? 70 CYS A CA   1 
ATOM 1093 C C    . CYS A 1 70 ? 3.747   8.383   -2.925  1.00 0.27  ? 70 CYS A C    1 
ATOM 1094 O O    . CYS A 1 70 ? 4.775   7.763   -2.655  1.00 0.30  ? 70 CYS A O    1 
ATOM 1095 C CB   . CYS A 1 70 ? 2.723   7.605   -5.070  1.00 0.33  ? 70 CYS A CB   1 
ATOM 1096 S SG   . CYS A 1 70 ? 3.012   5.936   -5.705  1.00 1.06  ? 70 CYS A SG   1 
ATOM 1097 H H    . CYS A 1 70 ? 0.864   8.903   -3.897  1.00 0.27  ? 70 CYS A H    1 
ATOM 1098 H HA   . CYS A 1 70 ? 2.497   6.668   -3.160  1.00 0.28  ? 70 CYS A HA   1 
ATOM 1099 H HB2  . CYS A 1 70 ? 1.833   7.986   -5.544  1.00 0.63  ? 70 CYS A HB2  1 
ATOM 1100 H HB3  . CYS A 1 70 ? 3.567   8.215   -5.355  1.00 0.54  ? 70 CYS A HB3  1 
ATOM 1101 H HG   . CYS A 1 70 ? 4.278   5.621   -5.464  1.00 1.71  ? 70 CYS A HG   1 
ATOM 1102 N N    . ASN A 1 71 ? 3.606   9.686   -2.705  1.00 0.29  ? 71 ASN A N    1 
ATOM 1103 C CA   . ASN A 1 71 ? 4.679   10.482  -2.117  1.00 0.33  ? 71 ASN A CA   1 
ATOM 1104 C C    . ASN A 1 71 ? 4.856   10.162  -0.637  1.00 0.32  ? 71 ASN A C    1 
ATOM 1105 O O    . ASN A 1 71 ? 5.965   10.234  -0.105  1.00 0.37  ? 71 ASN A O    1 
ATOM 1106 C CB   . ASN A 1 71 ? 4.395   11.977  -2.294  1.00 0.41  ? 71 ASN A CB   1 
ATOM 1107 C CG   . ASN A 1 71 ? 2.916   12.274  -2.442  1.00 1.27  ? 71 ASN A CG   1 
ATOM 1108 O OD1  . ASN A 1 71 ? 2.413   12.448  -3.553  1.00 2.07  ? 71 ASN A OD1  1 
ATOM 1109 N ND2  . ASN A 1 71 ? 2.209   12.337  -1.319  1.00 1.98  ? 71 ASN A ND2  1 
ATOM 1110 H H    . ASN A 1 71 ? 2.764   10.122  -2.947  1.00 0.30  ? 71 ASN A H    1 
ATOM 1111 H HA   . ASN A 1 71 ? 5.593   10.238  -2.636  1.00 0.34  ? 71 ASN A HA   1 
ATOM 1112 H HB2  . ASN A 1 71 ? 4.765   12.511  -1.433  1.00 0.97  ? 71 ASN A HB2  1 
ATOM 1113 H HB3  . ASN A 1 71 ? 4.905   12.329  -3.179  1.00 1.02  ? 71 ASN A HB3  1 
ATOM 1114 H HD21 . ASN A 1 71 ? 2.674   12.189  -0.470  1.00 2.20  ? 71 ASN A HD21 1 
ATOM 1115 H HD22 . ASN A 1 71 ? 1.250   12.527  -1.387  1.00 2.65  ? 71 ASN A HD22 1 
ATOM 1116 N N    . ARG A 1 72 ? 3.759   9.810   0.025   1.00 0.31  ? 72 ARG A N    1 
ATOM 1117 C CA   . ARG A 1 72 ? 3.795   9.482   1.445   1.00 0.35  ? 72 ARG A CA   1 
ATOM 1118 C C    . ARG A 1 72 ? 4.636   8.235   1.703   1.00 0.32  ? 72 ARG A C    1 
ATOM 1119 O O    . ARG A 1 72 ? 4.991   7.940   2.844   1.00 0.42  ? 72 ARG A O    1 
ATOM 1120 C CB   . ARG A 1 72 ? 2.376   9.273   1.977   1.00 0.38  ? 72 ARG A CB   1 
ATOM 1121 C CG   . ARG A 1 72 ? 1.762   10.526  2.578   1.00 0.48  ? 72 ARG A CG   1 
ATOM 1122 C CD   . ARG A 1 72 ? 2.275   10.777  3.989   1.00 0.79  ? 72 ARG A CD   1 
ATOM 1123 N NE   . ARG A 1 72 ? 3.412   11.694  4.003   1.00 1.54  ? 72 ARG A NE   1 
ATOM 1124 C CZ   . ARG A 1 72 ? 3.756   12.425  5.060   1.00 1.86  ? 72 ARG A CZ   1 
ATOM 1125 N NH1  . ARG A 1 72 ? 3.053   12.349  6.182   1.00 2.01  ? 72 ARG A NH1  1 
ATOM 1126 N NH2  . ARG A 1 72 ? 4.806   13.233  4.994   1.00 2.58  ? 72 ARG A NH2  1 
ATOM 1127 H H    . ARG A 1 72 ? 2.904   9.772   -0.453  1.00 0.30  ? 72 ARG A H    1 
ATOM 1128 H HA   . ARG A 1 72 ? 4.243   10.316  1.966   1.00 0.40  ? 72 ARG A HA   1 
ATOM 1129 H HB2  . ARG A 1 72 ? 1.744   8.944   1.164   1.00 0.53  ? 72 ARG A HB2  1 
ATOM 1130 H HB3  . ARG A 1 72 ? 2.397   8.508   2.738   1.00 0.38  ? 72 ARG A HB3  1 
ATOM 1131 H HG2  . ARG A 1 72 ? 2.014   11.373  1.959   1.00 0.51  ? 72 ARG A HG2  1 
ATOM 1132 H HG3  . ARG A 1 72 ? 0.687   10.410  2.611   1.00 0.66  ? 72 ARG A HG3  1 
ATOM 1133 H HD2  . ARG A 1 72 ? 1.475   11.201  4.578   1.00 0.91  ? 72 ARG A HD2  1 
ATOM 1134 H HD3  . ARG A 1 72 ? 2.579   9.834   4.419   1.00 1.00  ? 72 ARG A HD3  1 
ATOM 1135 H HE   . ARG A 1 72 ? 3.946   11.769  3.185   1.00 2.13  ? 72 ARG A HE   1 
ATOM 1136 H HH11 . ARG A 1 72 ? 2.262   11.741  6.236   1.00 1.93  ? 72 ARG A HH11 1 
ATOM 1137 H HH12 . ARG A 1 72 ? 3.316   12.900  6.975   1.00 2.56  ? 72 ARG A HH12 1 
ATOM 1138 H HH21 . ARG A 1 72 ? 5.338   13.294  4.149   1.00 3.02  ? 72 ARG A HH21 1 
ATOM 1139 H HH22 . ARG A 1 72 ? 5.065   13.781  5.790   1.00 2.88  ? 72 ARG A HH22 1 
ATOM 1140 N N    . VAL A 1 73 ? 4.956   7.507   0.637   1.00 0.24  ? 73 VAL A N    1 
ATOM 1141 C CA   . VAL A 1 73 ? 5.755   6.292   0.754   1.00 0.24  ? 73 VAL A CA   1 
ATOM 1142 C C    . VAL A 1 73 ? 6.978   6.344   -0.156  1.00 0.20  ? 73 VAL A C    1 
ATOM 1143 O O    . VAL A 1 73 ? 7.051   7.165   -1.071  1.00 0.21  ? 73 VAL A O    1 
ATOM 1144 C CB   . VAL A 1 73 ? 4.929   5.039   0.411   1.00 0.28  ? 73 VAL A CB   1 
ATOM 1145 C CG1  . VAL A 1 73 ? 3.812   4.840   1.422   1.00 0.33  ? 73 VAL A CG1  1 
ATOM 1146 C CG2  . VAL A 1 73 ? 4.370   5.134   -1.001  1.00 0.30  ? 73 VAL A CG2  1 
ATOM 1147 H H    . VAL A 1 73 ? 4.646   7.792   -0.248  1.00 0.21  ? 73 VAL A H    1 
ATOM 1148 H HA   . VAL A 1 73 ? 6.086   6.209   1.779   1.00 0.28  ? 73 VAL A HA   1 
ATOM 1149 H HB   . VAL A 1 73 ? 5.582   4.179   0.458   1.00 0.33  ? 73 VAL A HB   1 
ATOM 1150 H HG11 . VAL A 1 73 ? 4.217   4.418   2.330   1.00 1.11  ? 73 VAL A HG11 1 
ATOM 1151 H HG12 . VAL A 1 73 ? 3.354   5.793   1.642   1.00 0.99  ? 73 VAL A HG12 1 
ATOM 1152 H HG13 . VAL A 1 73 ? 3.070   4.171   1.013   1.00 1.08  ? 73 VAL A HG13 1 
ATOM 1153 H HG21 . VAL A 1 73 ? 3.906   6.099   -1.141  1.00 1.07  ? 73 VAL A HG21 1 
ATOM 1154 H HG22 . VAL A 1 73 ? 5.173   5.014   -1.715  1.00 0.98  ? 73 VAL A HG22 1 
ATOM 1155 H HG23 . VAL A 1 73 ? 3.637   4.356   -1.152  1.00 1.05  ? 73 VAL A HG23 1 
ATOM 1156 N N    . HIS A 1 74 ? 7.935   5.460   0.105   1.00 0.21  ? 74 HIS A N    1 
ATOM 1157 C CA   . HIS A 1 74 ? 9.158   5.397   -0.687  1.00 0.21  ? 74 HIS A CA   1 
ATOM 1158 C C    . HIS A 1 74 ? 9.457   3.955   -1.098  1.00 0.21  ? 74 HIS A C    1 
ATOM 1159 O O    . HIS A 1 74 ? 9.345   3.038   -0.285  1.00 0.31  ? 74 HIS A O    1 
ATOM 1160 C CB   . HIS A 1 74 ? 10.329  5.985   0.113   1.00 0.24  ? 74 HIS A CB   1 
ATOM 1161 C CG   . HIS A 1 74 ? 11.664  5.400   -0.236  1.00 1.09  ? 74 HIS A CG   1 
ATOM 1162 N ND1  . HIS A 1 74 ? 12.336  5.696   -1.402  1.00 2.19  ? 74 HIS A ND1  1 
ATOM 1163 C CD2  . HIS A 1 74 ? 12.454  4.532   0.442   1.00 1.60  ? 74 HIS A CD2  1 
ATOM 1164 C CE1  . HIS A 1 74 ? 13.480  5.036   -1.429  1.00 2.90  ? 74 HIS A CE1  1 
ATOM 1165 N NE2  . HIS A 1 74 ? 13.576  4.323   -0.322  1.00 2.50  ? 74 HIS A NE2  1 
ATOM 1166 H H    . HIS A 1 74 ? 7.815   4.832   0.849   1.00 0.26  ? 74 HIS A H    1 
ATOM 1167 H HA   . HIS A 1 74 ? 9.008   5.990   -1.577  1.00 0.23  ? 74 HIS A HA   1 
ATOM 1168 H HB2  . HIS A 1 74 ? 10.378  7.048   -0.066  1.00 0.86  ? 74 HIS A HB2  1 
ATOM 1169 H HB3  . HIS A 1 74 ? 10.156  5.811   1.165   1.00 0.90  ? 74 HIS A HB3  1 
ATOM 1170 H HD1  . HIS A 1 74 ? 12.020  6.299   -2.107  1.00 2.60  ? 74 HIS A HD1  1 
ATOM 1171 H HD2  . HIS A 1 74 ? 12.236  4.087   1.402   1.00 1.84  ? 74 HIS A HD2  1 
ATOM 1172 H HE1  . HIS A 1 74 ? 14.213  5.073   -2.221  1.00 3.84  ? 74 HIS A HE1  1 
ATOM 1173 H HE2  . HIS A 1 74 ? 14.365  3.814   -0.043  1.00 2.99  ? 74 HIS A HE2  1 
ATOM 1174 N N    . PRO A 1 75 ? 9.842   3.733   -2.369  1.00 0.30  ? 75 PRO A N    1 
ATOM 1175 C CA   . PRO A 1 75 ? 10.153  2.393   -2.881  1.00 0.34  ? 75 PRO A CA   1 
ATOM 1176 C C    . PRO A 1 75 ? 11.201  1.676   -2.037  1.00 0.28  ? 75 PRO A C    1 
ATOM 1177 O O    . PRO A 1 75 ? 12.234  2.248   -1.690  1.00 0.40  ? 75 PRO A O    1 
ATOM 1178 C CB   . PRO A 1 75 ? 10.688  2.651   -4.299  1.00 0.49  ? 75 PRO A CB   1 
ATOM 1179 C CG   . PRO A 1 75 ? 10.959  4.116   -4.366  1.00 0.72  ? 75 PRO A CG   1 
ATOM 1180 C CD   . PRO A 1 75 ? 10.002  4.761   -3.407  1.00 0.49  ? 75 PRO A CD   1 
ATOM 1181 H HA   . PRO A 1 75 ? 9.265   1.782   -2.938  1.00 0.38  ? 75 PRO A HA   1 
ATOM 1182 H HB2  . PRO A 1 75 ? 11.591  2.077   -4.452  1.00 0.70  ? 75 PRO A HB2  1 
ATOM 1183 H HB3  . PRO A 1 75 ? 9.943   2.355   -5.023  1.00 0.73  ? 75 PRO A HB3  1 
ATOM 1184 H HG2  . PRO A 1 75 ? 11.978  4.316   -4.067  1.00 1.10  ? 75 PRO A HG2  1 
ATOM 1185 H HG3  . PRO A 1 75 ? 10.784  4.477   -5.369  1.00 1.09  ? 75 PRO A HG3  1 
ATOM 1186 H HD2  . PRO A 1 75 ? 10.428  5.665   -2.996  1.00 0.60  ? 75 PRO A HD2  1 
ATOM 1187 H HD3  . PRO A 1 75 ? 9.060   4.970   -3.893  1.00 0.62  ? 75 PRO A HD3  1 
ATOM 1188 N N    . TYR A 1 76 ? 10.922  0.418   -1.706  1.00 0.27  ? 76 TYR A N    1 
ATOM 1189 C CA   . TYR A 1 76 ? 11.833  -0.385  -0.898  1.00 0.27  ? 76 TYR A CA   1 
ATOM 1190 C C    . TYR A 1 76 ? 13.110  -0.707  -1.668  1.00 0.42  ? 76 TYR A C    1 
ATOM 1191 O O    . TYR A 1 76 ? 14.212  -0.632  -1.121  1.00 0.66  ? 76 TYR A O    1 
ATOM 1192 C CB   . TYR A 1 76 ? 11.142  -1.678  -0.461  1.00 0.39  ? 76 TYR A CB   1 
ATOM 1193 C CG   . TYR A 1 76 ? 12.034  -2.616  0.321   1.00 0.53  ? 76 TYR A CG   1 
ATOM 1194 C CD1  . TYR A 1 76 ? 12.464  -2.288  1.601   1.00 0.61  ? 76 TYR A CD1  1 
ATOM 1195 C CD2  . TYR A 1 76 ? 12.449  -3.827  -0.219  1.00 0.72  ? 76 TYR A CD2  1 
ATOM 1196 C CE1  . TYR A 1 76 ? 13.282  -3.138  2.319   1.00 0.80  ? 76 TYR A CE1  1 
ATOM 1197 C CE2  . TYR A 1 76 ? 13.267  -4.683  0.492   1.00 0.88  ? 76 TYR A CE2  1 
ATOM 1198 C CZ   . TYR A 1 76 ? 13.668  -4.348  1.759   1.00 0.90  ? 76 TYR A CZ   1 
ATOM 1199 O OH   . TYR A 1 76 ? 14.496  -5.183  2.472   1.00 1.11  ? 76 TYR A OH   1 
ATOM 1200 H H    . TYR A 1 76 ? 10.080  0.021   -2.013  1.00 0.38  ? 76 TYR A H    1 
ATOM 1201 H HA   . TYR A 1 76 ? 12.090  0.189   -0.021  1.00 0.32  ? 76 TYR A HA   1 
ATOM 1202 H HB2  . TYR A 1 76 ? 10.295  -1.433  0.163   1.00 0.44  ? 76 TYR A HB2  1 
ATOM 1203 H HB3  . TYR A 1 76 ? 10.794  -2.205  -1.338  1.00 0.51  ? 76 TYR A HB3  1 
ATOM 1204 H HD1  . TYR A 1 76 ? 12.149  -1.351  2.036   1.00 0.62  ? 76 TYR A HD1  1 
ATOM 1205 H HD2  . TYR A 1 76 ? 12.124  -4.096  -1.213  1.00 0.79  ? 76 TYR A HD2  1 
ATOM 1206 H HE1  . TYR A 1 76 ? 13.606  -2.865  3.313   1.00 0.93  ? 76 TYR A HE1  1 
ATOM 1207 H HE2  . TYR A 1 76 ? 13.579  -5.620  0.054   1.00 1.05  ? 76 TYR A HE2  1 
ATOM 1208 H HH   . TYR A 1 76 ? 15.337  -4.753  2.643   1.00 1.47  ? 76 TYR A HH   1 
ATOM 1209 N N    . VAL A 1 77 ? 12.956  -1.066  -2.937  1.00 0.64  ? 77 VAL A N    1 
ATOM 1210 C CA   . VAL A 1 77 ? 14.097  -1.400  -3.782  1.00 0.83  ? 77 VAL A CA   1 
ATOM 1211 C C    . VAL A 1 77 ? 13.799  -1.106  -5.250  1.00 1.47  ? 77 VAL A C    1 
ATOM 1212 O O    . VAL A 1 77 ? 12.680  -1.313  -5.720  1.00 2.27  ? 77 VAL A O    1 
ATOM 1213 C CB   . VAL A 1 77 ? 14.491  -2.884  -3.628  1.00 1.73  ? 77 VAL A CB   1 
ATOM 1214 C CG1  . VAL A 1 77 ? 13.347  -3.793  -4.053  1.00 2.20  ? 77 VAL A CG1  1 
ATOM 1215 C CG2  . VAL A 1 77 ? 15.751  -3.192  -4.425  1.00 2.63  ? 77 VAL A CG2  1 
ATOM 1216 H H    . VAL A 1 77 ? 12.054  -1.108  -3.316  1.00 0.82  ? 77 VAL A H    1 
ATOM 1217 H HA   . VAL A 1 77 ? 14.933  -0.793  -3.466  1.00 1.22  ? 77 VAL A HA   1 
ATOM 1218 H HB   . VAL A 1 77 ? 14.699  -3.072  -2.584  1.00 2.33  ? 77 VAL A HB   1 
ATOM 1219 H HG11 . VAL A 1 77 ? 13.061  -4.422  -3.224  1.00 2.58  ? 77 VAL A HG11 1 
ATOM 1220 H HG12 . VAL A 1 77 ? 12.503  -3.191  -4.357  1.00 2.75  ? 77 VAL A HG12 1 
ATOM 1221 H HG13 . VAL A 1 77 ? 13.664  -4.408  -4.881  1.00 2.40  ? 77 VAL A HG13 1 
ATOM 1222 H HG21 . VAL A 1 77 ? 16.505  -2.452  -4.204  1.00 3.05  ? 77 VAL A HG21 1 
ATOM 1223 H HG22 . VAL A 1 77 ? 16.117  -4.171  -4.155  1.00 3.15  ? 77 VAL A HG22 1 
ATOM 1224 H HG23 . VAL A 1 77 ? 15.524  -3.170  -5.480  1.00 3.04  ? 77 VAL A HG23 1 
ATOM 1225 N N    . HIS A 1 78 ? 14.806  -0.620  -5.967  1.00 1.89  ? 78 HIS A N    1 
ATOM 1226 C CA   . HIS A 1 78 ? 14.652  -0.293  -7.380  1.00 2.91  ? 78 HIS A CA   1 
ATOM 1227 C C    . HIS A 1 78 ? 15.906  -0.667  -8.166  1.00 2.89  ? 78 HIS A C    1 
ATOM 1228 O O    . HIS A 1 78 ? 15.989  -0.296  -9.356  1.00 3.13  ? 78 HIS A O    1 
ATOM 1229 C CB   . HIS A 1 78 ? 14.355  1.199   -7.548  1.00 3.84  ? 78 HIS A CB   1 
ATOM 1230 C CG   . HIS A 1 78 ? 12.897  1.507   -7.694  1.00 4.32  ? 78 HIS A CG   1 
ATOM 1231 N ND1  . HIS A 1 78 ? 11.918  0.534   -7.717  1.00 4.11  ? 78 HIS A ND1  1 
ATOM 1232 C CD2  . HIS A 1 78 ? 12.249  2.690   -7.824  1.00 5.34  ? 78 HIS A CD2  1 
ATOM 1233 C CE1  . HIS A 1 78 ? 10.736  1.105   -7.856  1.00 4.94  ? 78 HIS A CE1  1 
ATOM 1234 N NE2  . HIS A 1 78 ? 10.908  2.412   -7.922  1.00 5.68  ? 78 HIS A NE2  1 
ATOM 1235 O OXT  . HIS A 1 78 ? 16.792  -1.328  -7.586  1.00 3.09  ? 78 HIS A OXT  1 
ATOM 1236 H H    . HIS A 1 78 ? 15.674  -0.474  -5.535  1.00 1.90  ? 78 HIS A H    1 
ATOM 1237 H HA   . HIS A 1 78 ? 13.818  -0.862  -7.762  1.00 3.36  ? 78 HIS A HA   1 
ATOM 1238 H HB2  . HIS A 1 78 ? 14.721  1.731   -6.683  1.00 4.00  ? 78 HIS A HB2  1 
ATOM 1239 H HB3  . HIS A 1 78 ? 14.863  1.562   -8.431  1.00 4.45  ? 78 HIS A HB3  1 
ATOM 1240 H HD1  . HIS A 1 78 ? 12.071  -0.431  -7.644  1.00 3.65  ? 78 HIS A HD1  1 
ATOM 1241 H HD2  . HIS A 1 78 ? 12.705  3.670   -7.846  1.00 5.92  ? 78 HIS A HD2  1 
ATOM 1242 H HE1  . HIS A 1 78 ? 9.787   0.591   -7.905  1.00 5.15  ? 78 HIS A HE1  1 
ATOM 1243 H HE2  . HIS A 1 78 ? 10.206  3.065   -8.121  1.00 6.49  ? 78 HIS A HE2  1 
# 
